data_5ZQK
#
_entry.id   5ZQK
#
_cell.length_a   86.680
_cell.length_b   146.100
_cell.length_c   97.240
_cell.angle_alpha   90.00
_cell.angle_beta   105.45
_cell.angle_gamma   90.00
#
_symmetry.space_group_name_H-M   'P 1 21 1'
#
loop_
_entity.id
_entity.type
_entity.pdbx_description
1 polymer 'Non Structural Protein 5'
2 non-polymer S-ADENOSYLMETHIONINE
3 non-polymer GLYCEROL
4 non-polymer 'ZINC ION'
5 non-polymer 1,2-ETHANEDIOL
6 non-polymer 'MAGNESIUM ION'
7 water water
#
_entity_poly.entity_id   1
_entity_poly.type   'polypeptide(L)'
_entity_poly.pdbx_seq_one_letter_code
;MHHHHHHSSGVDLGTENLYFQSMGTGNTGETLGEKWKNRLNALGKSEFQIYKKSGIQEVDRTLAKEGIKRGETDHHAVSR
GSAKLRWFVERNLVTPEGKVVDLGCGRGGWSYYCGGLKNVKEVKGLTKGGPGHEEPIPMSTYGWNLVRLQSGVDVFFTPP
EKCDTLLCDIGESSPNPTVEAGRTLRVLNLVENWLNNNTQFCIKVLNPYMPSVIEKMEALQRKYGGALVRNPLSRNSTHE
MYWVSNASGNIVSSVNMISRMLINRFTMRHKKATYEPDVDLGSGTRNIGIESETPNLDIIGKRIEKIKQEHETSWHYDQD
HPYKTWAYHGSYETKQTGSASSMVNGVVRLLTKPWDVIPMVTQMAMTDTTPFGQQRVFKEKVDTRTQEPKEGTKKLMKIT
AEWLWKELGKKKTPRMCTREEFTRKVRSNAALGAIFTDENKWKSAREAVEDSGFWELVDKERNLHLEGKCETCVYNMMGK
REKKLGEFGKAKGSRAIWYMWLGARFLEFEALGFLNEDHWFSRENSLSGVEGEGLHKLGYILRDVSKKEGGAMYADDTAG
WDTRITLEDLKNEEMVTNHMEGEHKKLAEAIFKLTYQNKVVRVQRPTPRGTVMDIISRRDQRGSGQVVTYGLNTFTNMEA
QLIRQMEGEGVFKSIQQLTATEEIAVKNWLVRVGRERLSRMAISGDDCVVKPLDDRFASALTALNDMGKVRKDIQQWEPS
RGWNDWTQVPFCSHHFHELIMKDGRVLVVPCRNQDELIGRARISQGAGWSLRETACLGKSYAQMWSLMYFHRRDLRLAAN
AICSAVPSHWVPTSRTTWSIHATHEWMTTEDMLTVWNRVWIQENPWMEDKTPVESWEEIPYLGKREDQWCGSLIGLTSRA
TWAKNIQTAINQVRSLIGNEEYTDYMPSMKRFRREEEEAGVLW
;
_entity_poly.pdbx_strand_id   A,B
#
loop_
_chem_comp.id
_chem_comp.type
_chem_comp.name
_chem_comp.formula
EDO non-polymer 1,2-ETHANEDIOL 'C2 H6 O2'
GOL non-polymer GLYCEROL 'C3 H8 O3'
MG non-polymer 'MAGNESIUM ION' 'Mg 2'
SAM non-polymer S-ADENOSYLMETHIONINE 'C15 H22 N6 O5 S'
ZN non-polymer 'ZINC ION' 'Zn 2'
#
# COMPACT_ATOMS: atom_id res chain seq x y z
N GLY A 29 -26.39 -33.50 -19.68
CA GLY A 29 -27.05 -33.04 -20.90
C GLY A 29 -28.55 -33.24 -20.89
N GLU A 30 -29.22 -32.89 -19.75
CA GLU A 30 -30.66 -33.09 -19.56
C GLU A 30 -31.53 -32.03 -20.25
N THR A 31 -31.24 -30.72 -20.11
CA THR A 31 -32.04 -29.71 -20.80
C THR A 31 -31.62 -29.62 -22.25
N LEU A 32 -32.51 -29.02 -23.10
CA LEU A 32 -32.29 -28.77 -24.52
C LEU A 32 -31.06 -27.85 -24.67
N GLY A 33 -30.94 -26.89 -23.76
CA GLY A 33 -29.81 -25.97 -23.71
C GLY A 33 -28.49 -26.69 -23.51
N GLU A 34 -28.46 -27.69 -22.62
CA GLU A 34 -27.28 -28.51 -22.34
C GLU A 34 -26.90 -29.35 -23.55
N LYS A 35 -27.90 -29.91 -24.26
CA LYS A 35 -27.73 -30.67 -25.52
C LYS A 35 -27.09 -29.77 -26.57
N TRP A 36 -27.47 -28.49 -26.58
CA TRP A 36 -26.93 -27.49 -27.49
C TRP A 36 -25.48 -27.26 -27.16
N LYS A 37 -25.16 -27.12 -25.84
CA LYS A 37 -23.83 -26.87 -25.30
C LYS A 37 -22.87 -27.98 -25.66
N ASN A 38 -23.29 -29.24 -25.50
CA ASN A 38 -22.46 -30.40 -25.85
C ASN A 38 -22.09 -30.35 -27.31
N ARG A 39 -23.10 -30.18 -28.20
CA ARG A 39 -22.96 -30.03 -29.64
C ARG A 39 -22.02 -28.89 -29.99
N LEU A 40 -22.21 -27.71 -29.32
CA LEU A 40 -21.34 -26.54 -29.51
C LEU A 40 -19.86 -26.83 -29.13
N ASN A 41 -19.64 -27.56 -28.01
CA ASN A 41 -18.27 -27.90 -27.58
C ASN A 41 -17.59 -28.92 -28.53
N ALA A 42 -18.39 -29.77 -29.18
CA ALA A 42 -17.88 -30.76 -30.13
C ALA A 42 -17.41 -30.15 -31.49
N LEU A 43 -17.79 -28.88 -31.80
CA LEU A 43 -17.38 -28.22 -33.05
C LEU A 43 -15.88 -27.95 -33.08
N GLY A 44 -15.33 -27.95 -34.29
CA GLY A 44 -13.93 -27.63 -34.57
C GLY A 44 -13.81 -26.13 -34.80
N LYS A 45 -12.57 -25.61 -34.71
CA LYS A 45 -12.24 -24.18 -34.86
C LYS A 45 -12.97 -23.46 -36.01
N SER A 46 -13.01 -24.08 -37.20
CA SER A 46 -13.63 -23.52 -38.41
C SER A 46 -15.16 -23.61 -38.41
N GLU A 47 -15.72 -24.78 -37.99
CA GLU A 47 -17.18 -25.00 -37.91
C GLU A 47 -17.80 -24.05 -36.86
N PHE A 48 -17.08 -23.79 -35.75
CA PHE A 48 -17.48 -22.89 -34.67
C PHE A 48 -17.50 -21.46 -35.18
N GLN A 49 -16.45 -21.05 -35.93
CA GLN A 49 -16.38 -19.69 -36.49
C GLN A 49 -17.45 -19.44 -37.57
N ILE A 50 -17.87 -20.51 -38.25
CA ILE A 50 -18.93 -20.49 -39.25
C ILE A 50 -20.30 -20.42 -38.51
N TYR A 51 -20.55 -21.33 -37.54
CA TYR A 51 -21.80 -21.41 -36.77
C TYR A 51 -22.14 -20.12 -36.03
N LYS A 52 -21.12 -19.49 -35.42
CA LYS A 52 -21.15 -18.26 -34.63
C LYS A 52 -21.96 -17.15 -35.31
N LYS A 53 -21.81 -17.00 -36.64
CA LYS A 53 -22.43 -15.93 -37.44
C LYS A 53 -23.66 -16.33 -38.28
N SER A 54 -23.96 -17.64 -38.44
CA SER A 54 -25.09 -18.18 -39.21
C SER A 54 -26.47 -17.56 -38.91
N GLY A 55 -26.92 -16.72 -39.83
CA GLY A 55 -28.25 -16.12 -39.82
C GLY A 55 -28.50 -15.06 -38.77
N ILE A 56 -27.45 -14.58 -38.12
CA ILE A 56 -27.59 -13.56 -37.07
C ILE A 56 -27.62 -12.17 -37.68
N GLN A 57 -27.97 -11.16 -36.89
CA GLN A 57 -27.91 -9.75 -37.30
C GLN A 57 -26.53 -9.28 -36.86
N GLU A 58 -25.90 -8.43 -37.65
CA GLU A 58 -24.54 -8.01 -37.34
C GLU A 58 -24.32 -6.55 -37.70
N VAL A 59 -23.57 -5.79 -36.88
CA VAL A 59 -23.26 -4.42 -37.26
C VAL A 59 -21.86 -4.38 -37.83
N ASP A 60 -21.67 -3.63 -38.93
CA ASP A 60 -20.33 -3.49 -39.52
C ASP A 60 -19.68 -2.37 -38.72
N ARG A 61 -18.70 -2.76 -37.90
CA ARG A 61 -18.01 -1.91 -36.95
C ARG A 61 -16.79 -1.17 -37.50
N THR A 62 -16.41 -1.43 -38.78
CA THR A 62 -15.26 -0.86 -39.50
C THR A 62 -15.15 0.69 -39.43
N LEU A 63 -16.19 1.46 -39.81
CA LEU A 63 -16.11 2.93 -39.79
C LEU A 63 -15.95 3.53 -38.39
N ALA A 64 -16.62 2.94 -37.38
CA ALA A 64 -16.52 3.37 -35.97
C ALA A 64 -15.11 3.07 -35.44
N LYS A 65 -14.61 1.83 -35.64
CA LYS A 65 -13.27 1.37 -35.23
C LYS A 65 -12.19 2.29 -35.84
N GLU A 66 -12.33 2.63 -37.13
CA GLU A 66 -11.40 3.51 -37.86
C GLU A 66 -11.48 4.96 -37.36
N GLY A 67 -12.71 5.48 -37.25
CA GLY A 67 -12.98 6.83 -36.74
C GLY A 67 -12.43 7.03 -35.34
N ILE A 68 -12.69 6.07 -34.44
CA ILE A 68 -12.19 6.11 -33.05
C ILE A 68 -10.64 6.12 -33.04
N LYS A 69 -10.00 5.27 -33.89
CA LYS A 69 -8.53 5.23 -33.98
C LYS A 69 -7.92 6.58 -34.42
N ARG A 70 -8.64 7.35 -35.28
CA ARG A 70 -8.24 8.67 -35.77
C ARG A 70 -8.41 9.73 -34.68
N GLY A 71 -9.08 9.37 -33.59
CA GLY A 71 -9.37 10.28 -32.49
C GLY A 71 -10.70 11.01 -32.63
N GLU A 72 -11.67 10.40 -33.35
CA GLU A 72 -13.01 10.97 -33.54
C GLU A 72 -13.87 10.55 -32.35
N THR A 73 -14.48 11.55 -31.65
CA THR A 73 -15.24 11.34 -30.42
C THR A 73 -16.76 11.48 -30.63
N ASP A 74 -17.16 12.02 -31.77
CA ASP A 74 -18.54 12.22 -32.17
C ASP A 74 -19.02 11.01 -32.98
N HIS A 75 -20.35 10.80 -32.99
CA HIS A 75 -21.14 9.85 -33.75
C HIS A 75 -20.93 8.37 -33.47
N HIS A 76 -19.70 7.94 -33.27
CA HIS A 76 -19.31 6.54 -33.15
C HIS A 76 -19.67 5.88 -31.84
N ALA A 77 -20.15 4.63 -31.95
CA ALA A 77 -20.44 3.75 -30.83
C ALA A 77 -19.07 3.19 -30.48
N VAL A 78 -18.78 3.00 -29.17
CA VAL A 78 -17.47 2.47 -28.74
C VAL A 78 -17.42 0.95 -28.88
N SER A 79 -18.59 0.29 -29.08
CA SER A 79 -18.69 -1.15 -29.20
C SER A 79 -19.97 -1.53 -29.92
N ARG A 80 -20.16 -2.85 -30.12
CA ARG A 80 -21.34 -3.50 -30.69
C ARG A 80 -22.54 -3.29 -29.77
N GLY A 81 -22.28 -3.07 -28.49
CA GLY A 81 -23.26 -2.93 -27.43
C GLY A 81 -24.29 -1.82 -27.58
N SER A 82 -23.91 -0.70 -28.20
CA SER A 82 -24.88 0.39 -28.42
C SER A 82 -26.03 -0.07 -29.33
N ALA A 83 -25.71 -0.87 -30.38
CA ALA A 83 -26.70 -1.41 -31.31
C ALA A 83 -27.57 -2.47 -30.64
N LYS A 84 -26.92 -3.32 -29.79
CA LYS A 84 -27.57 -4.38 -28.99
C LYS A 84 -28.61 -3.76 -28.07
N LEU A 85 -28.23 -2.69 -27.34
CA LEU A 85 -29.16 -2.01 -26.44
C LEU A 85 -30.27 -1.32 -27.19
N ARG A 86 -29.95 -0.66 -28.33
CA ARG A 86 -30.88 0.05 -29.20
C ARG A 86 -32.00 -0.87 -29.65
N TRP A 87 -31.66 -2.13 -30.04
CA TRP A 87 -32.60 -3.15 -30.46
C TRP A 87 -33.70 -3.31 -29.40
N PHE A 88 -33.34 -3.31 -28.09
CA PHE A 88 -34.29 -3.44 -26.98
C PHE A 88 -35.10 -2.16 -26.73
N VAL A 89 -34.43 -1.00 -26.75
CA VAL A 89 -34.98 0.35 -26.49
C VAL A 89 -36.02 0.74 -27.55
N GLU A 90 -35.70 0.48 -28.84
CA GLU A 90 -36.58 0.75 -29.98
C GLU A 90 -37.87 -0.06 -29.93
N ARG A 91 -37.83 -1.24 -29.27
CA ARG A 91 -39.00 -2.11 -29.15
C ARG A 91 -39.73 -1.90 -27.84
N ASN A 92 -39.29 -0.90 -27.05
CA ASN A 92 -39.82 -0.50 -25.73
C ASN A 92 -39.70 -1.61 -24.69
N LEU A 93 -38.79 -2.56 -24.88
CA LEU A 93 -38.55 -3.68 -23.96
C LEU A 93 -37.89 -3.21 -22.66
N VAL A 94 -37.16 -2.09 -22.73
CA VAL A 94 -36.56 -1.35 -21.65
C VAL A 94 -36.66 0.14 -22.03
N THR A 95 -37.06 1.01 -21.10
CA THR A 95 -37.21 2.44 -21.32
C THR A 95 -36.25 3.21 -20.40
N PRO A 96 -34.96 3.40 -20.76
CA PRO A 96 -34.05 4.12 -19.86
C PRO A 96 -34.54 5.53 -19.54
N GLU A 97 -34.50 5.89 -18.26
CA GLU A 97 -35.00 7.15 -17.72
C GLU A 97 -34.30 7.51 -16.42
N GLY A 98 -34.26 8.83 -16.14
CA GLY A 98 -33.68 9.39 -14.91
C GLY A 98 -32.25 8.97 -14.71
N LYS A 99 -31.92 8.52 -13.47
CA LYS A 99 -30.61 8.02 -13.14
C LYS A 99 -30.47 6.55 -13.59
N VAL A 100 -29.56 6.32 -14.56
CA VAL A 100 -29.21 5.02 -15.15
C VAL A 100 -27.87 4.62 -14.54
N VAL A 101 -27.82 3.41 -13.95
CA VAL A 101 -26.64 2.77 -13.43
C VAL A 101 -26.34 1.59 -14.37
N ASP A 102 -25.15 1.59 -14.99
CA ASP A 102 -24.67 0.60 -15.93
C ASP A 102 -23.56 -0.23 -15.29
N LEU A 103 -23.86 -1.48 -14.88
CA LEU A 103 -22.90 -2.38 -14.19
C LEU A 103 -22.15 -3.21 -15.22
N GLY A 104 -20.83 -3.05 -15.25
CA GLY A 104 -19.95 -3.68 -16.24
C GLY A 104 -20.04 -2.93 -17.56
N CYS A 105 -19.84 -1.60 -17.51
CA CYS A 105 -19.98 -0.69 -18.63
C CYS A 105 -18.93 -0.91 -19.74
N GLY A 106 -17.80 -1.55 -19.42
CA GLY A 106 -16.69 -1.76 -20.36
C GLY A 106 -16.28 -0.43 -20.97
N ARG A 107 -16.25 -0.39 -22.33
CA ARG A 107 -15.89 0.82 -23.10
C ARG A 107 -16.94 1.95 -22.96
N GLY A 108 -18.18 1.59 -22.61
CA GLY A 108 -19.29 2.51 -22.39
C GLY A 108 -20.36 2.53 -23.47
N GLY A 109 -20.46 1.48 -24.27
CA GLY A 109 -21.46 1.35 -25.34
C GLY A 109 -22.91 1.54 -24.92
N TRP A 110 -23.31 0.99 -23.78
CA TRP A 110 -24.68 1.10 -23.26
C TRP A 110 -24.91 2.49 -22.64
N SER A 111 -23.90 2.99 -21.94
CA SER A 111 -23.87 4.25 -21.21
C SER A 111 -24.01 5.44 -22.14
N TYR A 112 -23.19 5.48 -23.19
CA TYR A 112 -23.20 6.52 -24.21
C TYR A 112 -24.47 6.51 -25.00
N TYR A 113 -25.01 5.31 -25.29
CA TYR A 113 -26.31 5.16 -25.95
C TYR A 113 -27.40 5.84 -25.09
N CYS A 114 -27.42 5.52 -23.77
CA CYS A 114 -28.37 6.08 -22.80
C CYS A 114 -28.23 7.60 -22.62
N GLY A 115 -27.00 8.12 -22.75
CA GLY A 115 -26.71 9.53 -22.63
C GLY A 115 -27.52 10.42 -23.55
N GLY A 116 -27.83 9.93 -24.76
CA GLY A 116 -28.60 10.62 -25.76
C GLY A 116 -30.10 10.39 -25.72
N LEU A 117 -30.56 9.58 -24.75
CA LEU A 117 -32.00 9.29 -24.62
C LEU A 117 -32.68 10.39 -23.84
N LYS A 118 -33.73 10.96 -24.42
CA LYS A 118 -34.55 12.08 -23.96
C LYS A 118 -34.88 12.07 -22.47
N ASN A 119 -35.36 10.92 -21.96
CA ASN A 119 -35.79 10.82 -20.58
C ASN A 119 -34.68 10.51 -19.61
N VAL A 120 -33.45 10.27 -20.11
CA VAL A 120 -32.30 9.98 -19.27
C VAL A 120 -31.75 11.32 -18.72
N LYS A 121 -31.45 11.36 -17.42
CA LYS A 121 -30.96 12.57 -16.78
C LYS A 121 -29.50 12.47 -16.36
N GLU A 122 -29.05 11.24 -16.07
CA GLU A 122 -27.72 10.94 -15.55
C GLU A 122 -27.38 9.48 -15.80
N VAL A 123 -26.16 9.21 -16.27
CA VAL A 123 -25.63 7.87 -16.51
C VAL A 123 -24.36 7.67 -15.68
N LYS A 124 -24.36 6.67 -14.80
CA LYS A 124 -23.22 6.28 -13.99
C LYS A 124 -22.81 4.86 -14.44
N GLY A 125 -21.63 4.73 -15.04
CA GLY A 125 -21.11 3.45 -15.50
C GLY A 125 -19.97 2.95 -14.65
N LEU A 126 -20.05 1.70 -14.16
CA LEU A 126 -19.00 1.13 -13.32
C LEU A 126 -18.47 -0.11 -13.96
N THR A 127 -17.14 -0.22 -14.04
CA THR A 127 -16.49 -1.34 -14.70
C THR A 127 -15.15 -1.65 -14.03
N LYS A 128 -14.74 -2.93 -14.03
CA LYS A 128 -13.47 -3.46 -13.53
C LYS A 128 -12.47 -3.03 -14.58
N GLY A 129 -11.35 -2.46 -14.20
CA GLY A 129 -10.45 -2.10 -15.29
C GLY A 129 -9.44 -3.19 -15.56
N GLY A 130 -8.18 -2.77 -15.60
CA GLY A 130 -7.00 -3.62 -15.69
C GLY A 130 -6.91 -4.65 -16.79
N PRO A 131 -5.89 -5.52 -16.67
CA PRO A 131 -5.62 -6.51 -17.73
C PRO A 131 -6.74 -7.50 -18.00
N GLY A 132 -7.00 -7.72 -19.29
CA GLY A 132 -8.05 -8.60 -19.82
C GLY A 132 -9.46 -7.99 -19.86
N HIS A 133 -9.61 -6.78 -19.27
CA HIS A 133 -10.87 -6.07 -19.15
C HIS A 133 -10.82 -4.74 -19.87
N GLU A 134 -11.94 -4.39 -20.56
CA GLU A 134 -12.08 -3.19 -21.35
C GLU A 134 -12.13 -1.94 -20.50
N GLU A 135 -11.45 -0.92 -20.95
CA GLU A 135 -11.37 0.33 -20.22
C GLU A 135 -12.35 1.30 -20.82
N PRO A 136 -13.06 2.13 -20.00
CA PRO A 136 -13.94 3.16 -20.57
C PRO A 136 -13.21 4.08 -21.57
N ILE A 137 -13.91 4.49 -22.64
CA ILE A 137 -13.38 5.37 -23.69
C ILE A 137 -14.07 6.75 -23.62
N PRO A 138 -13.30 7.87 -23.61
CA PRO A 138 -13.95 9.20 -23.62
C PRO A 138 -14.47 9.58 -25.01
N MET A 139 -15.78 9.90 -25.07
CA MET A 139 -16.50 10.25 -26.30
C MET A 139 -17.30 11.51 -26.11
N SER A 140 -17.59 12.21 -27.20
CA SER A 140 -18.36 13.46 -27.21
C SER A 140 -19.66 13.30 -27.98
N THR A 141 -20.19 12.07 -27.95
CA THR A 141 -21.46 11.71 -28.56
C THR A 141 -22.58 12.44 -27.76
N TYR A 142 -23.78 12.54 -28.31
CA TYR A 142 -24.87 13.29 -27.70
C TYR A 142 -25.15 12.96 -26.24
N GLY A 143 -25.01 13.97 -25.40
CA GLY A 143 -25.28 13.90 -23.97
C GLY A 143 -24.17 13.32 -23.12
N TRP A 144 -22.92 13.31 -23.65
CA TRP A 144 -21.71 12.79 -22.99
C TRP A 144 -21.45 13.38 -21.60
N ASN A 145 -21.85 14.67 -21.38
CA ASN A 145 -21.68 15.39 -20.11
C ASN A 145 -22.60 14.83 -19.00
N LEU A 146 -23.61 13.99 -19.37
CA LEU A 146 -24.51 13.36 -18.38
C LEU A 146 -23.98 11.97 -18.02
N VAL A 147 -22.84 11.55 -18.63
CA VAL A 147 -22.24 10.21 -18.50
C VAL A 147 -20.91 10.29 -17.79
N ARG A 148 -20.78 9.53 -16.68
CA ARG A 148 -19.52 9.43 -15.92
C ARG A 148 -19.17 7.97 -15.86
N LEU A 149 -18.06 7.58 -16.52
CA LEU A 149 -17.61 6.19 -16.49
C LEU A 149 -16.49 6.00 -15.47
N GLN A 150 -16.51 4.86 -14.74
CA GLN A 150 -15.53 4.57 -13.69
C GLN A 150 -14.94 3.20 -13.83
N SER A 151 -13.61 3.16 -13.98
CA SER A 151 -12.80 1.94 -14.07
C SER A 151 -12.27 1.58 -12.67
N GLY A 152 -11.81 0.36 -12.48
CA GLY A 152 -11.29 -0.09 -11.19
C GLY A 152 -12.33 -0.36 -10.10
N VAL A 153 -13.55 -0.73 -10.55
CA VAL A 153 -14.70 -1.04 -9.70
C VAL A 153 -15.13 -2.50 -9.91
N ASP A 154 -15.11 -3.28 -8.84
CA ASP A 154 -15.66 -4.64 -8.83
C ASP A 154 -17.08 -4.40 -8.32
N VAL A 155 -18.07 -4.47 -9.21
CA VAL A 155 -19.46 -4.15 -8.89
C VAL A 155 -20.05 -5.08 -7.82
N PHE A 156 -19.48 -6.30 -7.66
CA PHE A 156 -19.91 -7.23 -6.61
C PHE A 156 -19.64 -6.71 -5.21
N PHE A 157 -18.73 -5.73 -5.06
CA PHE A 157 -18.39 -5.16 -3.74
C PHE A 157 -18.78 -3.68 -3.63
N THR A 158 -19.63 -3.20 -4.55
CA THR A 158 -20.12 -1.83 -4.63
C THR A 158 -21.43 -1.68 -3.83
N PRO A 159 -21.54 -0.66 -2.95
CA PRO A 159 -22.81 -0.48 -2.24
C PRO A 159 -23.91 -0.04 -3.21
N PRO A 160 -25.06 -0.76 -3.27
CA PRO A 160 -26.14 -0.30 -4.15
C PRO A 160 -26.57 1.13 -3.82
N GLU A 161 -26.99 1.87 -4.81
CA GLU A 161 -27.43 3.23 -4.63
C GLU A 161 -28.68 3.41 -5.49
N LYS A 162 -29.41 4.50 -5.22
CA LYS A 162 -30.65 4.90 -5.88
C LYS A 162 -30.46 5.00 -7.39
N CYS A 163 -31.40 4.43 -8.17
CA CYS A 163 -31.46 4.50 -9.63
C CYS A 163 -32.86 4.24 -10.15
N ASP A 164 -33.13 4.76 -11.35
CA ASP A 164 -34.41 4.59 -12.01
C ASP A 164 -34.28 3.51 -13.05
N THR A 165 -33.01 3.28 -13.52
CA THR A 165 -32.65 2.30 -14.54
C THR A 165 -31.40 1.58 -14.13
N LEU A 166 -31.47 0.26 -14.15
CA LEU A 166 -30.34 -0.58 -13.85
C LEU A 166 -30.00 -1.45 -15.04
N LEU A 167 -28.82 -1.25 -15.61
CA LEU A 167 -28.35 -2.05 -16.73
C LEU A 167 -27.23 -2.92 -16.24
N CYS A 168 -27.08 -4.12 -16.82
CA CYS A 168 -26.02 -5.05 -16.47
C CYS A 168 -25.76 -5.99 -17.62
N ASP A 169 -24.52 -5.98 -18.12
CA ASP A 169 -24.07 -6.85 -19.22
C ASP A 169 -22.88 -7.77 -18.77
N ILE A 170 -22.89 -8.19 -17.51
CA ILE A 170 -21.85 -9.06 -16.92
C ILE A 170 -22.22 -10.56 -17.09
N GLY A 171 -21.23 -11.33 -17.52
CA GLY A 171 -21.36 -12.77 -17.72
C GLY A 171 -20.33 -13.31 -18.67
N GLU A 172 -19.28 -13.96 -18.14
CA GLU A 172 -18.19 -14.54 -18.94
C GLU A 172 -18.49 -15.97 -19.31
N SER A 173 -18.45 -16.26 -20.61
CA SER A 173 -18.73 -17.57 -21.18
C SER A 173 -17.73 -18.62 -20.75
N SER A 174 -18.14 -19.91 -20.80
CA SER A 174 -17.27 -21.03 -20.44
C SER A 174 -17.78 -22.31 -21.07
N PRO A 175 -16.90 -23.23 -21.52
CA PRO A 175 -17.38 -24.55 -22.04
C PRO A 175 -18.22 -25.34 -21.02
N ASN A 176 -18.06 -25.03 -19.72
CA ASN A 176 -18.76 -25.64 -18.59
C ASN A 176 -20.03 -24.85 -18.23
N PRO A 177 -21.22 -25.42 -18.48
CA PRO A 177 -22.45 -24.68 -18.17
C PRO A 177 -22.73 -24.56 -16.67
N THR A 178 -22.13 -25.46 -15.85
CA THR A 178 -22.27 -25.41 -14.39
C THR A 178 -21.52 -24.18 -13.85
N VAL A 179 -20.35 -23.89 -14.43
CA VAL A 179 -19.53 -22.72 -14.09
C VAL A 179 -20.32 -21.45 -14.46
N GLU A 180 -20.94 -21.45 -15.65
CA GLU A 180 -21.75 -20.39 -16.23
C GLU A 180 -22.98 -20.11 -15.40
N ALA A 181 -23.63 -21.17 -14.85
CA ALA A 181 -24.80 -21.06 -13.98
C ALA A 181 -24.41 -20.31 -12.70
N GLY A 182 -23.23 -20.63 -12.15
CA GLY A 182 -22.65 -20.01 -10.95
C GLY A 182 -22.42 -18.53 -11.15
N ARG A 183 -21.76 -18.20 -12.28
CA ARG A 183 -21.50 -16.84 -12.74
C ARG A 183 -22.81 -16.05 -12.93
N THR A 184 -23.82 -16.65 -13.62
CA THR A 184 -25.15 -16.06 -13.87
C THR A 184 -25.88 -15.76 -12.54
N LEU A 185 -25.98 -16.77 -11.65
CA LEU A 185 -26.60 -16.62 -10.33
C LEU A 185 -25.94 -15.52 -9.47
N ARG A 186 -24.61 -15.38 -9.59
CA ARG A 186 -23.85 -14.33 -8.91
C ARG A 186 -24.30 -12.92 -9.40
N VAL A 187 -24.49 -12.76 -10.72
CA VAL A 187 -25.01 -11.55 -11.37
C VAL A 187 -26.48 -11.31 -10.92
N LEU A 188 -27.30 -12.40 -10.90
CA LEU A 188 -28.72 -12.28 -10.52
C LEU A 188 -28.89 -11.82 -9.10
N ASN A 189 -28.06 -12.34 -8.19
CA ASN A 189 -28.07 -11.95 -6.78
C ASN A 189 -27.59 -10.51 -6.58
N LEU A 190 -26.62 -10.08 -7.39
CA LEU A 190 -26.13 -8.70 -7.45
C LEU A 190 -27.21 -7.68 -7.89
N VAL A 191 -27.88 -7.89 -9.06
CA VAL A 191 -28.87 -6.99 -9.65
C VAL A 191 -30.08 -6.84 -8.75
N GLU A 192 -30.46 -7.91 -8.04
CA GLU A 192 -31.55 -7.94 -7.08
C GLU A 192 -31.42 -6.84 -5.99
N ASN A 193 -30.17 -6.64 -5.46
CA ASN A 193 -29.83 -5.62 -4.45
C ASN A 193 -29.99 -4.18 -4.95
N TRP A 194 -29.90 -3.98 -6.27
CA TRP A 194 -30.07 -2.68 -6.91
C TRP A 194 -31.48 -2.46 -7.44
N LEU A 195 -32.37 -3.48 -7.34
CA LEU A 195 -33.74 -3.34 -7.87
C LEU A 195 -34.78 -3.01 -6.83
N ASN A 196 -35.72 -2.17 -7.23
CA ASN A 196 -36.90 -1.79 -6.46
C ASN A 196 -38.12 -1.91 -7.40
N ASN A 197 -39.31 -1.50 -6.97
CA ASN A 197 -40.57 -1.60 -7.71
C ASN A 197 -40.67 -0.80 -9.01
N ASN A 198 -39.97 0.33 -9.11
CA ASN A 198 -40.06 1.22 -10.26
C ASN A 198 -38.87 1.16 -11.20
N THR A 199 -37.92 0.27 -10.93
CA THR A 199 -36.67 0.18 -11.68
C THR A 199 -36.86 -0.46 -13.06
N GLN A 200 -36.43 0.30 -14.10
CA GLN A 200 -36.36 -0.12 -15.49
C GLN A 200 -35.06 -0.94 -15.56
N PHE A 201 -35.05 -2.04 -16.31
CA PHE A 201 -33.86 -2.86 -16.30
C PHE A 201 -33.70 -3.68 -17.58
N CYS A 202 -32.41 -4.00 -17.87
CA CYS A 202 -31.91 -4.79 -18.99
C CYS A 202 -30.72 -5.47 -18.41
N ILE A 203 -30.86 -6.79 -18.12
CA ILE A 203 -29.86 -7.58 -17.47
C ILE A 203 -29.50 -8.82 -18.30
N LYS A 204 -28.21 -8.97 -18.63
CA LYS A 204 -27.76 -10.16 -19.37
C LYS A 204 -27.87 -11.40 -18.48
N VAL A 205 -28.51 -12.45 -19.01
CA VAL A 205 -28.59 -13.74 -18.32
C VAL A 205 -27.75 -14.67 -19.22
N LEU A 206 -26.46 -14.77 -18.90
CA LEU A 206 -25.45 -15.55 -19.65
C LEU A 206 -25.92 -16.96 -19.97
N ASN A 207 -26.32 -17.72 -18.94
CA ASN A 207 -26.77 -19.08 -19.17
C ASN A 207 -28.18 -19.18 -18.62
N PRO A 208 -29.23 -19.01 -19.46
CA PRO A 208 -30.61 -19.07 -18.95
C PRO A 208 -31.24 -20.46 -18.90
N TYR A 209 -30.58 -21.47 -19.50
CA TYR A 209 -31.11 -22.84 -19.64
C TYR A 209 -30.79 -23.78 -18.48
N MET A 210 -29.84 -23.43 -17.59
CA MET A 210 -29.54 -24.32 -16.45
C MET A 210 -30.65 -24.24 -15.40
N PRO A 211 -31.12 -25.40 -14.87
CA PRO A 211 -32.24 -25.40 -13.90
C PRO A 211 -32.13 -24.46 -12.71
N SER A 212 -30.92 -24.28 -12.13
CA SER A 212 -30.65 -23.35 -11.03
C SER A 212 -30.91 -21.89 -11.45
N VAL A 213 -30.61 -21.56 -12.72
CA VAL A 213 -30.84 -20.23 -13.29
C VAL A 213 -32.34 -20.01 -13.57
N ILE A 214 -33.06 -21.04 -14.08
CA ILE A 214 -34.49 -20.95 -14.35
C ILE A 214 -35.25 -20.61 -13.07
N GLU A 215 -34.91 -21.31 -11.98
CA GLU A 215 -35.46 -21.19 -10.64
C GLU A 215 -35.28 -19.76 -10.07
N LYS A 216 -34.05 -19.23 -10.12
CA LYS A 216 -33.77 -17.85 -9.67
C LYS A 216 -34.52 -16.83 -10.58
N MET A 217 -34.57 -17.09 -11.91
CA MET A 217 -35.28 -16.24 -12.84
C MET A 217 -36.79 -16.20 -12.59
N GLU A 218 -37.38 -17.34 -12.27
CA GLU A 218 -38.80 -17.42 -11.93
C GLU A 218 -39.14 -16.59 -10.71
N ALA A 219 -38.31 -16.68 -9.67
CA ALA A 219 -38.43 -15.94 -8.43
C ALA A 219 -38.37 -14.43 -8.68
N LEU A 220 -37.36 -14.01 -9.44
CA LEU A 220 -37.11 -12.63 -9.86
C LEU A 220 -38.23 -12.03 -10.71
N GLN A 221 -38.75 -12.81 -11.67
CA GLN A 221 -39.85 -12.36 -12.53
C GLN A 221 -41.16 -12.21 -11.77
N ARG A 222 -41.40 -13.06 -10.76
CA ARG A 222 -42.59 -13.07 -9.90
C ARG A 222 -42.66 -11.74 -9.12
N LYS A 223 -41.49 -11.25 -8.65
CA LYS A 223 -41.39 -10.01 -7.86
C LYS A 223 -41.34 -8.77 -8.74
N TYR A 224 -40.47 -8.74 -9.74
CA TYR A 224 -40.18 -7.56 -10.57
C TYR A 224 -40.79 -7.53 -11.96
N GLY A 225 -41.34 -8.65 -12.40
CA GLY A 225 -41.91 -8.70 -13.73
C GLY A 225 -40.80 -8.78 -14.76
N GLY A 226 -41.11 -8.38 -15.98
CA GLY A 226 -40.17 -8.49 -17.10
C GLY A 226 -40.15 -9.91 -17.62
N ALA A 227 -39.36 -10.15 -18.69
CA ALA A 227 -39.18 -11.47 -19.30
C ALA A 227 -37.80 -11.58 -19.90
N LEU A 228 -37.42 -12.80 -20.32
CA LEU A 228 -36.15 -13.07 -21.00
C LEU A 228 -36.36 -12.92 -22.49
N VAL A 229 -35.55 -12.07 -23.12
CA VAL A 229 -35.66 -11.83 -24.56
C VAL A 229 -34.32 -12.09 -25.24
N ARG A 230 -34.34 -12.82 -26.38
CA ARG A 230 -33.13 -13.05 -27.18
C ARG A 230 -32.97 -11.86 -28.12
N ASN A 231 -31.74 -11.34 -28.17
CA ASN A 231 -31.40 -10.25 -29.05
C ASN A 231 -30.90 -10.90 -30.35
N PRO A 232 -31.40 -10.50 -31.55
CA PRO A 232 -30.89 -11.13 -32.80
C PRO A 232 -29.43 -10.76 -33.15
N LEU A 233 -28.84 -9.79 -32.41
CA LEU A 233 -27.44 -9.37 -32.59
C LEU A 233 -26.49 -10.29 -31.84
N SER A 234 -27.01 -11.09 -30.89
CA SER A 234 -26.21 -12.07 -30.14
C SER A 234 -25.71 -13.14 -31.12
N ARG A 235 -24.47 -13.60 -30.94
CA ARG A 235 -23.87 -14.64 -31.77
C ARG A 235 -24.47 -16.00 -31.35
N ASN A 236 -24.44 -17.02 -32.24
CA ASN A 236 -25.02 -18.34 -31.94
C ASN A 236 -24.22 -19.14 -30.93
N SER A 237 -22.95 -18.76 -30.76
CA SER A 237 -21.95 -19.30 -29.84
C SER A 237 -22.29 -19.06 -28.36
N THR A 238 -23.30 -18.21 -28.09
CA THR A 238 -23.84 -17.88 -26.78
C THR A 238 -25.35 -18.11 -26.67
N HIS A 239 -25.83 -18.54 -25.48
CA HIS A 239 -27.27 -18.73 -25.28
C HIS A 239 -27.83 -17.56 -24.42
N GLU A 240 -27.07 -16.45 -24.31
CA GLU A 240 -27.47 -15.29 -23.51
C GLU A 240 -28.85 -14.76 -23.92
N MET A 241 -29.63 -14.47 -22.92
CA MET A 241 -30.95 -13.84 -23.09
C MET A 241 -30.97 -12.68 -22.13
N TYR A 242 -31.72 -11.63 -22.42
CA TYR A 242 -31.74 -10.50 -21.52
C TYR A 242 -33.04 -10.40 -20.75
N TRP A 243 -32.92 -10.10 -19.45
CA TRP A 243 -34.07 -9.88 -18.62
C TRP A 243 -34.41 -8.38 -18.77
N VAL A 244 -35.50 -8.08 -19.50
CA VAL A 244 -35.92 -6.70 -19.81
C VAL A 244 -37.22 -6.36 -19.04
N SER A 245 -37.31 -5.16 -18.46
CA SER A 245 -38.45 -4.83 -17.58
C SER A 245 -39.85 -4.83 -18.24
N ASN A 246 -39.98 -4.40 -19.50
CA ASN A 246 -41.27 -4.21 -20.15
C ASN A 246 -41.76 -5.35 -20.97
N ALA A 247 -41.07 -6.48 -21.00
CA ALA A 247 -41.49 -7.63 -21.75
C ALA A 247 -42.34 -8.52 -20.82
N SER A 248 -43.05 -9.51 -21.41
CA SER A 248 -43.84 -10.49 -20.67
C SER A 248 -43.62 -11.82 -21.36
N GLY A 249 -43.74 -12.93 -20.63
CA GLY A 249 -43.54 -14.25 -21.23
C GLY A 249 -42.97 -15.25 -20.25
N ASN A 250 -43.39 -16.52 -20.45
CA ASN A 250 -43.02 -17.71 -19.71
C ASN A 250 -41.54 -17.93 -19.92
N ILE A 251 -40.75 -18.14 -18.82
CA ILE A 251 -39.30 -18.32 -18.83
C ILE A 251 -38.91 -19.65 -19.51
N VAL A 252 -39.46 -20.76 -19.07
CA VAL A 252 -39.16 -22.10 -19.61
C VAL A 252 -39.45 -22.16 -21.11
N SER A 253 -40.61 -21.70 -21.48
CA SER A 253 -41.02 -21.68 -22.87
C SER A 253 -40.11 -20.79 -23.72
N SER A 254 -39.75 -19.60 -23.24
CA SER A 254 -38.86 -18.68 -23.97
C SER A 254 -37.46 -19.28 -24.20
N VAL A 255 -36.90 -19.86 -23.14
CA VAL A 255 -35.57 -20.49 -23.11
C VAL A 255 -35.53 -21.69 -24.05
N ASN A 256 -36.50 -22.64 -23.94
CA ASN A 256 -36.57 -23.81 -24.82
C ASN A 256 -36.75 -23.45 -26.31
N MET A 257 -37.43 -22.34 -26.59
CA MET A 257 -37.61 -21.82 -27.94
C MET A 257 -36.26 -21.37 -28.54
N ILE A 258 -35.36 -20.78 -27.69
CA ILE A 258 -34.03 -20.31 -28.11
C ILE A 258 -33.08 -21.49 -28.24
N SER A 259 -33.20 -22.51 -27.42
CA SER A 259 -32.35 -23.71 -27.54
C SER A 259 -32.63 -24.41 -28.86
N ARG A 260 -33.91 -24.59 -29.19
CA ARG A 260 -34.44 -25.18 -30.42
C ARG A 260 -33.90 -24.42 -31.62
N MET A 261 -34.09 -23.08 -31.62
CA MET A 261 -33.60 -22.18 -32.66
C MET A 261 -32.08 -22.31 -32.85
N LEU A 262 -31.31 -22.33 -31.72
CA LEU A 262 -29.86 -22.46 -31.70
C LEU A 262 -29.38 -23.85 -32.18
N ILE A 263 -30.09 -24.94 -31.83
CA ILE A 263 -29.82 -26.32 -32.30
C ILE A 263 -30.10 -26.44 -33.82
N ASN A 264 -31.13 -25.72 -34.34
CA ASN A 264 -31.49 -25.75 -35.76
C ASN A 264 -30.44 -25.11 -36.66
N ARG A 265 -29.77 -24.04 -36.16
CA ARG A 265 -28.75 -23.29 -36.90
C ARG A 265 -27.44 -24.10 -37.12
N PHE A 266 -27.33 -25.27 -36.48
CA PHE A 266 -26.18 -26.17 -36.64
C PHE A 266 -26.20 -26.78 -38.05
N THR A 267 -27.34 -27.40 -38.42
CA THR A 267 -27.65 -28.13 -39.67
C THR A 267 -28.25 -27.26 -40.80
N MET A 268 -28.53 -25.97 -40.55
CA MET A 268 -29.06 -25.13 -41.60
C MET A 268 -27.93 -24.65 -42.45
N ARG A 269 -28.11 -24.68 -43.80
CA ARG A 269 -27.10 -24.22 -44.75
C ARG A 269 -26.68 -22.83 -44.35
N HIS A 270 -25.37 -22.65 -44.12
CA HIS A 270 -24.84 -21.37 -43.68
C HIS A 270 -25.45 -20.22 -44.48
N LYS A 271 -26.26 -19.47 -43.75
CA LYS A 271 -26.86 -18.23 -44.18
C LYS A 271 -25.85 -17.21 -43.68
N LYS A 272 -25.50 -16.23 -44.51
CA LYS A 272 -24.57 -15.19 -44.09
C LYS A 272 -25.27 -14.33 -43.02
N ALA A 273 -24.48 -13.72 -42.11
CA ALA A 273 -25.01 -12.82 -41.08
C ALA A 273 -25.63 -11.59 -41.78
N THR A 274 -26.90 -11.26 -41.47
CA THR A 274 -27.61 -10.10 -42.04
C THR A 274 -26.94 -8.83 -41.50
N TYR A 275 -26.45 -7.98 -42.40
CA TYR A 275 -25.75 -6.79 -41.96
C TYR A 275 -26.70 -5.63 -41.71
N GLU A 276 -26.64 -5.13 -40.47
CA GLU A 276 -27.38 -4.03 -39.88
C GLU A 276 -26.50 -2.77 -39.92
N PRO A 277 -27.08 -1.55 -39.99
CA PRO A 277 -26.21 -0.37 -39.94
C PRO A 277 -25.83 -0.06 -38.49
N ASP A 278 -24.59 0.41 -38.26
CA ASP A 278 -24.15 0.78 -36.91
C ASP A 278 -24.89 2.05 -36.49
N VAL A 279 -25.02 2.26 -35.17
CA VAL A 279 -25.75 3.38 -34.60
C VAL A 279 -24.95 4.72 -34.65
N ASP A 280 -25.61 5.82 -35.01
CA ASP A 280 -25.06 7.18 -35.00
C ASP A 280 -25.50 7.80 -33.68
N LEU A 281 -24.55 7.97 -32.75
CA LEU A 281 -24.81 8.49 -31.41
C LEU A 281 -24.74 10.03 -31.30
N GLY A 282 -24.63 10.70 -32.45
CA GLY A 282 -24.63 12.15 -32.57
C GLY A 282 -23.45 12.82 -31.90
N SER A 283 -23.68 14.05 -31.40
CA SER A 283 -22.68 14.85 -30.72
C SER A 283 -23.35 15.93 -29.87
N GLY A 284 -22.57 16.53 -28.97
CA GLY A 284 -23.05 17.63 -28.16
C GLY A 284 -23.46 17.33 -26.74
N THR A 285 -23.56 18.41 -25.98
CA THR A 285 -23.93 18.40 -24.59
C THR A 285 -25.45 18.35 -24.47
N ARG A 286 -25.93 18.15 -23.25
CA ARG A 286 -27.34 18.11 -22.93
C ARG A 286 -27.59 18.87 -21.64
N ASN A 287 -28.72 19.54 -21.54
CA ASN A 287 -29.14 20.29 -20.37
C ASN A 287 -30.27 19.53 -19.76
N ILE A 288 -30.12 19.25 -18.48
CA ILE A 288 -31.07 18.46 -17.72
C ILE A 288 -31.89 19.32 -16.71
N GLY A 289 -31.65 20.63 -16.69
CA GLY A 289 -32.40 21.58 -15.86
C GLY A 289 -31.73 22.10 -14.61
N ILE A 290 -30.53 21.58 -14.24
CA ILE A 290 -29.87 22.07 -13.01
C ILE A 290 -29.18 23.42 -13.31
N GLU A 291 -29.65 24.49 -12.63
CA GLU A 291 -29.11 25.85 -12.72
C GLU A 291 -29.02 26.48 -11.33
N SER A 292 -27.90 26.20 -10.65
CA SER A 292 -27.63 26.62 -9.27
C SER A 292 -26.90 27.97 -9.15
N GLU A 293 -27.10 28.92 -10.09
CA GLU A 293 -26.36 30.18 -9.97
C GLU A 293 -27.16 31.40 -10.34
N THR A 294 -27.28 32.35 -9.39
CA THR A 294 -28.05 33.59 -9.52
C THR A 294 -27.11 34.76 -9.91
N PRO A 295 -27.01 35.10 -11.21
CA PRO A 295 -26.11 36.21 -11.58
C PRO A 295 -26.61 37.58 -11.13
N ASN A 296 -25.71 38.56 -11.04
CA ASN A 296 -26.13 39.92 -10.75
C ASN A 296 -26.10 40.59 -12.12
N LEU A 297 -27.22 40.49 -12.85
CA LEU A 297 -27.34 41.03 -14.20
C LEU A 297 -27.20 42.57 -14.26
N ASP A 298 -27.39 43.31 -13.14
CA ASP A 298 -27.14 44.76 -13.12
C ASP A 298 -25.66 45.06 -13.26
N ILE A 299 -24.79 44.10 -12.85
CA ILE A 299 -23.33 44.24 -12.88
C ILE A 299 -22.72 43.66 -14.15
N ILE A 300 -23.21 42.50 -14.60
CA ILE A 300 -22.68 41.78 -15.77
C ILE A 300 -23.46 42.00 -17.08
N GLY A 301 -24.65 42.63 -17.01
CA GLY A 301 -25.52 42.89 -18.15
C GLY A 301 -24.96 43.62 -19.36
N LYS A 302 -24.15 44.70 -19.13
CA LYS A 302 -23.55 45.54 -20.19
C LYS A 302 -22.52 44.73 -20.96
N ARG A 303 -21.75 43.91 -20.26
CA ARG A 303 -20.73 43.03 -20.83
C ARG A 303 -21.32 41.99 -21.77
N ILE A 304 -22.46 41.35 -21.38
CA ILE A 304 -23.17 40.33 -22.16
C ILE A 304 -23.77 40.95 -23.44
N GLU A 305 -24.48 42.11 -23.29
CA GLU A 305 -25.08 42.81 -24.41
C GLU A 305 -24.06 43.29 -25.45
N LYS A 306 -22.86 43.69 -25.00
CA LYS A 306 -21.80 44.11 -25.92
C LYS A 306 -21.34 42.90 -26.74
N ILE A 307 -21.11 41.74 -26.09
CA ILE A 307 -20.74 40.50 -26.80
C ILE A 307 -21.87 40.11 -27.76
N LYS A 308 -23.14 40.20 -27.29
CA LYS A 308 -24.37 39.87 -28.01
C LYS A 308 -24.56 40.73 -29.25
N GLN A 309 -24.25 42.04 -29.17
CA GLN A 309 -24.38 42.95 -30.31
C GLN A 309 -23.25 42.71 -31.32
N GLU A 310 -22.03 42.38 -30.85
CA GLU A 310 -20.86 42.13 -31.70
C GLU A 310 -20.98 40.83 -32.47
N HIS A 311 -21.85 39.89 -32.03
CA HIS A 311 -21.98 38.58 -32.68
C HIS A 311 -23.43 38.27 -33.02
N GLU A 312 -24.19 39.31 -33.30
CA GLU A 312 -25.62 39.29 -33.67
C GLU A 312 -25.88 38.30 -34.83
N THR A 313 -24.92 38.15 -35.74
CA THR A 313 -24.99 37.26 -36.92
C THR A 313 -25.05 35.77 -36.52
N SER A 314 -24.41 35.35 -35.40
CA SER A 314 -24.44 33.93 -34.99
C SER A 314 -24.95 33.67 -33.59
N TRP A 315 -25.35 34.72 -32.83
CA TRP A 315 -25.85 34.61 -31.45
C TRP A 315 -27.08 33.78 -31.33
N HIS A 316 -27.10 32.88 -30.33
CA HIS A 316 -28.23 32.02 -30.03
C HIS A 316 -28.18 31.55 -28.59
N TYR A 317 -29.34 31.12 -28.07
CA TYR A 317 -29.43 30.48 -26.78
C TYR A 317 -29.48 28.94 -27.04
N ASP A 318 -28.47 28.22 -26.58
CA ASP A 318 -28.31 26.78 -26.71
C ASP A 318 -28.95 26.13 -25.51
N GLN A 319 -30.10 25.53 -25.72
CA GLN A 319 -30.88 24.85 -24.68
C GLN A 319 -30.25 23.56 -24.22
N ASP A 320 -29.22 23.09 -24.92
CA ASP A 320 -28.50 21.91 -24.49
C ASP A 320 -27.11 22.24 -23.88
N HIS A 321 -26.90 23.50 -23.44
CA HIS A 321 -25.67 23.93 -22.79
C HIS A 321 -25.43 23.06 -21.51
N PRO A 322 -24.17 22.76 -21.09
CA PRO A 322 -23.97 21.83 -19.97
C PRO A 322 -23.81 22.43 -18.56
N TYR A 323 -23.83 23.77 -18.45
CA TYR A 323 -23.52 24.51 -17.23
C TYR A 323 -24.55 24.33 -16.14
N LYS A 324 -24.06 23.95 -14.94
CA LYS A 324 -24.86 23.68 -13.75
C LYS A 324 -24.70 24.79 -12.74
N THR A 325 -23.46 25.14 -12.40
CA THR A 325 -23.13 26.10 -11.34
C THR A 325 -22.64 27.46 -11.89
N TRP A 326 -22.58 27.58 -13.19
CA TRP A 326 -22.21 28.79 -13.91
C TRP A 326 -23.47 29.20 -14.66
N ALA A 327 -23.83 30.50 -14.60
CA ALA A 327 -24.97 31.05 -15.32
C ALA A 327 -24.58 31.13 -16.79
N TYR A 328 -25.47 30.68 -17.67
CA TYR A 328 -25.27 30.69 -19.12
C TYR A 328 -26.05 31.83 -19.76
N HIS A 329 -25.40 32.57 -20.67
CA HIS A 329 -26.03 33.74 -21.28
C HIS A 329 -26.27 33.65 -22.80
N GLY A 330 -25.76 32.63 -23.45
CA GLY A 330 -25.90 32.48 -24.91
C GLY A 330 -24.58 32.07 -25.54
N SER A 331 -24.59 31.83 -26.85
CA SER A 331 -23.39 31.38 -27.59
C SER A 331 -23.36 32.01 -28.95
N TYR A 332 -22.23 31.91 -29.62
CA TYR A 332 -22.01 32.38 -30.98
C TYR A 332 -20.97 31.48 -31.63
N GLU A 333 -20.95 31.37 -32.94
CA GLU A 333 -20.01 30.56 -33.72
C GLU A 333 -18.60 31.07 -33.57
N THR A 334 -17.67 30.14 -33.42
CA THR A 334 -16.26 30.45 -33.24
C THR A 334 -15.46 29.39 -33.96
N LYS A 335 -14.22 29.74 -34.31
CA LYS A 335 -13.30 28.84 -34.98
C LYS A 335 -12.50 28.11 -33.90
N GLN A 336 -12.53 26.77 -33.92
CA GLN A 336 -11.86 25.88 -32.96
C GLN A 336 -10.39 26.28 -32.67
N THR A 337 -10.01 26.17 -31.40
CA THR A 337 -8.69 26.47 -30.89
C THR A 337 -8.18 25.26 -30.04
N GLY A 338 -6.87 25.15 -29.91
CA GLY A 338 -6.22 24.10 -29.13
C GLY A 338 -5.93 22.83 -29.89
N SER A 339 -5.09 21.98 -29.31
CA SER A 339 -4.68 20.70 -29.88
C SER A 339 -4.72 19.56 -28.88
N ALA A 340 -4.95 18.36 -29.40
CA ALA A 340 -4.98 17.12 -28.65
C ALA A 340 -3.68 16.33 -28.91
N SER A 341 -2.92 16.73 -29.96
CA SER A 341 -1.69 16.09 -30.43
C SER A 341 -0.50 16.27 -29.49
N SER A 342 0.53 15.43 -29.66
CA SER A 342 1.75 15.42 -28.85
C SER A 342 2.88 14.80 -29.66
N MET A 343 3.99 15.53 -29.80
CA MET A 343 5.17 15.06 -30.53
C MET A 343 6.35 14.78 -29.62
N VAL A 344 7.16 13.78 -29.98
CA VAL A 344 8.37 13.35 -29.27
C VAL A 344 9.56 14.23 -29.72
N ASN A 345 10.37 14.75 -28.78
CA ASN A 345 11.55 15.53 -29.13
C ASN A 345 12.61 14.47 -29.42
N GLY A 346 12.89 14.28 -30.72
CA GLY A 346 13.80 13.27 -31.26
C GLY A 346 15.24 13.41 -30.83
N VAL A 347 15.73 14.66 -30.71
CA VAL A 347 17.08 15.00 -30.27
C VAL A 347 17.33 14.41 -28.85
N VAL A 348 16.35 14.59 -27.92
CA VAL A 348 16.39 14.09 -26.55
C VAL A 348 16.18 12.58 -26.49
N ARG A 349 15.23 12.03 -27.28
CA ARG A 349 14.95 10.58 -27.31
C ARG A 349 16.18 9.79 -27.77
N LEU A 350 16.89 10.30 -28.80
CA LEU A 350 18.09 9.64 -29.35
C LEU A 350 19.26 9.62 -28.38
N LEU A 351 19.33 10.62 -27.52
CA LEU A 351 20.39 10.78 -26.54
C LEU A 351 20.04 10.25 -25.11
N THR A 352 18.86 9.63 -24.91
CA THR A 352 18.38 9.04 -23.63
C THR A 352 17.66 7.72 -23.91
N LYS A 353 18.33 6.81 -24.64
CA LYS A 353 17.83 5.51 -25.09
C LYS A 353 17.49 4.52 -23.93
N PRO A 354 18.25 4.37 -22.80
CA PRO A 354 17.81 3.44 -21.72
C PRO A 354 16.41 3.72 -21.12
N TRP A 355 15.91 4.95 -21.33
CA TRP A 355 14.61 5.42 -20.84
C TRP A 355 13.44 5.13 -21.80
N ASP A 356 13.72 4.49 -22.96
CA ASP A 356 12.70 4.12 -23.94
C ASP A 356 11.80 2.98 -23.41
N VAL A 357 12.27 2.25 -22.39
CA VAL A 357 11.58 1.10 -21.77
C VAL A 357 10.91 1.44 -20.40
N ILE A 358 11.00 2.71 -19.95
CA ILE A 358 10.46 3.18 -18.68
C ILE A 358 9.09 3.87 -18.91
N PRO A 359 7.96 3.26 -18.47
CA PRO A 359 6.64 3.86 -18.74
C PRO A 359 6.41 5.26 -18.19
N MET A 360 6.95 5.56 -17.00
CA MET A 360 6.83 6.86 -16.34
C MET A 360 7.49 7.99 -17.15
N VAL A 361 8.35 7.63 -18.13
CA VAL A 361 8.99 8.53 -19.09
C VAL A 361 8.13 8.58 -20.40
N THR A 362 7.91 7.40 -21.04
CA THR A 362 7.22 7.25 -22.32
C THR A 362 5.70 7.58 -22.31
N GLN A 363 4.99 7.32 -21.19
CA GLN A 363 3.54 7.62 -21.10
C GLN A 363 3.24 9.10 -20.82
N MET A 364 4.29 9.93 -20.80
CA MET A 364 4.17 11.36 -20.64
C MET A 364 3.57 11.88 -21.95
N ALA A 365 2.36 12.43 -21.84
CA ALA A 365 1.61 13.00 -22.95
C ALA A 365 1.39 14.51 -22.76
N MET A 366 0.88 15.18 -23.78
CA MET A 366 0.54 16.59 -23.73
C MET A 366 -0.96 16.68 -23.47
N THR A 367 -1.42 17.73 -22.76
CA THR A 367 -2.83 17.90 -22.43
C THR A 367 -3.65 18.27 -23.65
N ASP A 368 -4.95 17.88 -23.65
CA ASP A 368 -5.89 18.13 -24.74
C ASP A 368 -6.54 19.50 -24.53
N THR A 369 -6.12 20.49 -25.34
CA THR A 369 -6.59 21.87 -25.24
C THR A 369 -7.76 22.17 -26.22
N THR A 370 -8.28 21.16 -26.92
CA THR A 370 -9.40 21.34 -27.86
C THR A 370 -10.70 21.68 -27.09
N PRO A 371 -11.80 22.19 -27.74
CA PRO A 371 -13.05 22.44 -26.98
C PRO A 371 -13.58 21.25 -26.20
N PHE A 372 -13.41 20.01 -26.67
CA PHE A 372 -13.85 18.80 -25.93
C PHE A 372 -12.93 18.51 -24.74
N GLY A 373 -11.61 18.60 -24.96
CA GLY A 373 -10.59 18.46 -23.93
C GLY A 373 -10.79 19.44 -22.79
N GLN A 374 -11.13 20.70 -23.12
CA GLN A 374 -11.41 21.74 -22.14
C GLN A 374 -12.71 21.45 -21.37
N GLN A 375 -13.83 21.19 -22.11
CA GLN A 375 -15.18 20.90 -21.59
C GLN A 375 -15.21 19.72 -20.62
N ARG A 376 -14.40 18.69 -20.87
CA ARG A 376 -14.24 17.56 -19.97
C ARG A 376 -13.64 18.02 -18.64
N VAL A 377 -12.66 18.94 -18.66
CA VAL A 377 -12.02 19.46 -17.44
C VAL A 377 -12.96 20.37 -16.68
N PHE A 378 -13.70 21.23 -17.42
CA PHE A 378 -14.71 22.13 -16.88
C PHE A 378 -15.74 21.32 -16.08
N LYS A 379 -16.34 20.29 -16.68
CA LYS A 379 -17.35 19.43 -16.07
C LYS A 379 -16.89 18.89 -14.70
N GLU A 380 -15.68 18.35 -14.69
CA GLU A 380 -15.07 17.69 -13.57
C GLU A 380 -14.54 18.63 -12.48
N LYS A 381 -13.85 19.72 -12.87
CA LYS A 381 -13.19 20.62 -11.92
C LYS A 381 -13.82 22.00 -11.73
N VAL A 382 -14.27 22.65 -12.82
CA VAL A 382 -14.72 24.04 -12.76
C VAL A 382 -16.22 24.18 -12.47
N ASP A 383 -17.05 23.24 -12.94
CA ASP A 383 -18.50 23.29 -12.71
C ASP A 383 -18.87 22.63 -11.38
N THR A 384 -18.38 23.24 -10.30
CA THR A 384 -18.54 22.79 -8.91
C THR A 384 -18.93 23.96 -8.03
N ARG A 385 -19.62 23.68 -6.93
CA ARG A 385 -20.02 24.69 -5.95
C ARG A 385 -19.30 24.40 -4.64
N THR A 386 -18.85 25.47 -3.94
CA THR A 386 -18.20 25.37 -2.61
C THR A 386 -19.24 25.81 -1.59
N GLN A 387 -19.49 24.99 -0.56
CA GLN A 387 -20.46 25.28 0.50
C GLN A 387 -20.07 26.55 1.27
N GLU A 388 -21.08 27.36 1.67
CA GLU A 388 -20.87 28.61 2.40
C GLU A 388 -20.19 28.34 3.76
N PRO A 389 -19.06 29.03 4.09
CA PRO A 389 -18.41 28.80 5.40
C PRO A 389 -19.31 29.21 6.56
N LYS A 390 -19.15 28.55 7.72
CA LYS A 390 -19.93 28.80 8.93
C LYS A 390 -19.63 30.20 9.50
N GLU A 391 -20.43 30.64 10.48
CA GLU A 391 -20.31 31.99 11.06
C GLU A 391 -18.97 32.25 11.76
N GLY A 392 -18.46 31.26 12.50
CA GLY A 392 -17.17 31.37 13.18
C GLY A 392 -16.02 31.43 12.21
N THR A 393 -16.06 30.57 11.15
CA THR A 393 -15.06 30.52 10.07
C THR A 393 -14.95 31.88 9.39
N LYS A 394 -16.11 32.52 9.12
CA LYS A 394 -16.23 33.84 8.50
C LYS A 394 -15.54 34.91 9.36
N LYS A 395 -15.77 34.85 10.69
CA LYS A 395 -15.18 35.75 11.70
C LYS A 395 -13.66 35.54 11.73
N LEU A 396 -13.21 34.27 11.79
CA LEU A 396 -11.81 33.91 11.78
C LEU A 396 -11.07 34.51 10.58
N MET A 397 -11.64 34.31 9.36
CA MET A 397 -11.10 34.81 8.09
C MET A 397 -11.04 36.32 8.02
N LYS A 398 -12.14 37.02 8.40
CA LYS A 398 -12.21 38.49 8.39
C LYS A 398 -11.17 39.13 9.32
N ILE A 399 -11.06 38.65 10.59
CA ILE A 399 -10.07 39.10 11.58
C ILE A 399 -8.63 38.87 11.06
N THR A 400 -8.32 37.66 10.55
CA THR A 400 -6.98 37.32 10.06
C THR A 400 -6.58 38.18 8.85
N ALA A 401 -7.47 38.35 7.85
CA ALA A 401 -7.21 39.18 6.67
C ALA A 401 -7.02 40.66 7.03
N GLU A 402 -7.82 41.19 7.97
CA GLU A 402 -7.70 42.58 8.47
C GLU A 402 -6.28 42.79 9.02
N TRP A 403 -5.84 41.84 9.88
CA TRP A 403 -4.54 41.82 10.52
C TRP A 403 -3.43 41.72 9.47
N LEU A 404 -3.55 40.73 8.55
CA LEU A 404 -2.58 40.43 7.50
C LEU A 404 -2.42 41.59 6.49
N TRP A 405 -3.50 42.31 6.11
CA TRP A 405 -3.33 43.48 5.21
C TRP A 405 -2.56 44.58 5.90
N LYS A 406 -2.82 44.80 7.22
CA LYS A 406 -2.12 45.78 8.07
C LYS A 406 -0.65 45.43 8.24
N GLU A 407 -0.33 44.13 8.30
CA GLU A 407 1.06 43.64 8.43
C GLU A 407 1.87 43.96 7.20
N LEU A 408 1.36 43.55 6.02
CA LEU A 408 1.98 43.72 4.71
C LEU A 408 2.09 45.19 4.34
N GLY A 409 1.21 46.00 4.94
CA GLY A 409 1.13 47.43 4.73
C GLY A 409 1.96 48.29 5.65
N LYS A 410 2.69 47.68 6.61
CA LYS A 410 3.54 48.39 7.58
C LYS A 410 4.69 49.14 6.89
N LYS A 411 5.55 48.44 6.12
CA LYS A 411 6.71 49.00 5.40
C LYS A 411 6.38 49.34 3.94
N LYS A 412 5.12 49.12 3.52
CA LYS A 412 4.64 49.35 2.15
C LYS A 412 3.37 50.17 2.07
N THR A 413 3.26 51.02 1.03
CA THR A 413 2.10 51.87 0.81
C THR A 413 1.46 51.61 -0.58
N PRO A 414 0.13 51.31 -0.62
CA PRO A 414 -0.54 51.08 -1.92
C PRO A 414 -0.50 52.30 -2.85
N ARG A 415 -0.11 52.10 -4.09
CA ARG A 415 -0.06 53.17 -5.09
C ARG A 415 -0.61 52.73 -6.46
N MET A 416 -0.84 53.69 -7.35
CA MET A 416 -1.28 53.46 -8.70
C MET A 416 -0.08 53.26 -9.61
N CYS A 417 -0.14 52.25 -10.47
CA CYS A 417 0.92 52.02 -11.44
C CYS A 417 0.54 52.79 -12.70
N THR A 418 1.51 53.10 -13.54
CA THR A 418 1.25 54.02 -14.64
C THR A 418 1.22 53.35 -16.03
N ARG A 419 0.68 54.13 -17.04
CA ARG A 419 0.62 53.77 -18.47
C ARG A 419 2.03 53.61 -18.98
N GLU A 420 2.95 54.50 -18.55
CA GLU A 420 4.39 54.44 -18.91
C GLU A 420 5.06 53.21 -18.30
N GLU A 421 4.67 52.83 -17.06
CA GLU A 421 5.15 51.62 -16.39
C GLU A 421 4.68 50.39 -17.20
N PHE A 422 3.38 50.35 -17.54
CA PHE A 422 2.74 49.31 -18.34
C PHE A 422 3.35 49.20 -19.76
N THR A 423 3.62 50.35 -20.42
CA THR A 423 4.23 50.47 -21.75
C THR A 423 5.65 49.91 -21.72
N ARG A 424 6.43 50.29 -20.68
CA ARG A 424 7.78 49.81 -20.41
C ARG A 424 7.73 48.27 -20.31
N LYS A 425 6.76 47.74 -19.53
CA LYS A 425 6.53 46.30 -19.35
C LYS A 425 6.29 45.53 -20.66
N VAL A 426 5.38 46.02 -21.53
CA VAL A 426 5.09 45.33 -22.80
C VAL A 426 6.28 45.43 -23.82
N ARG A 427 6.98 46.60 -23.86
CA ARG A 427 8.15 46.86 -24.73
C ARG A 427 9.28 45.87 -24.43
N SER A 428 9.63 45.74 -23.14
CA SER A 428 10.67 44.87 -22.60
C SER A 428 10.34 43.36 -22.62
N ASN A 429 9.17 42.96 -23.20
CA ASN A 429 8.67 41.57 -23.28
C ASN A 429 8.71 40.88 -21.90
N ALA A 430 8.44 41.68 -20.85
CA ALA A 430 8.45 41.29 -19.44
C ALA A 430 7.30 40.32 -19.09
N ALA A 431 7.08 40.11 -17.78
CA ALA A 431 6.04 39.21 -17.28
C ALA A 431 4.67 39.87 -17.11
N LEU A 432 3.82 39.71 -18.13
CA LEU A 432 2.41 40.10 -18.11
C LEU A 432 1.65 38.78 -18.11
N GLY A 433 0.39 38.78 -17.70
CA GLY A 433 -0.41 37.56 -17.69
C GLY A 433 -0.82 37.11 -19.10
N ALA A 434 -1.83 36.25 -19.20
CA ALA A 434 -2.32 35.81 -20.50
C ALA A 434 -3.21 36.95 -21.03
N ILE A 435 -2.85 37.53 -22.20
CA ILE A 435 -3.54 38.70 -22.77
C ILE A 435 -3.92 38.56 -24.25
N PHE A 436 -5.09 39.15 -24.63
CA PHE A 436 -5.57 39.25 -26.02
C PHE A 436 -5.57 40.72 -26.44
N THR A 437 -5.01 40.98 -27.64
CA THR A 437 -4.66 42.29 -28.19
C THR A 437 -5.58 42.92 -29.25
N ASP A 438 -6.73 42.27 -29.61
CA ASP A 438 -7.70 42.67 -30.64
C ASP A 438 -7.06 42.53 -32.03
N GLU A 439 -6.84 41.27 -32.47
CA GLU A 439 -6.19 40.80 -33.71
C GLU A 439 -6.48 41.62 -34.99
N ASN A 440 -7.64 42.31 -35.07
CA ASN A 440 -7.99 43.16 -36.22
C ASN A 440 -7.24 44.50 -36.13
N LYS A 441 -7.46 45.24 -35.02
CA LYS A 441 -6.89 46.56 -34.75
C LYS A 441 -5.37 46.50 -34.50
N TRP A 442 -4.91 45.53 -33.66
CA TRP A 442 -3.49 45.35 -33.30
C TRP A 442 -3.10 43.87 -33.27
N LYS A 443 -1.92 43.53 -33.82
CA LYS A 443 -1.42 42.15 -33.86
C LYS A 443 -0.59 41.77 -32.62
N SER A 444 -0.11 42.78 -31.87
CA SER A 444 0.67 42.56 -30.66
C SER A 444 0.34 43.61 -29.60
N ALA A 445 0.76 43.37 -28.34
CA ALA A 445 0.56 44.30 -27.23
C ALA A 445 1.44 45.53 -27.46
N ARG A 446 2.65 45.33 -28.03
CA ARG A 446 3.63 46.37 -28.41
C ARG A 446 3.02 47.33 -29.45
N GLU A 447 2.36 46.76 -30.49
CA GLU A 447 1.69 47.50 -31.55
C GLU A 447 0.55 48.34 -30.97
N ALA A 448 -0.23 47.75 -30.03
CA ALA A 448 -1.37 48.35 -29.34
C ALA A 448 -0.99 49.53 -28.44
N VAL A 449 -0.09 49.27 -27.45
CA VAL A 449 0.42 50.20 -26.45
C VAL A 449 1.03 51.48 -27.06
N GLU A 450 1.63 51.36 -28.27
CA GLU A 450 2.23 52.45 -29.05
C GLU A 450 1.18 53.27 -29.89
N ASP A 451 -0.13 52.91 -29.82
CA ASP A 451 -1.25 53.57 -30.51
C ASP A 451 -2.19 54.30 -29.54
N SER A 452 -2.49 55.59 -29.78
CA SER A 452 -3.37 56.43 -28.95
C SER A 452 -4.85 55.97 -28.94
N GLY A 453 -5.22 55.19 -29.96
CA GLY A 453 -6.54 54.59 -30.13
C GLY A 453 -6.81 53.57 -29.06
N PHE A 454 -5.77 52.77 -28.69
CA PHE A 454 -5.86 51.76 -27.63
C PHE A 454 -6.12 52.42 -26.27
N TRP A 455 -5.46 53.55 -25.99
CA TRP A 455 -5.61 54.26 -24.73
C TRP A 455 -6.94 54.98 -24.61
N GLU A 456 -7.59 55.30 -25.74
CA GLU A 456 -8.91 55.94 -25.79
C GLU A 456 -9.97 54.91 -25.37
N LEU A 457 -9.75 53.63 -25.75
CA LEU A 457 -10.60 52.49 -25.39
C LEU A 457 -10.50 52.24 -23.88
N VAL A 458 -9.24 52.31 -23.36
CA VAL A 458 -8.87 52.16 -21.95
C VAL A 458 -9.61 53.23 -21.12
N ASP A 459 -9.57 54.52 -21.57
CA ASP A 459 -10.23 55.67 -20.92
C ASP A 459 -11.73 55.54 -20.83
N LYS A 460 -12.37 55.01 -21.88
CA LYS A 460 -13.82 54.79 -21.91
C LYS A 460 -14.18 53.78 -20.82
N GLU A 461 -13.42 52.67 -20.72
CA GLU A 461 -13.65 51.66 -19.69
C GLU A 461 -13.31 52.20 -18.29
N ARG A 462 -12.19 52.96 -18.19
CA ARG A 462 -11.74 53.61 -16.96
C ARG A 462 -12.82 54.51 -16.37
N ASN A 463 -13.44 55.35 -17.22
CA ASN A 463 -14.52 56.27 -16.83
C ASN A 463 -15.79 55.56 -16.40
N LEU A 464 -16.06 54.38 -17.01
CA LEU A 464 -17.20 53.54 -16.64
C LEU A 464 -16.93 52.92 -15.27
N HIS A 465 -15.67 52.43 -15.05
CA HIS A 465 -15.20 51.88 -13.76
C HIS A 465 -15.35 52.91 -12.64
N LEU A 466 -15.04 54.20 -12.92
CA LEU A 466 -15.15 55.31 -11.96
C LEU A 466 -16.61 55.61 -11.54
N GLU A 467 -17.60 55.13 -12.31
CA GLU A 467 -19.03 55.27 -12.01
C GLU A 467 -19.74 53.90 -11.73
N GLY A 468 -18.96 52.90 -11.31
CA GLY A 468 -19.44 51.56 -10.98
C GLY A 468 -20.01 50.74 -12.12
N LYS A 469 -19.46 50.95 -13.31
CA LYS A 469 -19.90 50.26 -14.52
C LYS A 469 -18.76 49.52 -15.19
N CYS A 470 -19.07 48.40 -15.82
CA CYS A 470 -18.12 47.57 -16.55
C CYS A 470 -18.73 47.11 -17.86
N GLU A 471 -17.98 47.29 -18.94
CA GLU A 471 -18.46 46.95 -20.28
C GLU A 471 -17.53 46.01 -21.11
N THR A 472 -16.20 45.98 -20.81
CA THR A 472 -15.23 45.20 -21.60
C THR A 472 -14.45 44.10 -20.88
N CYS A 473 -14.51 44.04 -19.55
CA CYS A 473 -13.67 43.16 -18.75
C CYS A 473 -14.26 41.74 -18.57
N VAL A 474 -14.05 40.95 -19.64
CA VAL A 474 -14.52 39.58 -19.88
C VAL A 474 -13.28 38.68 -20.06
N TYR A 475 -13.24 37.52 -19.40
CA TYR A 475 -12.10 36.59 -19.56
C TYR A 475 -12.32 35.62 -20.67
N ASN A 476 -11.25 35.26 -21.38
CA ASN A 476 -11.28 34.25 -22.42
C ASN A 476 -10.60 33.01 -21.90
N MET A 477 -11.38 31.99 -21.52
CA MET A 477 -10.83 30.71 -21.05
C MET A 477 -10.25 29.95 -22.19
N MET A 478 -9.01 29.54 -22.06
CA MET A 478 -8.32 28.74 -23.07
C MET A 478 -7.58 27.61 -22.35
N GLY A 479 -7.55 26.45 -22.98
CA GLY A 479 -6.88 25.29 -22.38
C GLY A 479 -5.38 25.50 -22.22
N LYS A 480 -4.83 25.03 -21.09
CA LYS A 480 -3.40 25.10 -20.77
C LYS A 480 -2.73 23.85 -21.28
N ARG A 481 -1.71 24.07 -22.10
CA ARG A 481 -0.95 23.01 -22.73
C ARG A 481 0.20 22.64 -21.78
N GLU A 482 0.02 21.49 -21.10
CA GLU A 482 0.93 20.96 -20.08
C GLU A 482 1.33 19.53 -20.39
N LYS A 483 2.44 19.10 -19.81
CA LYS A 483 2.90 17.74 -19.97
C LYS A 483 2.45 16.99 -18.72
N LYS A 484 1.71 15.89 -18.91
CA LYS A 484 1.23 15.07 -17.80
C LYS A 484 1.33 13.59 -18.16
N LEU A 485 1.34 12.70 -17.16
CA LEU A 485 1.45 11.25 -17.32
C LEU A 485 0.26 10.55 -18.04
N GLY A 486 -0.64 11.34 -18.66
CA GLY A 486 -1.80 10.87 -19.41
C GLY A 486 -1.47 9.93 -20.54
N ALA A 491 -4.46 10.62 -23.44
CA ALA A 491 -3.95 11.89 -22.91
C ALA A 491 -5.00 12.64 -22.06
N LYS A 492 -4.53 13.28 -20.98
CA LYS A 492 -5.38 14.04 -20.06
C LYS A 492 -5.94 15.33 -20.69
N GLY A 493 -7.07 15.81 -20.16
CA GLY A 493 -7.71 17.06 -20.57
C GLY A 493 -6.96 18.27 -20.03
N SER A 494 -7.27 19.48 -20.57
CA SER A 494 -6.57 20.72 -20.22
C SER A 494 -7.21 21.63 -19.17
N ARG A 495 -6.35 22.20 -18.29
CA ARG A 495 -6.70 23.18 -17.27
C ARG A 495 -6.92 24.54 -17.98
N ALA A 496 -7.61 25.51 -17.34
CA ALA A 496 -7.88 26.77 -18.03
C ALA A 496 -7.02 27.94 -17.62
N ILE A 497 -6.53 28.68 -18.64
CA ILE A 497 -5.79 29.93 -18.51
C ILE A 497 -6.78 31.03 -18.87
N TRP A 498 -7.03 31.96 -17.93
CA TRP A 498 -8.01 33.03 -18.11
C TRP A 498 -7.37 34.27 -18.72
N TYR A 499 -7.48 34.40 -20.06
CA TYR A 499 -6.95 35.52 -20.83
C TYR A 499 -7.81 36.77 -20.63
N MET A 500 -7.18 37.93 -20.46
CA MET A 500 -7.91 39.20 -20.33
C MET A 500 -7.53 40.07 -21.53
N TRP A 501 -8.40 41.03 -21.88
CA TRP A 501 -8.12 41.99 -22.93
C TRP A 501 -6.99 42.89 -22.37
N LEU A 502 -6.02 43.31 -23.22
CA LEU A 502 -4.89 44.13 -22.80
C LEU A 502 -5.33 45.39 -22.04
N GLY A 503 -6.48 45.96 -22.40
CA GLY A 503 -7.05 47.13 -21.74
C GLY A 503 -7.58 46.81 -20.37
N ALA A 504 -8.18 45.60 -20.21
CA ALA A 504 -8.72 45.09 -18.94
C ALA A 504 -7.54 44.78 -18.00
N ARG A 505 -6.43 44.27 -18.58
CA ARG A 505 -5.18 43.96 -17.90
C ARG A 505 -4.49 45.25 -17.42
N PHE A 506 -4.55 46.34 -18.22
CA PHE A 506 -3.99 47.62 -17.81
C PHE A 506 -4.77 48.16 -16.61
N LEU A 507 -6.11 48.19 -16.70
CA LEU A 507 -6.93 48.70 -15.60
C LEU A 507 -6.70 47.97 -14.29
N GLU A 508 -6.38 46.66 -14.37
CA GLU A 508 -6.07 45.78 -13.25
C GLU A 508 -4.69 46.13 -12.69
N PHE A 509 -3.68 46.31 -13.56
CA PHE A 509 -2.32 46.70 -13.22
C PHE A 509 -2.32 48.10 -12.55
N GLU A 510 -3.01 49.07 -13.12
CA GLU A 510 -3.10 50.41 -12.55
C GLU A 510 -3.56 50.37 -11.10
N ALA A 511 -4.61 49.60 -10.81
CA ALA A 511 -5.23 49.46 -9.49
C ALA A 511 -4.52 48.51 -8.52
N LEU A 512 -4.09 47.32 -8.99
CA LEU A 512 -3.52 46.29 -8.11
C LEU A 512 -2.10 45.82 -8.45
N GLY A 513 -1.44 46.48 -9.41
CA GLY A 513 -0.09 46.18 -9.84
C GLY A 513 0.97 46.38 -8.77
N PHE A 514 0.73 47.29 -7.79
CA PHE A 514 1.64 47.60 -6.68
C PHE A 514 1.99 46.36 -5.80
N LEU A 515 1.07 45.37 -5.72
CA LEU A 515 1.28 44.12 -4.99
C LEU A 515 2.49 43.36 -5.55
N ASN A 516 2.65 43.33 -6.87
CA ASN A 516 3.77 42.68 -7.53
C ASN A 516 4.93 43.63 -7.77
N GLU A 517 4.61 44.86 -8.25
CA GLU A 517 5.60 45.91 -8.52
C GLU A 517 6.41 46.28 -7.28
N ASP A 518 5.73 46.45 -6.11
CA ASP A 518 6.34 46.80 -4.83
C ASP A 518 6.67 45.60 -3.93
N HIS A 519 6.51 44.38 -4.44
CA HIS A 519 6.84 43.11 -3.77
C HIS A 519 6.21 42.93 -2.36
N TRP A 520 4.88 43.09 -2.25
CA TRP A 520 4.15 42.88 -0.99
C TRP A 520 4.28 41.44 -0.45
N PHE A 521 4.48 40.46 -1.35
CA PHE A 521 4.58 39.05 -1.01
C PHE A 521 6.02 38.52 -1.06
N SER A 522 7.00 39.43 -1.00
CA SER A 522 8.43 39.06 -0.90
C SER A 522 8.65 38.46 0.49
N ARG A 523 9.69 37.64 0.67
CA ARG A 523 9.95 37.05 1.99
C ARG A 523 10.23 38.10 3.08
N GLU A 524 10.88 39.23 2.72
CA GLU A 524 11.17 40.31 3.65
C GLU A 524 9.90 40.99 4.15
N ASN A 525 8.94 41.23 3.23
CA ASN A 525 7.71 41.92 3.60
C ASN A 525 6.68 41.02 4.20
N SER A 526 6.28 39.97 3.46
CA SER A 526 5.33 38.97 3.94
C SER A 526 6.27 37.96 4.53
N LEU A 527 6.10 37.44 5.71
CA LEU A 527 7.21 36.57 6.17
C LEU A 527 7.13 35.12 5.65
N SER A 528 5.96 34.77 5.07
CA SER A 528 5.66 33.45 4.53
C SER A 528 5.96 33.40 3.05
N GLY A 529 5.88 34.56 2.40
CA GLY A 529 6.05 34.66 0.96
C GLY A 529 7.41 34.30 0.41
N VAL A 530 7.47 33.98 -0.88
CA VAL A 530 8.69 33.62 -1.61
C VAL A 530 8.74 34.35 -3.00
N GLU A 531 7.99 35.45 -3.13
CA GLU A 531 7.91 36.20 -4.38
C GLU A 531 9.25 36.81 -4.75
N GLY A 532 9.68 36.57 -5.99
CA GLY A 532 10.96 37.05 -6.49
C GLY A 532 12.10 36.09 -6.26
N GLU A 533 11.81 34.89 -5.72
CA GLU A 533 12.81 33.88 -5.45
C GLU A 533 12.88 32.91 -6.58
N GLY A 534 14.08 32.65 -7.05
CA GLY A 534 14.30 31.64 -8.08
C GLY A 534 14.06 30.27 -7.50
N LEU A 535 13.66 29.33 -8.36
CA LEU A 535 13.38 27.94 -8.04
C LEU A 535 14.52 27.25 -7.29
N HIS A 536 15.79 27.59 -7.60
CA HIS A 536 17.04 27.08 -7.00
C HIS A 536 17.32 27.57 -5.59
N LYS A 537 16.79 28.73 -5.19
CA LYS A 537 17.01 29.24 -3.84
C LYS A 537 15.76 29.04 -2.91
N LEU A 538 14.84 28.17 -3.32
CA LEU A 538 13.65 27.85 -2.52
C LEU A 538 13.98 26.78 -1.45
N GLY A 539 15.04 26.00 -1.68
CA GLY A 539 15.47 24.96 -0.77
C GLY A 539 16.19 25.52 0.44
N TYR A 540 16.83 26.69 0.25
CA TYR A 540 17.54 27.43 1.29
C TYR A 540 16.51 28.00 2.27
N ILE A 541 15.35 28.40 1.75
CA ILE A 541 14.23 28.92 2.54
C ILE A 541 13.56 27.79 3.34
N LEU A 542 13.36 26.61 2.71
CA LEU A 542 12.81 25.43 3.39
C LEU A 542 13.75 24.96 4.49
N ARG A 543 15.08 25.17 4.31
CA ARG A 543 16.09 24.84 5.32
C ARG A 543 16.01 25.78 6.52
N ASP A 544 15.83 27.10 6.28
CA ASP A 544 15.68 28.11 7.33
C ASP A 544 14.39 27.92 8.16
N VAL A 545 13.34 27.39 7.50
CA VAL A 545 12.05 27.07 8.11
C VAL A 545 12.28 25.84 9.04
N SER A 546 13.05 24.82 8.59
CA SER A 546 13.35 23.61 9.38
C SER A 546 14.18 23.94 10.65
N LYS A 547 14.97 25.04 10.61
CA LYS A 547 15.80 25.50 11.73
C LYS A 547 14.94 25.97 12.91
N LYS A 548 13.65 26.27 12.65
CA LYS A 548 12.70 26.66 13.70
C LYS A 548 12.34 25.44 14.56
N GLU A 549 11.98 25.68 15.82
CA GLU A 549 11.56 24.61 16.70
C GLU A 549 10.07 24.33 16.42
N GLY A 550 9.69 23.06 16.34
CA GLY A 550 8.31 22.70 16.09
C GLY A 550 8.10 21.24 15.71
N GLY A 551 6.92 20.97 15.13
CA GLY A 551 6.51 19.65 14.68
C GLY A 551 7.10 19.29 13.34
N ALA A 552 6.47 18.32 12.66
CA ALA A 552 6.90 17.91 11.32
C ALA A 552 6.64 19.09 10.34
N MET A 553 7.14 18.98 9.12
CA MET A 553 6.89 19.96 8.09
C MET A 553 5.76 19.46 7.18
N TYR A 554 4.68 20.23 7.08
CA TYR A 554 3.49 19.86 6.29
C TYR A 554 3.47 20.56 4.95
N ALA A 555 3.16 19.82 3.90
CA ALA A 555 3.08 20.34 2.54
C ALA A 555 1.84 19.78 1.84
N ASP A 556 0.65 20.18 2.35
CA ASP A 556 -0.64 19.71 1.81
C ASP A 556 -1.10 20.52 0.60
N ASP A 557 -1.46 19.81 -0.47
CA ASP A 557 -1.96 20.43 -1.69
C ASP A 557 -3.47 20.50 -1.65
N THR A 558 -4.02 21.64 -2.07
CA THR A 558 -5.46 21.84 -2.15
C THR A 558 -5.90 21.29 -3.51
N ALA A 559 -7.02 20.59 -3.52
CA ALA A 559 -7.64 20.04 -4.72
C ALA A 559 -8.32 21.24 -5.41
N GLY A 560 -7.72 21.70 -6.51
CA GLY A 560 -8.18 22.81 -7.33
C GLY A 560 -8.45 24.11 -6.59
N TRP A 561 -7.40 24.67 -5.94
CA TRP A 561 -7.46 25.91 -5.14
C TRP A 561 -8.32 27.04 -5.75
N ASP A 562 -8.08 27.38 -7.03
CA ASP A 562 -8.75 28.49 -7.73
C ASP A 562 -10.27 28.38 -7.76
N THR A 563 -10.81 27.15 -7.86
CA THR A 563 -12.27 26.86 -7.84
C THR A 563 -12.84 26.88 -6.42
N ARG A 564 -11.95 26.81 -5.39
CA ARG A 564 -12.30 26.73 -3.97
C ARG A 564 -12.29 28.09 -3.28
N ILE A 565 -11.97 29.15 -4.04
CA ILE A 565 -12.00 30.56 -3.62
C ILE A 565 -13.49 31.01 -3.51
N THR A 566 -13.96 31.21 -2.28
CA THR A 566 -15.34 31.64 -1.99
C THR A 566 -15.50 33.17 -2.12
N LEU A 567 -16.74 33.66 -1.98
CA LEU A 567 -17.03 35.08 -2.01
C LEU A 567 -16.49 35.74 -0.73
N GLU A 568 -16.37 34.93 0.37
CA GLU A 568 -15.78 35.35 1.62
C GLU A 568 -14.32 35.72 1.39
N ASP A 569 -13.56 34.84 0.71
CA ASP A 569 -12.16 35.07 0.35
C ASP A 569 -12.03 36.33 -0.47
N LEU A 570 -12.86 36.48 -1.53
CA LEU A 570 -12.87 37.62 -2.45
C LEU A 570 -13.15 38.97 -1.74
N LYS A 571 -14.10 38.97 -0.78
CA LYS A 571 -14.43 40.13 0.03
C LYS A 571 -13.33 40.47 1.05
N ASN A 572 -12.58 39.44 1.55
CA ASN A 572 -11.48 39.63 2.50
C ASN A 572 -10.23 40.13 1.80
N GLU A 573 -10.01 39.69 0.53
CA GLU A 573 -8.88 40.14 -0.29
C GLU A 573 -9.08 41.61 -0.72
N GLU A 574 -10.33 41.99 -0.97
CA GLU A 574 -10.76 43.33 -1.37
C GLU A 574 -10.37 44.36 -0.30
N MET A 575 -10.25 43.93 0.97
CA MET A 575 -9.92 44.75 2.14
C MET A 575 -8.63 45.55 2.02
N VAL A 576 -7.77 45.26 1.02
CA VAL A 576 -6.57 46.06 0.77
C VAL A 576 -6.99 47.51 0.38
N THR A 577 -8.26 47.69 -0.06
CA THR A 577 -8.86 48.98 -0.46
C THR A 577 -9.00 49.92 0.74
N ASN A 578 -9.05 49.35 1.97
CA ASN A 578 -9.13 50.11 3.24
C ASN A 578 -7.84 50.89 3.54
N HIS A 579 -6.77 50.58 2.80
CA HIS A 579 -5.42 51.15 2.85
C HIS A 579 -5.14 52.02 1.62
N MET A 580 -6.22 52.39 0.91
CA MET A 580 -6.22 53.19 -0.31
C MET A 580 -7.08 54.41 -0.13
N GLU A 581 -6.87 55.42 -0.98
CA GLU A 581 -7.67 56.64 -0.93
C GLU A 581 -8.04 57.21 -2.31
N GLY A 582 -9.16 57.96 -2.33
CA GLY A 582 -9.70 58.67 -3.47
C GLY A 582 -9.93 57.89 -4.76
N GLU A 583 -9.25 58.32 -5.84
CA GLU A 583 -9.33 57.75 -7.19
C GLU A 583 -8.82 56.31 -7.27
N HIS A 584 -7.79 55.99 -6.47
CA HIS A 584 -7.20 54.66 -6.42
C HIS A 584 -8.16 53.66 -5.74
N LYS A 585 -8.85 54.08 -4.67
CA LYS A 585 -9.80 53.22 -3.98
C LYS A 585 -11.01 52.89 -4.87
N LYS A 586 -11.53 53.89 -5.62
CA LYS A 586 -12.67 53.69 -6.54
C LYS A 586 -12.31 52.73 -7.71
N LEU A 587 -11.08 52.89 -8.25
CA LEU A 587 -10.56 52.07 -9.32
C LEU A 587 -10.31 50.59 -8.90
N ALA A 588 -9.79 50.36 -7.68
CA ALA A 588 -9.51 49.01 -7.14
C ALA A 588 -10.79 48.34 -6.74
N GLU A 589 -11.75 49.11 -6.16
CA GLU A 589 -13.08 48.58 -5.83
C GLU A 589 -13.82 48.08 -7.10
N ALA A 590 -13.63 48.77 -8.25
CA ALA A 590 -14.20 48.39 -9.56
C ALA A 590 -13.63 47.04 -10.01
N ILE A 591 -12.29 46.85 -9.90
CA ILE A 591 -11.64 45.60 -10.26
C ILE A 591 -12.18 44.44 -9.40
N PHE A 592 -12.26 44.64 -8.08
CA PHE A 592 -12.73 43.66 -7.14
C PHE A 592 -14.18 43.31 -7.29
N LYS A 593 -15.06 44.32 -7.13
CA LYS A 593 -16.51 44.15 -7.17
C LYS A 593 -17.05 43.76 -8.53
N LEU A 594 -16.61 44.45 -9.61
CA LEU A 594 -17.15 44.25 -10.95
C LEU A 594 -16.48 43.16 -11.77
N THR A 595 -15.15 43.03 -11.71
CA THR A 595 -14.45 42.07 -12.56
C THR A 595 -14.09 40.74 -11.84
N TYR A 596 -13.82 40.76 -10.53
CA TYR A 596 -13.45 39.56 -9.76
C TYR A 596 -14.62 38.86 -9.09
N GLN A 597 -15.57 39.63 -8.54
CA GLN A 597 -16.72 39.12 -7.78
C GLN A 597 -17.97 38.93 -8.64
N ASN A 598 -17.86 39.30 -9.92
CA ASN A 598 -18.92 39.21 -10.93
C ASN A 598 -18.25 38.97 -12.27
N LYS A 599 -17.65 37.78 -12.45
CA LYS A 599 -16.93 37.44 -13.67
C LYS A 599 -17.80 37.05 -14.86
N VAL A 600 -17.36 37.45 -16.07
CA VAL A 600 -18.00 37.11 -17.35
C VAL A 600 -16.88 36.35 -18.10
N VAL A 601 -17.19 35.13 -18.58
CA VAL A 601 -16.21 34.27 -19.25
C VAL A 601 -16.71 33.77 -20.61
N ARG A 602 -15.79 33.71 -21.60
CA ARG A 602 -16.02 33.16 -22.94
C ARG A 602 -15.31 31.81 -23.01
N VAL A 603 -16.03 30.71 -23.20
CA VAL A 603 -15.39 29.37 -23.30
C VAL A 603 -15.91 28.59 -24.52
N GLN A 604 -14.99 27.93 -25.25
CA GLN A 604 -15.33 27.12 -26.42
C GLN A 604 -16.06 25.82 -26.07
N ARG A 605 -16.91 25.35 -26.97
CA ARG A 605 -17.67 24.12 -26.76
C ARG A 605 -18.01 23.47 -28.10
N PRO A 606 -17.78 22.14 -28.26
CA PRO A 606 -18.19 21.48 -29.52
C PRO A 606 -19.70 21.27 -29.59
N THR A 607 -20.34 21.51 -30.74
CA THR A 607 -21.78 21.32 -30.90
C THR A 607 -22.08 20.61 -32.23
N PRO A 608 -23.31 20.02 -32.44
CA PRO A 608 -23.63 19.43 -33.76
C PRO A 608 -23.47 20.39 -34.97
N ARG A 609 -23.55 21.71 -34.73
CA ARG A 609 -23.41 22.80 -35.72
C ARG A 609 -21.97 23.31 -35.89
N GLY A 610 -21.05 22.83 -35.07
CA GLY A 610 -19.63 23.24 -35.05
C GLY A 610 -19.23 23.84 -33.71
N THR A 611 -18.02 24.41 -33.60
CA THR A 611 -17.54 25.01 -32.35
C THR A 611 -18.28 26.32 -32.06
N VAL A 612 -18.68 26.51 -30.79
CA VAL A 612 -19.33 27.74 -30.31
C VAL A 612 -18.54 28.32 -29.13
N MET A 613 -18.65 29.65 -28.96
CA MET A 613 -18.14 30.34 -27.81
C MET A 613 -19.36 30.62 -26.92
N ASP A 614 -19.33 30.11 -25.69
CA ASP A 614 -20.38 30.29 -24.68
C ASP A 614 -20.09 31.48 -23.81
N ILE A 615 -21.12 32.25 -23.43
CA ILE A 615 -20.97 33.38 -22.51
C ILE A 615 -21.52 32.91 -21.20
N ILE A 616 -20.62 32.82 -20.18
CA ILE A 616 -20.97 32.29 -18.88
C ILE A 616 -20.52 33.23 -17.76
N SER A 617 -21.12 33.08 -16.59
CA SER A 617 -20.82 33.91 -15.47
C SER A 617 -20.77 33.16 -14.13
N ARG A 618 -19.87 33.62 -13.26
CA ARG A 618 -19.66 33.10 -11.92
C ARG A 618 -19.21 34.23 -11.01
N ARG A 619 -19.85 34.35 -9.84
CA ARG A 619 -19.54 35.36 -8.85
C ARG A 619 -18.30 34.97 -8.01
N ASP A 620 -18.27 33.71 -7.46
CA ASP A 620 -17.12 33.21 -6.68
C ASP A 620 -16.08 32.56 -7.60
N GLN A 621 -15.05 31.90 -7.02
CA GLN A 621 -13.91 31.30 -7.72
C GLN A 621 -12.89 32.35 -8.09
N ARG A 622 -11.67 31.90 -8.40
CA ARG A 622 -10.58 32.77 -8.81
C ARG A 622 -10.60 32.94 -10.28
N GLY A 623 -10.70 34.21 -10.63
CA GLY A 623 -10.70 34.76 -11.97
C GLY A 623 -10.20 36.17 -11.87
N SER A 624 -8.92 36.31 -12.20
CA SER A 624 -8.10 37.52 -12.19
C SER A 624 -7.01 37.29 -13.23
N GLY A 625 -6.14 38.26 -13.37
CA GLY A 625 -4.95 38.07 -14.19
C GLY A 625 -3.97 37.20 -13.42
N GLN A 626 -3.11 36.45 -14.14
CA GLN A 626 -2.12 35.52 -13.60
C GLN A 626 -1.22 36.07 -12.50
N VAL A 627 -0.77 37.33 -12.63
CA VAL A 627 0.13 37.97 -11.64
C VAL A 627 -0.63 38.34 -10.34
N VAL A 628 -1.83 38.95 -10.48
CA VAL A 628 -2.67 39.31 -9.32
C VAL A 628 -3.18 38.03 -8.64
N THR A 629 -3.45 36.97 -9.42
CA THR A 629 -3.87 35.66 -8.89
C THR A 629 -2.83 35.18 -7.93
N TYR A 630 -1.56 35.12 -8.37
CA TYR A 630 -0.42 34.69 -7.53
C TYR A 630 -0.39 35.37 -6.15
N GLY A 631 -0.49 36.70 -6.12
CA GLY A 631 -0.49 37.50 -4.90
C GLY A 631 -1.67 37.23 -4.00
N LEU A 632 -2.90 37.25 -4.58
CA LEU A 632 -4.13 37.01 -3.80
C LEU A 632 -4.23 35.54 -3.33
N ASN A 633 -3.67 34.58 -4.08
CA ASN A 633 -3.62 33.17 -3.67
C ASN A 633 -2.64 33.01 -2.50
N THR A 634 -1.48 33.73 -2.51
CA THR A 634 -0.47 33.76 -1.41
C THR A 634 -1.11 34.36 -0.14
N PHE A 635 -1.77 35.51 -0.28
CA PHE A 635 -2.44 36.20 0.81
C PHE A 635 -3.44 35.27 1.49
N THR A 636 -4.43 34.72 0.73
CA THR A 636 -5.49 33.84 1.25
C THR A 636 -4.93 32.53 1.79
N ASN A 637 -3.82 32.00 1.20
CA ASN A 637 -3.18 30.77 1.72
C ASN A 637 -2.41 31.07 3.03
N MET A 638 -1.80 32.28 3.13
CA MET A 638 -1.14 32.73 4.35
C MET A 638 -2.17 32.81 5.46
N GLU A 639 -3.35 33.38 5.17
CA GLU A 639 -4.47 33.51 6.09
C GLU A 639 -5.08 32.14 6.50
N ALA A 640 -5.31 31.22 5.52
CA ALA A 640 -5.87 29.88 5.80
C ALA A 640 -4.94 29.02 6.70
N GLN A 641 -3.62 29.16 6.53
CA GLN A 641 -2.64 28.39 7.27
C GLN A 641 -2.48 28.86 8.70
N LEU A 642 -2.55 30.21 8.93
CA LEU A 642 -2.55 30.81 10.26
C LEU A 642 -3.77 30.29 11.03
N ILE A 643 -4.93 30.23 10.36
CA ILE A 643 -6.18 29.73 10.97
C ILE A 643 -6.01 28.24 11.31
N ARG A 644 -5.33 27.45 10.42
CA ARG A 644 -5.08 26.03 10.68
C ARG A 644 -4.12 25.87 11.88
N GLN A 645 -3.17 26.84 12.03
CA GLN A 645 -2.22 26.95 13.14
C GLN A 645 -2.93 27.32 14.44
N MET A 646 -3.92 28.23 14.40
CA MET A 646 -4.67 28.63 15.60
C MET A 646 -5.52 27.44 16.07
N GLU A 647 -6.09 26.67 15.13
CA GLU A 647 -6.93 25.50 15.43
C GLU A 647 -6.14 24.44 16.19
N GLY A 648 -4.98 24.03 15.64
CA GLY A 648 -4.09 23.05 16.25
C GLY A 648 -3.68 23.45 17.67
N GLU A 649 -3.42 24.77 17.88
CA GLU A 649 -3.04 25.37 19.17
C GLU A 649 -4.27 25.63 20.09
N GLY A 650 -5.47 25.35 19.59
CA GLY A 650 -6.73 25.51 20.31
C GLY A 650 -7.11 26.95 20.66
N VAL A 651 -6.73 27.95 19.80
CA VAL A 651 -7.03 29.37 20.02
C VAL A 651 -8.57 29.64 19.94
N PHE A 652 -9.30 28.74 19.28
CA PHE A 652 -10.76 28.73 19.12
C PHE A 652 -11.18 27.25 19.14
N LYS A 653 -12.35 26.95 19.71
CA LYS A 653 -12.80 25.56 19.85
C LYS A 653 -13.80 25.11 18.78
N SER A 654 -14.61 26.06 18.26
CA SER A 654 -15.64 25.76 17.28
C SER A 654 -15.62 26.72 16.09
N ILE A 655 -16.06 26.21 14.92
CA ILE A 655 -16.20 26.96 13.66
C ILE A 655 -17.63 27.48 13.45
N GLN A 656 -18.63 26.90 14.18
CA GLN A 656 -20.05 27.26 14.12
C GLN A 656 -20.22 28.72 14.47
N GLN A 657 -19.59 29.12 15.57
CA GLN A 657 -19.60 30.48 16.08
C GLN A 657 -18.32 30.76 16.83
N LEU A 658 -17.89 32.01 16.78
CA LEU A 658 -16.72 32.50 17.48
C LEU A 658 -17.24 33.40 18.62
N THR A 659 -16.97 32.99 19.88
CA THR A 659 -17.40 33.72 21.07
C THR A 659 -16.64 35.04 21.20
N ALA A 660 -17.16 35.99 22.01
CA ALA A 660 -16.49 37.29 22.25
C ALA A 660 -15.09 37.09 22.84
N THR A 661 -14.93 36.07 23.72
CA THR A 661 -13.66 35.71 24.36
C THR A 661 -12.68 35.12 23.34
N GLU A 662 -13.17 34.27 22.39
CA GLU A 662 -12.37 33.66 21.31
C GLU A 662 -11.90 34.72 20.29
N GLU A 663 -12.69 35.80 20.06
CA GLU A 663 -12.31 36.91 19.19
C GLU A 663 -11.11 37.63 19.78
N ILE A 664 -11.17 37.91 21.09
CA ILE A 664 -10.08 38.56 21.84
C ILE A 664 -8.83 37.65 21.79
N ALA A 665 -9.02 36.31 21.94
CA ALA A 665 -7.95 35.30 21.90
C ALA A 665 -7.23 35.26 20.55
N VAL A 666 -8.02 35.21 19.44
CA VAL A 666 -7.55 35.22 18.04
C VAL A 666 -6.77 36.52 17.74
N LYS A 667 -7.32 37.68 18.14
CA LYS A 667 -6.67 38.98 17.91
C LYS A 667 -5.35 39.11 18.69
N ASN A 668 -5.33 38.64 19.96
CA ASN A 668 -4.13 38.65 20.81
C ASN A 668 -3.09 37.71 20.24
N TRP A 669 -3.50 36.48 19.82
CA TRP A 669 -2.60 35.48 19.20
C TRP A 669 -1.92 36.11 18.00
N LEU A 670 -2.69 36.70 17.06
CA LEU A 670 -2.14 37.38 15.88
C LEU A 670 -1.17 38.49 16.25
N VAL A 671 -1.58 39.38 17.17
CA VAL A 671 -0.77 40.52 17.60
C VAL A 671 0.55 40.08 18.31
N ARG A 672 0.46 38.99 19.11
CA ARG A 672 1.58 38.43 19.86
C ARG A 672 2.53 37.51 19.08
N VAL A 673 2.00 36.55 18.29
CA VAL A 673 2.83 35.53 17.65
C VAL A 673 2.62 35.42 16.13
N GLY A 674 1.72 36.22 15.60
CA GLY A 674 1.38 36.24 14.18
C GLY A 674 2.57 36.22 13.25
N ARG A 675 3.51 37.15 13.46
CA ARG A 675 4.72 37.31 12.67
C ARG A 675 5.65 36.10 12.75
N GLU A 676 5.80 35.47 13.94
CA GLU A 676 6.68 34.29 14.02
C GLU A 676 5.95 33.06 13.41
N ARG A 677 4.60 33.03 13.47
CA ARG A 677 3.80 31.97 12.83
C ARG A 677 3.85 32.06 11.30
N LEU A 678 4.02 33.29 10.76
CA LEU A 678 4.18 33.51 9.33
C LEU A 678 5.55 33.02 8.87
N SER A 679 6.58 33.20 9.74
CA SER A 679 7.96 32.79 9.51
C SER A 679 8.19 31.25 9.50
N ARG A 680 7.15 30.49 9.90
CA ARG A 680 7.07 29.00 9.95
C ARG A 680 6.60 28.44 8.61
N MET A 681 6.25 29.34 7.68
CA MET A 681 5.72 28.96 6.38
C MET A 681 6.51 29.47 5.21
N ALA A 682 6.43 28.71 4.11
CA ALA A 682 6.91 29.03 2.75
C ALA A 682 5.64 28.89 1.92
N ILE A 683 5.09 30.03 1.49
CA ILE A 683 3.82 30.05 0.75
C ILE A 683 4.00 30.72 -0.60
N SER A 684 3.92 29.88 -1.64
CA SER A 684 4.08 30.31 -3.02
C SER A 684 2.73 30.79 -3.60
N GLY A 685 1.79 29.93 -3.83
CA GLY A 685 0.51 30.48 -4.26
C GLY A 685 -0.53 29.75 -3.47
N ASP A 686 -0.99 28.68 -4.08
CA ASP A 686 -1.88 27.70 -3.54
C ASP A 686 -0.95 26.68 -2.84
N ASP A 687 0.39 26.76 -3.13
CA ASP A 687 1.47 25.89 -2.62
C ASP A 687 2.05 26.36 -1.28
N CYS A 688 1.95 25.51 -0.27
CA CYS A 688 2.47 25.83 1.06
C CYS A 688 3.31 24.73 1.68
N VAL A 689 4.22 25.15 2.58
CA VAL A 689 5.04 24.36 3.49
C VAL A 689 4.84 25.01 4.88
N VAL A 690 4.40 24.21 5.87
CA VAL A 690 4.19 24.73 7.25
C VAL A 690 4.94 23.85 8.26
N LYS A 691 5.74 24.46 9.15
CA LYS A 691 6.36 23.80 10.31
C LYS A 691 5.58 24.38 11.50
N PRO A 692 4.48 23.73 11.93
CA PRO A 692 3.69 24.29 13.04
C PRO A 692 4.43 24.18 14.40
N LEU A 693 3.82 24.70 15.48
CA LEU A 693 4.38 24.64 16.83
C LEU A 693 4.52 23.17 17.30
N ASP A 694 3.56 22.32 16.91
CA ASP A 694 3.53 20.88 17.23
C ASP A 694 2.66 20.12 16.21
N ASP A 695 2.50 18.81 16.35
CA ASP A 695 1.76 17.98 15.39
C ASP A 695 0.25 17.86 15.63
N ARG A 696 -0.33 18.74 16.47
CA ARG A 696 -1.80 18.83 16.69
C ARG A 696 -2.47 19.34 15.38
N PHE A 697 -1.66 20.05 14.57
CA PHE A 697 -1.92 20.62 13.24
C PHE A 697 -2.38 19.57 12.22
N ALA A 698 -1.78 18.33 12.25
CA ALA A 698 -2.11 17.24 11.32
C ALA A 698 -3.60 16.91 11.29
N SER A 699 -4.26 17.05 12.44
CA SER A 699 -5.67 16.75 12.62
C SER A 699 -6.54 18.01 12.90
N ALA A 700 -5.96 19.22 12.71
CA ALA A 700 -6.63 20.53 12.83
C ALA A 700 -7.23 20.78 11.43
N LEU A 701 -8.42 20.22 11.17
CA LEU A 701 -9.03 20.21 9.84
C LEU A 701 -10.41 20.85 9.65
N THR A 702 -11.18 21.14 10.71
CA THR A 702 -12.54 21.67 10.55
C THR A 702 -12.57 23.03 9.84
N ALA A 703 -11.68 23.98 10.20
CA ALA A 703 -11.64 25.30 9.56
C ALA A 703 -11.14 25.18 8.10
N LEU A 704 -10.11 24.33 7.83
CA LEU A 704 -9.54 24.14 6.51
C LEU A 704 -10.61 23.67 5.52
N ASN A 705 -11.35 22.61 5.89
CA ASN A 705 -12.41 22.03 5.09
C ASN A 705 -13.59 22.99 4.93
N ASP A 706 -13.93 23.76 5.99
CA ASP A 706 -15.03 24.73 5.98
C ASP A 706 -14.74 25.96 5.13
N MET A 707 -13.47 26.39 5.05
CA MET A 707 -13.04 27.52 4.20
C MET A 707 -13.12 27.14 2.73
N GLY A 708 -13.27 25.82 2.48
CA GLY A 708 -13.39 25.24 1.16
C GLY A 708 -12.09 24.70 0.62
N LYS A 709 -10.98 24.94 1.34
CA LYS A 709 -9.60 24.55 0.98
C LYS A 709 -9.30 23.09 1.33
N VAL A 710 -10.08 22.17 0.76
CA VAL A 710 -10.01 20.73 0.94
C VAL A 710 -8.76 20.15 0.29
N ARG A 711 -7.98 19.36 1.05
CA ARG A 711 -6.72 18.71 0.64
C ARG A 711 -6.95 17.64 -0.41
N LYS A 712 -5.98 17.51 -1.33
CA LYS A 712 -5.92 16.60 -2.47
C LYS A 712 -5.44 15.20 -2.07
N ASP A 713 -6.04 14.18 -2.68
CA ASP A 713 -5.73 12.74 -2.53
C ASP A 713 -5.64 12.24 -1.06
N ILE A 714 -6.65 12.61 -0.26
CA ILE A 714 -6.81 12.22 1.13
C ILE A 714 -8.29 12.41 1.54
N GLN A 715 -8.81 11.49 2.35
CA GLN A 715 -10.16 11.56 2.91
C GLN A 715 -10.23 12.82 3.82
N GLN A 716 -11.33 13.56 3.71
CA GLN A 716 -11.60 14.83 4.40
C GLN A 716 -11.17 14.89 5.86
N TRP A 717 -11.40 13.80 6.62
CA TRP A 717 -11.08 13.82 8.05
C TRP A 717 -9.85 12.98 8.44
N GLU A 718 -9.15 12.41 7.46
CA GLU A 718 -7.91 11.68 7.72
C GLU A 718 -6.78 12.68 8.09
N PRO A 719 -5.99 12.45 9.16
CA PRO A 719 -4.94 13.43 9.51
C PRO A 719 -3.83 13.51 8.49
N SER A 720 -3.30 14.72 8.31
CA SER A 720 -2.18 15.01 7.40
C SER A 720 -0.93 14.28 7.82
N ARG A 721 -0.07 14.02 6.84
CA ARG A 721 1.20 13.34 7.05
C ARG A 721 2.28 14.36 6.76
N GLY A 722 3.11 14.63 7.76
CA GLY A 722 4.19 15.60 7.61
C GLY A 722 5.51 14.91 7.31
N TRP A 723 6.60 15.70 7.29
N TRP A 723 6.59 15.71 7.30
CA TRP A 723 7.95 15.20 7.06
CA TRP A 723 7.94 15.21 7.05
C TRP A 723 8.87 15.59 8.18
C TRP A 723 8.87 15.59 8.18
N ASN A 724 9.77 14.69 8.56
CA ASN A 724 10.74 14.96 9.63
C ASN A 724 12.12 15.23 9.03
N ASP A 725 12.20 15.24 7.70
CA ASP A 725 13.39 15.52 6.90
C ASP A 725 12.97 16.58 5.89
N TRP A 726 13.51 17.81 6.04
CA TRP A 726 13.23 18.93 5.16
C TRP A 726 13.62 18.65 3.69
N THR A 727 14.63 17.78 3.46
CA THR A 727 15.12 17.44 2.13
C THR A 727 14.11 16.59 1.34
N GLN A 728 13.05 16.11 2.02
CA GLN A 728 11.98 15.29 1.43
C GLN A 728 10.68 16.09 1.21
N VAL A 729 10.61 17.33 1.74
CA VAL A 729 9.43 18.20 1.67
C VAL A 729 9.18 18.69 0.24
N PRO A 730 8.01 18.34 -0.36
CA PRO A 730 7.69 18.83 -1.72
C PRO A 730 7.21 20.29 -1.70
N PHE A 731 7.80 21.11 -2.56
CA PHE A 731 7.44 22.53 -2.74
C PHE A 731 7.75 22.93 -4.16
N CYS A 732 6.78 23.58 -4.84
CA CYS A 732 6.87 24.03 -6.23
C CYS A 732 7.42 22.93 -7.16
N SER A 733 6.85 21.71 -7.07
CA SER A 733 7.14 20.46 -7.82
C SER A 733 8.50 19.81 -7.55
N HIS A 734 9.25 20.32 -6.56
CA HIS A 734 10.59 19.84 -6.18
C HIS A 734 10.74 19.54 -4.71
N HIS A 735 11.82 18.84 -4.39
CA HIS A 735 12.35 18.63 -3.06
C HIS A 735 13.81 19.13 -3.18
N PHE A 736 14.47 19.39 -2.07
CA PHE A 736 15.79 20.00 -2.15
C PHE A 736 16.79 19.28 -1.30
N HIS A 737 17.95 18.93 -1.88
CA HIS A 737 19.05 18.27 -1.17
C HIS A 737 20.15 19.25 -0.78
N GLU A 738 20.88 18.90 0.29
CA GLU A 738 22.07 19.60 0.71
C GLU A 738 23.21 18.91 -0.05
N LEU A 739 24.01 19.68 -0.75
CA LEU A 739 25.09 19.18 -1.58
C LEU A 739 26.43 19.79 -1.15
N ILE A 740 27.31 18.93 -0.55
CA ILE A 740 28.65 19.30 -0.08
C ILE A 740 29.63 19.33 -1.26
N MET A 741 30.30 20.49 -1.44
CA MET A 741 31.30 20.73 -2.48
C MET A 741 32.67 20.19 -2.08
N LYS A 742 33.60 20.09 -3.06
CA LYS A 742 34.98 19.59 -2.86
C LYS A 742 35.77 20.46 -1.89
N ASP A 743 35.43 21.75 -1.82
CA ASP A 743 36.02 22.77 -0.94
C ASP A 743 35.30 22.92 0.41
N GLY A 744 34.25 22.13 0.62
CA GLY A 744 33.52 22.17 1.88
C GLY A 744 32.30 23.08 1.91
N ARG A 745 32.10 23.90 0.85
CA ARG A 745 30.95 24.80 0.72
C ARG A 745 29.68 24.00 0.49
N VAL A 746 28.56 24.44 1.07
CA VAL A 746 27.32 23.68 0.97
C VAL A 746 26.28 24.39 0.08
N LEU A 747 25.78 23.63 -0.89
CA LEU A 747 24.75 24.07 -1.82
C LEU A 747 23.42 23.38 -1.45
N VAL A 748 22.29 24.06 -1.67
CA VAL A 748 20.96 23.45 -1.50
C VAL A 748 20.38 23.48 -2.92
N VAL A 749 20.22 22.29 -3.47
CA VAL A 749 19.88 22.07 -4.86
C VAL A 749 18.46 21.54 -5.11
N PRO A 750 17.78 22.03 -6.19
CA PRO A 750 16.44 21.53 -6.53
C PRO A 750 16.52 20.15 -7.14
N CYS A 751 15.58 19.27 -6.78
CA CYS A 751 15.56 17.91 -7.29
C CYS A 751 14.11 17.41 -7.49
N ARG A 752 13.96 16.39 -8.33
CA ARG A 752 12.70 15.77 -8.72
C ARG A 752 13.00 14.31 -9.07
N ASN A 753 11.97 13.49 -9.21
CA ASN A 753 12.11 12.13 -9.68
C ASN A 753 12.63 12.30 -11.14
N GLN A 754 13.77 11.62 -11.47
CA GLN A 754 14.42 11.74 -12.78
C GLN A 754 13.54 11.41 -14.00
N ASP A 755 12.49 10.58 -13.81
CA ASP A 755 11.58 10.21 -14.91
C ASP A 755 10.66 11.37 -15.33
N GLU A 756 10.35 12.26 -14.39
CA GLU A 756 9.50 13.43 -14.65
C GLU A 756 10.23 14.40 -15.52
N LEU A 757 11.54 14.52 -15.29
CA LEU A 757 12.46 15.44 -15.98
C LEU A 757 12.80 14.97 -17.40
N ILE A 758 13.04 13.66 -17.57
CA ILE A 758 13.36 13.08 -18.86
C ILE A 758 12.09 12.98 -19.72
N GLY A 759 10.99 12.46 -19.15
CA GLY A 759 9.69 12.35 -19.79
C GLY A 759 9.18 13.67 -20.38
N ARG A 760 9.37 14.78 -19.63
CA ARG A 760 8.99 16.13 -20.05
C ARG A 760 9.89 16.65 -21.17
N ALA A 761 11.23 16.42 -21.07
CA ALA A 761 12.23 16.85 -22.07
C ALA A 761 12.04 16.14 -23.40
N ARG A 762 11.47 14.93 -23.35
CA ARG A 762 11.22 14.09 -24.52
C ARG A 762 9.90 14.36 -25.24
N ILE A 763 9.17 15.43 -24.84
CA ILE A 763 7.91 15.83 -25.47
C ILE A 763 8.06 17.26 -25.97
N SER A 764 7.83 17.48 -27.27
CA SER A 764 7.91 18.79 -27.91
C SER A 764 6.53 19.43 -27.89
N GLN A 765 6.50 20.73 -27.57
CA GLN A 765 5.27 21.51 -27.47
C GLN A 765 4.58 21.74 -28.82
N GLY A 766 3.43 21.09 -29.00
CA GLY A 766 2.60 21.19 -30.19
C GLY A 766 2.83 20.11 -31.23
N ALA A 767 2.69 20.53 -32.51
CA ALA A 767 2.83 19.73 -33.73
C ALA A 767 3.52 20.56 -34.86
N GLY A 768 4.03 19.84 -35.88
CA GLY A 768 4.70 20.41 -37.04
C GLY A 768 5.90 21.28 -36.71
N TRP A 769 7.05 20.64 -36.43
CA TRP A 769 8.24 21.42 -36.12
C TRP A 769 9.50 20.98 -36.85
N SER A 770 10.32 22.00 -37.23
CA SER A 770 11.61 21.82 -37.89
C SER A 770 12.60 21.24 -36.89
N LEU A 771 13.61 20.52 -37.38
CA LEU A 771 14.61 19.93 -36.49
C LEU A 771 15.38 21.03 -35.73
N ARG A 772 15.59 22.23 -36.36
CA ARG A 772 16.25 23.40 -35.76
C ARG A 772 15.56 23.83 -34.44
N GLU A 773 14.22 24.01 -34.51
CA GLU A 773 13.38 24.42 -33.38
C GLU A 773 13.33 23.35 -32.28
N THR A 774 13.34 22.06 -32.65
CA THR A 774 13.36 20.92 -31.73
C THR A 774 14.73 20.86 -30.98
N ALA A 775 15.86 20.89 -31.72
CA ALA A 775 17.20 20.86 -31.13
C ALA A 775 17.42 22.03 -30.18
N CYS A 776 16.85 23.22 -30.50
CA CYS A 776 16.97 24.40 -29.65
C CYS A 776 16.15 24.20 -28.36
N LEU A 777 15.02 23.44 -28.43
CA LEU A 777 14.17 23.09 -27.29
C LEU A 777 14.92 22.09 -26.33
N GLY A 778 15.43 20.98 -26.90
CA GLY A 778 16.25 20.02 -26.17
C GLY A 778 17.46 20.69 -25.54
N LYS A 779 18.02 21.72 -26.21
CA LYS A 779 19.17 22.48 -25.71
C LYS A 779 18.78 23.32 -24.48
N SER A 780 17.52 23.85 -24.45
CA SER A 780 16.96 24.60 -23.31
C SER A 780 16.84 23.65 -22.10
N TYR A 781 16.36 22.38 -22.32
CA TYR A 781 16.29 21.32 -21.30
C TYR A 781 17.68 20.98 -20.76
N ALA A 782 18.65 20.75 -21.68
CA ALA A 782 20.03 20.42 -21.37
C ALA A 782 20.70 21.46 -20.51
N GLN A 783 20.52 22.74 -20.87
CA GLN A 783 21.09 23.87 -20.12
C GLN A 783 20.35 24.11 -18.82
N MET A 784 19.07 23.71 -18.73
CA MET A 784 18.29 23.77 -17.50
C MET A 784 18.83 22.70 -16.55
N TRP A 785 19.15 21.51 -17.10
CA TRP A 785 19.76 20.39 -16.36
C TRP A 785 21.17 20.75 -15.86
N SER A 786 21.95 21.51 -16.65
CA SER A 786 23.29 21.93 -16.28
C SER A 786 23.30 22.91 -15.12
N LEU A 787 22.34 23.82 -15.11
CA LEU A 787 22.24 24.84 -14.08
C LEU A 787 21.56 24.38 -12.78
N MET A 788 20.53 23.52 -12.88
CA MET A 788 19.75 23.08 -11.71
C MET A 788 19.85 21.62 -11.31
N TYR A 789 20.05 20.70 -12.25
CA TYR A 789 20.09 19.27 -11.96
C TYR A 789 21.44 18.63 -12.29
N PHE A 790 22.51 19.43 -12.24
CA PHE A 790 23.92 19.03 -12.44
C PHE A 790 24.36 17.87 -11.51
N HIS A 791 23.77 17.83 -10.32
CA HIS A 791 23.98 16.83 -9.27
C HIS A 791 23.40 15.47 -9.62
N ARG A 792 22.73 15.37 -10.76
CA ARG A 792 22.09 14.15 -11.24
C ARG A 792 22.92 13.61 -12.39
N ARG A 793 23.71 12.55 -12.08
CA ARG A 793 24.64 11.84 -12.96
C ARG A 793 24.15 11.71 -14.40
N ASP A 794 22.96 11.06 -14.58
CA ASP A 794 22.33 10.81 -15.89
C ASP A 794 21.95 12.07 -16.62
N LEU A 795 21.56 13.12 -15.87
CA LEU A 795 21.15 14.41 -16.39
C LEU A 795 22.33 15.27 -16.82
N ARG A 796 23.45 15.29 -16.04
CA ARG A 796 24.65 16.03 -16.42
C ARG A 796 25.26 15.41 -17.66
N LEU A 797 25.21 14.05 -17.78
CA LEU A 797 25.72 13.30 -18.92
C LEU A 797 24.88 13.62 -20.15
N ALA A 798 23.52 13.41 -20.07
CA ALA A 798 22.58 13.67 -21.16
C ALA A 798 22.58 15.15 -21.59
N ALA A 799 22.74 16.10 -20.66
CA ALA A 799 22.77 17.53 -20.96
C ALA A 799 24.00 17.93 -21.78
N ASN A 800 25.19 17.37 -21.44
CA ASN A 800 26.47 17.58 -22.13
C ASN A 800 26.43 16.92 -23.49
N ALA A 801 25.66 15.82 -23.63
CA ALA A 801 25.49 15.11 -24.88
C ALA A 801 24.61 15.93 -25.84
N ILE A 802 23.55 16.60 -25.33
CA ILE A 802 22.65 17.44 -26.12
C ILE A 802 23.42 18.69 -26.61
N CYS A 803 24.15 19.37 -25.71
CA CYS A 803 24.98 20.54 -26.01
C CYS A 803 26.16 20.25 -26.96
N SER A 804 26.59 18.99 -27.03
CA SER A 804 27.62 18.52 -27.95
C SER A 804 27.00 18.21 -29.34
N ALA A 805 25.78 17.63 -29.36
CA ALA A 805 25.04 17.24 -30.57
C ALA A 805 24.28 18.39 -31.26
N VAL A 806 24.11 19.54 -30.58
CA VAL A 806 23.41 20.73 -31.08
C VAL A 806 24.48 21.81 -31.41
N PRO A 807 24.45 22.45 -32.62
CA PRO A 807 25.47 23.47 -32.94
C PRO A 807 25.64 24.51 -31.85
N SER A 808 26.89 24.70 -31.35
CA SER A 808 27.24 25.58 -30.21
C SER A 808 26.68 27.03 -30.26
N HIS A 809 26.51 27.60 -31.47
CA HIS A 809 26.03 28.97 -31.64
C HIS A 809 24.48 29.09 -31.65
N TRP A 810 23.77 27.93 -31.69
CA TRP A 810 22.30 27.86 -31.68
C TRP A 810 21.72 28.33 -30.35
N VAL A 811 20.78 29.30 -30.45
CA VAL A 811 20.11 29.91 -29.30
C VAL A 811 18.98 28.98 -28.79
N PRO A 812 18.98 28.59 -27.47
CA PRO A 812 17.88 27.73 -26.97
C PRO A 812 16.50 28.40 -27.09
N THR A 813 15.49 27.63 -27.56
CA THR A 813 14.12 28.09 -27.77
C THR A 813 13.07 27.41 -26.87
N SER A 814 11.92 28.11 -26.72
CA SER A 814 10.69 27.75 -25.99
C SER A 814 10.89 27.45 -24.50
N ARG A 815 9.78 27.37 -23.76
CA ARG A 815 9.75 27.11 -22.32
C ARG A 815 9.95 25.64 -21.97
N THR A 816 10.78 25.39 -20.95
CA THR A 816 11.07 24.07 -20.38
C THR A 816 10.09 23.77 -19.23
N THR A 817 9.60 24.84 -18.58
CA THR A 817 8.68 24.84 -17.43
C THR A 817 7.77 26.09 -17.42
N TRP A 818 6.57 25.91 -16.84
CA TRP A 818 5.54 26.93 -16.65
C TRP A 818 5.79 27.73 -15.36
N SER A 819 6.61 27.16 -14.45
CA SER A 819 6.96 27.67 -13.13
C SER A 819 7.16 29.18 -13.07
N ILE A 820 6.44 29.86 -12.17
CA ILE A 820 6.57 31.31 -11.99
C ILE A 820 7.91 31.64 -11.31
N HIS A 821 8.51 30.61 -10.66
CA HIS A 821 9.79 30.72 -9.95
C HIS A 821 10.98 30.46 -10.87
N ALA A 822 10.76 29.78 -12.02
CA ALA A 822 11.77 29.51 -13.04
C ALA A 822 12.39 30.84 -13.48
N THR A 823 13.73 30.96 -13.34
CA THR A 823 14.52 32.17 -13.68
C THR A 823 14.89 32.23 -15.17
N HIS A 824 14.92 31.03 -15.81
CA HIS A 824 15.26 30.81 -17.22
C HIS A 824 16.66 31.34 -17.57
N GLU A 825 17.62 31.25 -16.60
CA GLU A 825 19.00 31.68 -16.79
C GLU A 825 19.77 30.76 -17.77
N TRP A 826 19.14 29.65 -18.15
CA TRP A 826 19.65 28.69 -19.11
C TRP A 826 19.25 29.03 -20.56
N MET A 827 18.51 30.15 -20.76
CA MET A 827 18.08 30.65 -22.08
C MET A 827 19.15 31.68 -22.52
N THR A 828 20.33 31.15 -22.89
CA THR A 828 21.51 31.92 -23.24
C THR A 828 22.45 31.04 -24.06
N THR A 829 23.40 31.68 -24.74
CA THR A 829 24.46 31.03 -25.52
C THR A 829 25.79 31.22 -24.78
N GLU A 830 25.73 31.95 -23.64
CA GLU A 830 26.84 32.19 -22.72
C GLU A 830 27.28 30.85 -22.09
N ASP A 831 28.58 30.73 -21.75
CA ASP A 831 29.21 29.55 -21.12
C ASP A 831 28.38 29.13 -19.87
N MET A 832 27.91 27.87 -19.86
CA MET A 832 27.07 27.39 -18.76
C MET A 832 27.82 27.33 -17.42
N LEU A 833 29.17 27.22 -17.42
CA LEU A 833 29.95 27.25 -16.19
C LEU A 833 30.01 28.69 -15.63
N THR A 834 30.00 29.71 -16.53
CA THR A 834 29.99 31.13 -16.18
C THR A 834 28.64 31.47 -15.54
N VAL A 835 27.54 30.94 -16.11
CA VAL A 835 26.18 31.12 -15.60
C VAL A 835 26.03 30.42 -14.23
N TRP A 836 26.50 29.14 -14.13
CA TRP A 836 26.49 28.33 -12.91
C TRP A 836 27.14 29.11 -11.76
N ASN A 837 28.32 29.68 -11.99
CA ASN A 837 29.06 30.48 -11.01
C ASN A 837 28.30 31.72 -10.55
N ARG A 838 27.61 32.39 -11.48
CA ARG A 838 26.82 33.59 -11.20
C ARG A 838 25.59 33.27 -10.34
N VAL A 839 24.86 32.20 -10.67
CA VAL A 839 23.66 31.74 -9.96
C VAL A 839 24.00 31.19 -8.56
N TRP A 840 24.92 30.20 -8.52
CA TRP A 840 25.31 29.44 -7.35
C TRP A 840 26.39 30.04 -6.44
N ILE A 841 27.22 30.96 -6.94
CA ILE A 841 28.29 31.55 -6.12
C ILE A 841 28.06 33.07 -5.95
N GLN A 842 28.38 33.84 -7.01
CA GLN A 842 28.33 35.30 -7.11
C GLN A 842 27.04 35.91 -6.55
N GLU A 843 25.88 35.55 -7.14
CA GLU A 843 24.57 36.09 -6.75
C GLU A 843 23.84 35.31 -5.66
N ASN A 844 24.41 34.19 -5.21
CA ASN A 844 23.77 33.37 -4.20
C ASN A 844 23.93 34.01 -2.81
N PRO A 845 22.82 34.44 -2.14
CA PRO A 845 22.97 35.02 -0.80
C PRO A 845 23.36 34.04 0.31
N TRP A 846 23.15 32.70 0.09
CA TRP A 846 23.49 31.65 1.07
C TRP A 846 24.85 31.03 0.81
N MET A 847 25.66 31.74 -0.01
CA MET A 847 27.05 31.42 -0.38
C MET A 847 27.90 32.62 0.06
N GLU A 848 28.55 32.49 1.24
CA GLU A 848 29.38 33.53 1.86
C GLU A 848 30.71 33.71 1.12
N ASP A 849 31.38 32.58 0.76
CA ASP A 849 32.66 32.55 0.05
C ASP A 849 32.40 32.60 -1.46
N LYS A 850 32.77 33.73 -2.08
CA LYS A 850 32.53 34.01 -3.51
C LYS A 850 33.60 33.45 -4.48
N THR A 851 34.37 32.42 -4.06
CA THR A 851 35.41 31.78 -4.87
C THR A 851 34.80 31.02 -6.04
N PRO A 852 35.07 31.45 -7.30
CA PRO A 852 34.51 30.72 -8.46
C PRO A 852 35.08 29.33 -8.62
N VAL A 853 34.32 28.44 -9.28
CA VAL A 853 34.72 27.07 -9.63
C VAL A 853 35.42 27.15 -10.99
N GLU A 854 36.62 26.57 -11.09
CA GLU A 854 37.39 26.64 -12.34
C GLU A 854 36.92 25.62 -13.37
N SER A 855 36.16 24.58 -12.98
CA SER A 855 35.67 23.55 -13.92
C SER A 855 34.40 22.80 -13.44
N TRP A 856 33.76 22.07 -14.37
CA TRP A 856 32.58 21.24 -14.10
C TRP A 856 32.94 20.04 -13.21
N GLU A 857 34.21 19.58 -13.28
CA GLU A 857 34.80 18.48 -12.50
C GLU A 857 34.77 18.83 -11.01
N GLU A 858 34.97 20.12 -10.67
CA GLU A 858 34.91 20.65 -9.31
C GLU A 858 33.49 20.54 -8.71
N ILE A 859 32.45 20.65 -9.58
CA ILE A 859 31.02 20.62 -9.18
C ILE A 859 30.60 19.16 -8.88
N PRO A 860 29.97 18.92 -7.69
CA PRO A 860 29.63 17.54 -7.32
C PRO A 860 28.26 17.03 -7.75
N TYR A 861 28.10 15.71 -7.59
CA TYR A 861 26.86 15.00 -7.80
C TYR A 861 26.32 14.69 -6.41
N LEU A 862 25.06 14.25 -6.34
CA LEU A 862 24.45 13.76 -5.10
C LEU A 862 25.16 12.43 -4.84
N GLY A 863 25.01 11.87 -3.65
CA GLY A 863 25.58 10.56 -3.37
C GLY A 863 24.94 9.55 -4.30
N LYS A 864 25.70 8.53 -4.72
CA LYS A 864 25.23 7.51 -5.66
C LYS A 864 23.88 6.89 -5.25
N ARG A 865 23.67 6.62 -3.95
CA ARG A 865 22.39 6.05 -3.47
C ARG A 865 21.29 7.10 -3.36
N GLU A 866 21.65 8.39 -3.13
CA GLU A 866 20.71 9.51 -3.09
C GLU A 866 20.17 9.70 -4.49
N ASP A 867 21.08 9.69 -5.48
CA ASP A 867 20.82 9.82 -6.89
C ASP A 867 19.95 8.66 -7.37
N GLN A 868 20.24 7.43 -6.92
CA GLN A 868 19.49 6.22 -7.31
C GLN A 868 18.07 6.24 -6.75
N TRP A 869 17.92 6.81 -5.53
CA TRP A 869 16.63 6.94 -4.85
C TRP A 869 15.72 7.86 -5.65
N CYS A 870 16.29 8.96 -6.22
CA CYS A 870 15.53 9.93 -7.00
C CYS A 870 15.43 9.59 -8.50
N GLY A 871 15.52 8.31 -8.84
CA GLY A 871 15.30 7.81 -10.19
C GLY A 871 16.48 7.53 -11.11
N SER A 872 17.73 7.67 -10.64
CA SER A 872 18.92 7.42 -11.48
C SER A 872 19.05 5.98 -11.91
N LEU A 873 19.60 5.81 -13.13
CA LEU A 873 19.85 4.49 -13.68
C LEU A 873 21.29 4.07 -13.44
N ILE A 874 22.10 4.93 -12.75
CA ILE A 874 23.50 4.59 -12.38
C ILE A 874 23.52 3.25 -11.60
N GLY A 875 24.39 2.33 -12.00
CA GLY A 875 24.46 1.01 -11.39
C GLY A 875 23.78 -0.08 -12.21
N LEU A 876 23.15 0.31 -13.34
CA LEU A 876 22.53 -0.59 -14.29
C LEU A 876 23.49 -0.73 -15.46
N THR A 877 23.64 -1.96 -15.99
CA THR A 877 24.52 -2.26 -17.12
C THR A 877 24.07 -1.50 -18.40
N SER A 878 22.74 -1.38 -18.61
CA SER A 878 22.13 -0.67 -19.74
C SER A 878 22.57 0.80 -19.79
N ARG A 879 22.63 1.43 -18.62
CA ARG A 879 23.04 2.82 -18.41
C ARG A 879 24.55 2.96 -18.65
N ALA A 880 25.33 1.93 -18.24
CA ALA A 880 26.79 1.87 -18.40
C ALA A 880 27.12 1.76 -19.90
N THR A 881 26.41 0.89 -20.64
CA THR A 881 26.52 0.73 -22.10
C THR A 881 26.22 2.09 -22.80
N TRP A 882 25.14 2.79 -22.36
CA TRP A 882 24.71 4.10 -22.84
C TRP A 882 25.80 5.15 -22.65
N ALA A 883 26.38 5.24 -21.45
CA ALA A 883 27.42 6.20 -21.10
C ALA A 883 28.71 5.99 -21.87
N LYS A 884 29.10 4.71 -22.03
CA LYS A 884 30.31 4.25 -22.71
C LYS A 884 30.27 4.58 -24.20
N ASN A 885 29.08 4.44 -24.81
CA ASN A 885 28.85 4.63 -26.24
C ASN A 885 28.12 5.93 -26.60
N ILE A 886 28.12 6.94 -25.70
CA ILE A 886 27.40 8.22 -25.91
C ILE A 886 27.88 9.00 -27.17
N GLN A 887 29.18 8.87 -27.57
CA GLN A 887 29.70 9.55 -28.77
C GLN A 887 29.03 9.07 -30.06
N THR A 888 28.59 7.79 -30.09
CA THR A 888 27.87 7.21 -31.22
C THR A 888 26.53 7.90 -31.37
N ALA A 889 25.79 8.07 -30.26
CA ALA A 889 24.50 8.75 -30.23
C ALA A 889 24.61 10.27 -30.53
N ILE A 890 25.71 10.94 -30.04
CA ILE A 890 25.99 12.36 -30.29
C ILE A 890 26.22 12.58 -31.79
N ASN A 891 26.99 11.67 -32.44
CA ASN A 891 27.28 11.68 -33.89
C ASN A 891 26.03 11.46 -34.73
N GLN A 892 25.12 10.55 -34.28
CA GLN A 892 23.84 10.22 -34.93
C GLN A 892 22.97 11.48 -35.06
N VAL A 893 22.84 12.27 -33.95
CA VAL A 893 22.09 13.54 -33.91
C VAL A 893 22.82 14.60 -34.77
N ARG A 894 24.17 14.68 -34.66
CA ARG A 894 25.02 15.61 -35.46
C ARG A 894 24.80 15.41 -36.97
N SER A 895 24.67 14.13 -37.41
CA SER A 895 24.40 13.74 -38.79
C SER A 895 23.03 14.25 -39.25
N LEU A 896 21.97 14.00 -38.44
CA LEU A 896 20.60 14.43 -38.75
C LEU A 896 20.47 15.97 -38.85
N ILE A 897 21.24 16.76 -38.05
CA ILE A 897 21.28 18.24 -38.08
C ILE A 897 22.19 18.76 -39.25
N GLY A 898 23.21 18.00 -39.62
CA GLY A 898 24.15 18.36 -40.69
C GLY A 898 25.40 19.04 -40.16
N ASN A 899 26.54 18.80 -40.83
CA ASN A 899 27.84 19.35 -40.41
C ASN A 899 27.84 20.87 -40.24
N GLU A 900 27.88 21.27 -38.96
CA GLU A 900 27.92 22.62 -38.44
C GLU A 900 29.06 22.71 -37.41
N GLU A 901 29.17 23.83 -36.65
CA GLU A 901 30.21 23.99 -35.61
C GLU A 901 29.75 23.39 -34.27
N TYR A 902 30.37 22.26 -33.88
CA TYR A 902 30.07 21.52 -32.65
C TYR A 902 31.25 21.57 -31.68
N THR A 903 30.96 21.71 -30.39
CA THR A 903 31.96 21.70 -29.33
C THR A 903 31.69 20.44 -28.50
N ASP A 904 32.73 19.66 -28.19
CA ASP A 904 32.56 18.48 -27.37
C ASP A 904 32.64 18.89 -25.91
N TYR A 905 31.58 18.60 -25.15
CA TYR A 905 31.49 18.94 -23.73
C TYR A 905 31.75 17.71 -22.85
N MET A 906 31.90 16.52 -23.48
CA MET A 906 32.17 15.24 -22.82
C MET A 906 33.58 15.21 -22.20
N GLU B 30 8.20 35.40 31.86
CA GLU B 30 7.34 35.87 32.95
C GLU B 30 7.28 34.92 34.15
N THR B 31 7.08 33.59 33.91
CA THR B 31 7.07 32.59 34.99
C THR B 31 8.54 32.33 35.46
N LEU B 32 8.72 31.63 36.62
CA LEU B 32 10.06 31.28 37.09
C LEU B 32 10.71 30.25 36.15
N GLY B 33 9.88 29.35 35.58
CA GLY B 33 10.32 28.32 34.67
C GLY B 33 10.89 28.90 33.39
N GLU B 34 10.25 29.98 32.92
CA GLU B 34 10.69 30.69 31.71
C GLU B 34 12.06 31.33 31.97
N LYS B 35 12.23 31.94 33.18
CA LYS B 35 13.50 32.54 33.64
C LYS B 35 14.58 31.46 33.74
N TRP B 36 14.20 30.26 34.22
CA TRP B 36 15.10 29.11 34.34
C TRP B 36 15.52 28.64 32.96
N LYS B 37 14.55 28.60 31.99
CA LYS B 37 14.76 28.16 30.61
C LYS B 37 15.71 29.07 29.86
N ASN B 38 15.54 30.40 30.02
CA ASN B 38 16.42 31.38 29.38
C ASN B 38 17.84 31.16 29.87
N ARG B 39 17.99 31.07 31.22
CA ARG B 39 19.22 30.80 31.95
C ARG B 39 19.88 29.48 31.50
N LEU B 40 19.11 28.39 31.40
CA LEU B 40 19.60 27.10 30.91
C LEU B 40 20.10 27.18 29.45
N ASN B 41 19.35 27.90 28.57
CA ASN B 41 19.69 28.09 27.16
C ASN B 41 20.97 28.88 26.93
N ALA B 42 21.29 29.80 27.86
CA ALA B 42 22.49 30.64 27.87
C ALA B 42 23.80 29.87 28.22
N LEU B 43 23.69 28.69 28.86
CA LEU B 43 24.84 27.87 29.25
C LEU B 43 25.64 27.34 28.07
N GLY B 44 26.96 27.21 28.28
CA GLY B 44 27.89 26.65 27.31
C GLY B 44 27.90 25.14 27.45
N LYS B 45 28.39 24.44 26.43
CA LYS B 45 28.43 22.98 26.32
C LYS B 45 28.90 22.26 27.61
N SER B 46 29.98 22.75 28.23
CA SER B 46 30.57 22.18 29.45
C SER B 46 29.81 22.52 30.73
N GLU B 47 29.35 23.80 30.88
CA GLU B 47 28.56 24.26 32.03
C GLU B 47 27.20 23.53 32.07
N PHE B 48 26.60 23.26 30.89
CA PHE B 48 25.34 22.54 30.73
C PHE B 48 25.52 21.09 31.12
N GLN B 49 26.62 20.45 30.68
CA GLN B 49 26.91 19.05 31.03
C GLN B 49 27.22 18.87 32.53
N ILE B 50 27.74 19.94 33.18
CA ILE B 50 28.00 19.99 34.61
C ILE B 50 26.66 20.20 35.36
N TYR B 51 25.87 21.22 34.96
CA TYR B 51 24.58 21.55 35.58
C TYR B 51 23.56 20.39 35.56
N LYS B 52 23.49 19.68 34.43
CA LYS B 52 22.64 18.53 34.13
C LYS B 52 22.62 17.49 35.27
N LYS B 53 23.79 17.22 35.88
CA LYS B 53 23.98 16.20 36.94
C LYS B 53 24.08 16.72 38.39
N SER B 54 24.22 18.05 38.61
CA SER B 54 24.36 18.69 39.92
C SER B 54 23.29 18.31 40.96
N GLY B 55 23.72 17.48 41.93
CA GLY B 55 22.93 17.06 43.09
C GLY B 55 21.76 16.14 42.81
N ILE B 56 21.70 15.58 41.61
CA ILE B 56 20.60 14.67 41.24
C ILE B 56 20.91 13.25 41.73
N GLN B 57 19.92 12.35 41.65
CA GLN B 57 20.11 10.93 41.94
C GLN B 57 20.39 10.29 40.59
N GLU B 58 21.26 9.30 40.54
CA GLU B 58 21.66 8.71 39.26
C GLU B 58 21.87 7.22 39.37
N VAL B 59 21.46 6.43 38.36
CA VAL B 59 21.74 5.00 38.39
C VAL B 59 22.93 4.71 37.49
N ASP B 60 23.85 3.86 37.95
CA ASP B 60 25.00 3.47 37.14
C ASP B 60 24.50 2.35 36.25
N ARG B 61 24.35 2.66 34.96
CA ARG B 61 23.79 1.80 33.93
C ARG B 61 24.77 0.85 33.24
N THR B 62 26.07 0.96 33.56
CA THR B 62 27.19 0.17 32.98
C THR B 62 26.96 -1.36 32.97
N LEU B 63 26.64 -2.00 34.11
CA LEU B 63 26.45 -3.46 34.16
C LEU B 63 25.27 -3.96 33.34
N ALA B 64 24.14 -3.21 33.35
CA ALA B 64 22.94 -3.52 32.55
C ALA B 64 23.24 -3.38 31.05
N LYS B 65 23.85 -2.23 30.63
CA LYS B 65 24.25 -1.95 29.25
C LYS B 65 25.18 -3.07 28.72
N GLU B 66 26.16 -3.50 29.54
CA GLU B 66 27.11 -4.56 29.19
C GLU B 66 26.43 -5.93 29.12
N GLY B 67 25.64 -6.27 30.14
CA GLY B 67 24.87 -7.50 30.20
C GLY B 67 23.93 -7.65 29.02
N ILE B 68 23.18 -6.58 28.69
CA ILE B 68 22.25 -6.56 27.54
C ILE B 68 23.03 -6.80 26.21
N LYS B 69 24.20 -6.14 26.05
CA LYS B 69 25.05 -6.34 24.86
C LYS B 69 25.53 -7.80 24.68
N ARG B 70 25.77 -8.51 25.80
CA ARG B 70 26.19 -9.92 25.83
C ARG B 70 25.03 -10.85 25.48
N GLY B 71 23.81 -10.29 25.45
CA GLY B 71 22.59 -11.04 25.19
C GLY B 71 21.93 -11.59 26.45
N GLU B 72 22.13 -10.90 27.59
CA GLU B 72 21.54 -11.29 28.87
C GLU B 72 20.15 -10.68 28.95
N THR B 73 19.12 -11.53 29.19
CA THR B 73 17.72 -11.13 29.18
C THR B 73 17.10 -11.08 30.60
N ASP B 74 17.80 -11.63 31.58
CA ASP B 74 17.42 -11.65 32.99
C ASP B 74 18.03 -10.45 33.71
N HIS B 75 17.41 -10.06 34.83
CA HIS B 75 17.80 -9.04 35.83
C HIS B 75 17.86 -7.59 35.37
N HIS B 76 18.36 -7.34 34.16
CA HIS B 76 18.64 -6.01 33.65
C HIS B 76 17.44 -5.20 33.22
N ALA B 77 17.46 -3.91 33.61
CA ALA B 77 16.50 -2.90 33.19
C ALA B 77 17.00 -2.50 31.80
N VAL B 78 16.08 -2.28 30.86
CA VAL B 78 16.42 -1.90 29.48
C VAL B 78 16.82 -0.42 29.39
N SER B 79 16.48 0.39 30.42
CA SER B 79 16.80 1.83 30.45
C SER B 79 16.66 2.38 31.87
N ARG B 80 17.07 3.66 32.09
CA ARG B 80 17.01 4.39 33.38
C ARG B 80 15.58 4.44 33.90
N GLY B 81 14.62 4.18 32.99
CA GLY B 81 13.18 4.19 33.17
C GLY B 81 12.63 3.31 34.27
N SER B 82 13.08 2.02 34.34
CA SER B 82 12.68 1.10 35.41
C SER B 82 13.04 1.72 36.78
N ALA B 83 14.27 2.32 36.94
CA ALA B 83 14.66 3.02 38.17
C ALA B 83 13.74 4.24 38.46
N LYS B 84 13.38 5.00 37.42
CA LYS B 84 12.53 6.19 37.52
C LYS B 84 11.13 5.91 38.02
N LEU B 85 10.44 4.88 37.44
CA LEU B 85 9.08 4.46 37.84
C LEU B 85 9.11 3.81 39.21
N ARG B 86 10.18 3.06 39.55
CA ARG B 86 10.34 2.42 40.87
C ARG B 86 10.26 3.44 41.98
N TRP B 87 10.92 4.60 41.79
CA TRP B 87 10.93 5.72 42.73
C TRP B 87 9.49 6.12 43.09
N PHE B 88 8.58 6.16 42.11
CA PHE B 88 7.18 6.52 42.29
C PHE B 88 6.36 5.41 42.95
N VAL B 89 6.56 4.16 42.50
CA VAL B 89 5.87 2.94 42.94
C VAL B 89 6.18 2.63 44.39
N GLU B 90 7.46 2.73 44.77
CA GLU B 90 7.92 2.50 46.15
C GLU B 90 7.34 3.49 47.16
N ARG B 91 6.97 4.69 46.69
CA ARG B 91 6.39 5.74 47.53
C ARG B 91 4.88 5.76 47.46
N ASN B 92 4.30 4.76 46.75
CA ASN B 92 2.85 4.56 46.52
C ASN B 92 2.19 5.75 45.81
N LEU B 93 2.96 6.52 45.04
CA LEU B 93 2.49 7.68 44.27
C LEU B 93 1.65 7.26 43.08
N VAL B 94 1.92 6.03 42.61
CA VAL B 94 1.20 5.31 41.55
C VAL B 94 1.27 3.83 41.96
N THR B 95 0.14 3.11 41.89
CA THR B 95 0.06 1.71 42.27
C THR B 95 -0.34 0.88 41.03
N PRO B 96 0.60 0.47 40.14
CA PRO B 96 0.21 -0.29 38.96
C PRO B 96 -0.53 -1.57 39.32
N GLU B 97 -1.67 -1.81 38.64
CA GLU B 97 -2.56 -2.95 38.91
C GLU B 97 -3.34 -3.33 37.67
N GLY B 98 -3.75 -4.60 37.62
CA GLY B 98 -4.55 -5.16 36.54
C GLY B 98 -3.94 -4.95 35.17
N LYS B 99 -4.75 -4.45 34.21
CA LYS B 99 -4.29 -4.12 32.87
C LYS B 99 -3.63 -2.73 32.85
N VAL B 100 -2.30 -2.73 32.58
CA VAL B 100 -1.43 -1.56 32.48
C VAL B 100 -1.19 -1.32 31.01
N VAL B 101 -1.50 -0.09 30.55
CA VAL B 101 -1.24 0.39 29.19
C VAL B 101 -0.10 1.43 29.33
N ASP B 102 1.03 1.19 28.67
CA ASP B 102 2.22 2.01 28.66
C ASP B 102 2.37 2.70 27.30
N LEU B 103 2.05 4.01 27.23
CA LEU B 103 2.10 4.81 25.99
C LEU B 103 3.48 5.43 25.83
N GLY B 104 4.16 5.06 24.74
CA GLY B 104 5.53 5.49 24.46
C GLY B 104 6.47 4.64 25.28
N CYS B 105 6.33 3.30 25.17
CA CYS B 105 7.09 2.32 25.96
C CYS B 105 8.59 2.26 25.61
N GLY B 106 8.97 2.66 24.39
CA GLY B 106 10.35 2.63 23.90
C GLY B 106 10.95 1.24 24.00
N ARG B 107 12.04 1.11 24.75
CA ARG B 107 12.70 -0.19 24.95
C ARG B 107 11.88 -1.11 25.88
N GLY B 108 11.02 -0.53 26.72
CA GLY B 108 10.15 -1.25 27.64
C GLY B 108 10.50 -1.16 29.11
N GLY B 109 11.26 -0.14 29.51
CA GLY B 109 11.69 0.04 30.91
C GLY B 109 10.58 0.09 31.94
N TRP B 110 9.52 0.80 31.65
CA TRP B 110 8.35 0.93 32.55
C TRP B 110 7.47 -0.35 32.54
N SER B 111 7.35 -0.94 31.37
CA SER B 111 6.57 -2.13 31.06
C SER B 111 7.09 -3.36 31.78
N TYR B 112 8.39 -3.60 31.64
CA TYR B 112 9.11 -4.71 32.27
C TYR B 112 9.13 -4.57 33.77
N TYR B 113 9.25 -3.32 34.26
CA TYR B 113 9.19 -3.02 35.69
C TYR B 113 7.80 -3.44 36.22
N CYS B 114 6.72 -3.03 35.53
CA CYS B 114 5.34 -3.36 35.88
C CYS B 114 5.04 -4.87 35.80
N GLY B 115 5.70 -5.58 34.89
CA GLY B 115 5.54 -7.01 34.72
C GLY B 115 5.78 -7.81 35.98
N GLY B 116 6.72 -7.35 36.83
CA GLY B 116 7.08 -8.00 38.07
C GLY B 116 6.31 -7.52 39.30
N LEU B 117 5.36 -6.57 39.11
CA LEU B 117 4.57 -6.04 40.21
C LEU B 117 3.37 -6.95 40.48
N LYS B 118 3.26 -7.38 41.75
CA LYS B 118 2.29 -8.31 42.29
C LYS B 118 0.85 -8.13 41.79
N ASN B 119 0.35 -6.90 41.81
CA ASN B 119 -1.03 -6.63 41.43
C ASN B 119 -1.25 -6.43 39.95
N VAL B 120 -0.16 -6.43 39.15
CA VAL B 120 -0.23 -6.27 37.70
C VAL B 120 -0.60 -7.62 37.09
N LYS B 121 -1.57 -7.62 36.17
CA LYS B 121 -2.03 -8.84 35.53
C LYS B 121 -1.63 -8.93 34.07
N GLU B 122 -1.48 -7.77 33.42
CA GLU B 122 -1.21 -7.65 31.98
C GLU B 122 -0.60 -6.28 31.71
N VAL B 123 0.46 -6.26 30.89
CA VAL B 123 1.14 -5.04 30.44
C VAL B 123 1.11 -4.98 28.93
N LYS B 124 0.53 -3.90 28.38
CA LYS B 124 0.48 -3.64 26.94
C LYS B 124 1.26 -2.35 26.69
N GLY B 125 2.39 -2.47 25.98
CA GLY B 125 3.24 -1.33 25.66
C GLY B 125 3.14 -0.94 24.20
N LEU B 126 2.88 0.36 23.94
CA LEU B 126 2.76 0.90 22.60
C LEU B 126 3.81 1.94 22.30
N THR B 127 4.62 1.72 21.24
CA THR B 127 5.67 2.67 20.87
C THR B 127 5.77 2.80 19.35
N LYS B 128 6.26 3.96 18.88
CA LYS B 128 6.51 4.30 17.48
C LYS B 128 7.82 3.66 17.10
N GLY B 129 7.88 2.96 15.99
CA GLY B 129 9.18 2.38 15.67
C GLY B 129 10.06 3.34 14.91
N GLY B 130 10.89 2.74 14.08
CA GLY B 130 11.75 3.39 13.11
C GLY B 130 12.85 4.32 13.57
N PRO B 131 13.39 5.06 12.58
CA PRO B 131 14.53 5.96 12.85
C PRO B 131 14.28 7.06 13.87
N GLY B 132 15.23 7.23 14.78
CA GLY B 132 15.23 8.21 15.87
C GLY B 132 14.40 7.82 17.09
N HIS B 133 13.70 6.67 17.00
CA HIS B 133 12.83 6.15 18.04
C HIS B 133 13.31 4.78 18.50
N GLU B 134 13.26 4.56 19.84
CA GLU B 134 13.71 3.32 20.47
C GLU B 134 12.79 2.17 20.18
N GLU B 135 13.38 1.02 19.91
CA GLU B 135 12.63 -0.17 19.58
C GLU B 135 12.50 -1.04 20.82
N PRO B 136 11.33 -1.67 21.06
CA PRO B 136 11.19 -2.59 22.22
C PRO B 136 12.28 -3.67 22.19
N ILE B 137 12.78 -4.07 23.39
CA ILE B 137 13.80 -5.10 23.54
C ILE B 137 13.18 -6.36 24.22
N PRO B 138 13.38 -7.59 23.66
CA PRO B 138 12.88 -8.79 24.36
C PRO B 138 13.73 -9.17 25.56
N MET B 139 13.09 -9.27 26.74
CA MET B 139 13.71 -9.59 28.03
C MET B 139 12.97 -10.71 28.71
N SER B 140 13.66 -11.42 29.62
CA SER B 140 13.11 -12.52 30.37
C SER B 140 13.13 -12.24 31.86
N THR B 141 13.01 -10.96 32.19
CA THR B 141 12.94 -10.44 33.55
C THR B 141 11.61 -10.93 34.14
N TYR B 142 11.46 -10.87 35.46
CA TYR B 142 10.27 -11.37 36.15
C TYR B 142 8.95 -10.87 35.61
N GLY B 143 8.15 -11.84 35.17
CA GLY B 143 6.80 -11.62 34.66
C GLY B 143 6.71 -11.18 33.21
N TRP B 144 7.79 -11.40 32.42
CA TRP B 144 7.90 -11.04 30.99
C TRP B 144 6.76 -11.56 30.13
N ASN B 145 6.19 -12.73 30.49
CA ASN B 145 5.06 -13.38 29.78
C ASN B 145 3.74 -12.59 29.92
N LEU B 146 3.67 -11.63 30.84
CA LEU B 146 2.47 -10.78 31.02
C LEU B 146 2.63 -9.47 30.24
N VAL B 147 3.79 -9.29 29.55
CA VAL B 147 4.19 -8.07 28.84
C VAL B 147 4.25 -8.28 27.35
N ARG B 148 3.50 -7.47 26.59
CA ARG B 148 3.49 -7.51 25.13
C ARG B 148 3.84 -6.11 24.65
N LEU B 149 5.00 -5.97 24.00
CA LEU B 149 5.42 -4.68 23.47
C LEU B 149 5.14 -4.59 21.97
N GLN B 150 4.67 -3.43 21.49
CA GLN B 150 4.35 -3.20 20.08
C GLN B 150 4.99 -1.95 19.54
N SER B 151 5.80 -2.15 18.48
CA SER B 151 6.47 -1.10 17.73
C SER B 151 5.60 -0.69 16.51
N GLY B 152 5.92 0.45 15.91
CA GLY B 152 5.18 0.97 14.75
C GLY B 152 3.77 1.44 15.07
N VAL B 153 3.52 1.97 16.30
CA VAL B 153 2.24 2.51 16.76
C VAL B 153 2.38 4.03 17.07
N ASP B 154 1.56 4.88 16.44
CA ASP B 154 1.50 6.30 16.78
C ASP B 154 0.33 6.34 17.75
N VAL B 155 0.60 6.47 19.04
CA VAL B 155 -0.40 6.40 20.12
C VAL B 155 -1.43 7.51 20.01
N PHE B 156 -1.08 8.64 19.35
CA PHE B 156 -2.01 9.75 19.13
C PHE B 156 -3.18 9.35 18.22
N PHE B 157 -3.04 8.27 17.42
CA PHE B 157 -4.11 7.83 16.50
C PHE B 157 -4.61 6.42 16.84
N THR B 158 -4.30 5.93 18.05
CA THR B 158 -4.72 4.64 18.60
C THR B 158 -6.08 4.80 19.31
N PRO B 159 -7.07 3.90 19.02
CA PRO B 159 -8.35 4.00 19.73
C PRO B 159 -8.15 3.64 21.21
N PRO B 160 -8.58 4.52 22.16
CA PRO B 160 -8.46 4.17 23.58
C PRO B 160 -9.16 2.86 23.88
N GLU B 161 -8.52 2.07 24.74
CA GLU B 161 -8.87 0.75 25.23
C GLU B 161 -9.13 0.87 26.72
N LYS B 162 -9.77 -0.17 27.31
CA LYS B 162 -9.97 -0.33 28.75
C LYS B 162 -8.62 -0.64 29.42
N CYS B 163 -8.36 0.00 30.58
CA CYS B 163 -7.17 -0.22 31.43
C CYS B 163 -7.41 0.21 32.88
N ASP B 164 -6.67 -0.39 33.81
CA ASP B 164 -6.72 -0.06 35.23
C ASP B 164 -5.56 0.85 35.58
N THR B 165 -4.50 0.88 34.72
CA THR B 165 -3.30 1.70 34.85
C THR B 165 -2.89 2.25 33.50
N LEU B 166 -2.70 3.57 33.47
CA LEU B 166 -2.26 4.22 32.27
C LEU B 166 -0.94 4.93 32.52
N LEU B 167 0.11 4.48 31.87
CA LEU B 167 1.42 5.10 31.98
C LEU B 167 1.70 5.83 30.69
N CYS B 168 2.44 6.95 30.77
CA CYS B 168 2.84 7.73 29.61
C CYS B 168 4.09 8.54 29.92
N ASP B 169 5.17 8.27 29.17
CA ASP B 169 6.46 8.97 29.31
C ASP B 169 6.82 9.73 27.99
N ILE B 170 5.82 10.25 27.29
CA ILE B 170 6.04 10.99 26.01
C ILE B 170 6.23 12.50 26.28
N GLY B 171 7.20 13.08 25.59
CA GLY B 171 7.54 14.49 25.67
C GLY B 171 8.99 14.77 25.31
N GLU B 172 9.21 15.28 24.09
CA GLU B 172 10.54 15.61 23.57
C GLU B 172 10.90 17.04 23.89
N SER B 173 12.06 17.22 24.54
CA SER B 173 12.57 18.52 24.97
C SER B 173 12.90 19.43 23.78
N SER B 174 12.89 20.75 24.02
CA SER B 174 13.18 21.75 23.00
C SER B 174 13.65 23.04 23.65
N PRO B 175 14.63 23.78 23.05
CA PRO B 175 15.03 25.09 23.60
C PRO B 175 13.86 26.07 23.72
N ASN B 176 12.80 25.86 22.91
CA ASN B 176 11.59 26.66 22.85
C ASN B 176 10.51 26.12 23.81
N PRO B 177 10.21 26.84 24.91
CA PRO B 177 9.19 26.34 25.86
C PRO B 177 7.77 26.39 25.30
N THR B 178 7.53 27.24 24.26
CA THR B 178 6.21 27.34 23.61
C THR B 178 5.95 26.06 22.83
N VAL B 179 6.99 25.53 22.15
CA VAL B 179 6.94 24.27 21.40
C VAL B 179 6.66 23.12 22.36
N GLU B 180 7.35 23.11 23.50
CA GLU B 180 7.24 22.16 24.61
C GLU B 180 5.87 22.15 25.22
N ALA B 181 5.25 23.34 25.39
CA ALA B 181 3.89 23.48 25.91
C ALA B 181 2.90 22.78 24.98
N GLY B 182 3.10 22.95 23.66
CA GLY B 182 2.29 22.34 22.62
C GLY B 182 2.38 20.82 22.65
N ARG B 183 3.61 20.31 22.74
CA ARG B 183 3.93 18.89 22.88
C ARG B 183 3.29 18.31 24.15
N THR B 184 3.41 19.02 25.29
CA THR B 184 2.84 18.62 26.60
C THR B 184 1.31 18.55 26.53
N LEU B 185 0.66 19.64 26.04
CA LEU B 185 -0.81 19.70 25.87
C LEU B 185 -1.33 18.59 24.97
N ARG B 186 -0.57 18.21 23.94
CA ARG B 186 -0.92 17.13 23.01
C ARG B 186 -0.98 15.78 23.77
N VAL B 187 0.00 15.53 24.66
CA VAL B 187 0.10 14.38 25.56
C VAL B 187 -1.08 14.42 26.58
N LEU B 188 -1.35 15.61 27.16
CA LEU B 188 -2.42 15.76 28.15
C LEU B 188 -3.77 15.46 27.57
N ASN B 189 -4.03 15.91 26.34
CA ASN B 189 -5.28 15.66 25.65
C ASN B 189 -5.41 14.19 25.24
N LEU B 190 -4.28 13.53 24.95
CA LEU B 190 -4.22 12.11 24.60
C LEU B 190 -4.60 11.21 25.80
N VAL B 191 -3.95 11.40 26.97
CA VAL B 191 -4.13 10.62 28.20
C VAL B 191 -5.53 10.78 28.77
N GLU B 192 -6.12 11.98 28.62
CA GLU B 192 -7.49 12.28 29.04
C GLU B 192 -8.49 11.26 28.44
N ASN B 193 -8.34 10.92 27.13
CA ASN B 193 -9.20 9.97 26.40
C ASN B 193 -9.06 8.54 26.90
N TRP B 194 -7.91 8.24 27.51
CA TRP B 194 -7.64 6.91 28.03
C TRP B 194 -8.02 6.75 29.49
N LEU B 195 -8.28 7.88 30.19
CA LEU B 195 -8.57 7.87 31.61
C LEU B 195 -10.03 7.87 31.93
N ASN B 196 -10.38 7.16 32.99
CA ASN B 196 -11.71 7.08 33.61
C ASN B 196 -11.52 7.41 35.12
N ASN B 197 -12.59 7.30 35.93
CA ASN B 197 -12.60 7.64 37.34
C ASN B 197 -11.69 6.81 38.27
N ASN B 198 -11.44 5.55 37.92
CA ASN B 198 -10.66 4.65 38.79
C ASN B 198 -9.26 4.36 38.30
N THR B 199 -8.84 4.95 37.17
CA THR B 199 -7.53 4.67 36.60
C THR B 199 -6.38 5.17 37.47
N GLN B 200 -5.38 4.29 37.66
CA GLN B 200 -4.10 4.53 38.31
C GLN B 200 -3.19 5.12 37.19
N PHE B 201 -2.49 6.25 37.45
CA PHE B 201 -1.68 6.85 36.36
C PHE B 201 -0.34 7.48 36.80
N CYS B 202 0.56 7.56 35.83
CA CYS B 202 1.86 8.18 35.93
C CYS B 202 2.11 8.71 34.56
N ILE B 203 1.98 10.05 34.44
CA ILE B 203 2.08 10.73 33.14
C ILE B 203 3.13 11.83 33.20
N LYS B 204 4.12 11.75 32.29
CA LYS B 204 5.15 12.79 32.19
C LYS B 204 4.53 14.11 31.69
N VAL B 205 4.78 15.19 32.40
CA VAL B 205 4.38 16.53 31.99
C VAL B 205 5.71 17.24 31.70
N LEU B 206 6.15 17.16 30.44
CA LEU B 206 7.43 17.70 29.94
C LEU B 206 7.68 19.16 30.39
N ASN B 207 6.73 20.04 30.11
CA ASN B 207 6.88 21.43 30.50
C ASN B 207 5.70 21.80 31.37
N PRO B 208 5.82 21.72 32.72
CA PRO B 208 4.66 22.04 33.58
C PRO B 208 4.51 23.52 33.97
N TYR B 209 5.51 24.37 33.63
CA TYR B 209 5.55 25.78 34.04
C TYR B 209 4.91 26.75 33.08
N MET B 210 4.62 26.34 31.83
CA MET B 210 3.98 27.25 30.87
C MET B 210 2.49 27.46 31.24
N PRO B 211 2.00 28.73 31.23
CA PRO B 211 0.60 29.01 31.65
C PRO B 211 -0.51 28.15 30.99
N SER B 212 -0.38 27.81 29.71
CA SER B 212 -1.32 26.95 28.99
C SER B 212 -1.33 25.53 29.60
N VAL B 213 -0.16 25.06 30.06
CA VAL B 213 -0.02 23.75 30.69
C VAL B 213 -0.60 23.76 32.12
N ILE B 214 -0.40 24.87 32.87
CA ILE B 214 -0.93 25.02 34.22
C ILE B 214 -2.45 24.92 34.22
N GLU B 215 -3.08 25.63 33.27
CA GLU B 215 -4.51 25.70 33.02
C GLU B 215 -5.11 24.31 32.72
N LYS B 216 -4.49 23.56 31.78
CA LYS B 216 -4.92 22.19 31.44
C LYS B 216 -4.74 21.26 32.66
N MET B 217 -3.60 21.39 33.36
CA MET B 217 -3.29 20.61 34.57
C MET B 217 -4.28 20.83 35.71
N GLU B 218 -4.69 22.10 35.95
CA GLU B 218 -5.70 22.45 36.95
C GLU B 218 -7.06 21.79 36.68
N ALA B 219 -7.52 21.77 35.40
CA ALA B 219 -8.76 21.13 34.95
C ALA B 219 -8.69 19.59 35.04
N LEU B 220 -7.57 18.99 34.59
CA LEU B 220 -7.34 17.55 34.65
C LEU B 220 -7.29 17.06 36.09
N GLN B 221 -6.70 17.87 37.01
CA GLN B 221 -6.65 17.50 38.44
C GLN B 221 -8.02 17.64 39.12
N ARG B 222 -8.82 18.62 38.67
CA ARG B 222 -10.18 18.89 39.17
C ARG B 222 -11.10 17.69 38.84
N LYS B 223 -10.93 17.11 37.64
CA LYS B 223 -11.72 15.96 37.19
C LYS B 223 -11.18 14.63 37.72
N TYR B 224 -9.88 14.38 37.48
CA TYR B 224 -9.21 13.15 37.91
C TYR B 224 -8.45 13.47 39.18
N GLY B 225 -7.63 12.59 39.67
CA GLY B 225 -7.00 13.07 40.90
C GLY B 225 -5.60 13.58 40.70
N GLY B 226 -4.74 13.10 41.56
CA GLY B 226 -3.31 13.30 41.51
C GLY B 226 -2.81 14.69 41.70
N ALA B 227 -1.49 14.77 41.51
CA ALA B 227 -0.69 15.96 41.60
C ALA B 227 0.57 15.73 40.78
N LEU B 228 1.32 16.82 40.58
CA LEU B 228 2.58 16.83 39.86
C LEU B 228 3.69 16.58 40.83
N VAL B 229 4.51 15.55 40.59
CA VAL B 229 5.62 15.21 41.46
C VAL B 229 6.93 15.19 40.67
N ARG B 230 7.99 15.82 41.21
CA ARG B 230 9.32 15.78 40.60
C ARG B 230 10.02 14.48 41.04
N ASN B 231 10.63 13.80 40.11
CA ASN B 231 11.40 12.60 40.39
C ASN B 231 12.87 13.06 40.62
N PRO B 232 13.55 12.65 41.71
CA PRO B 232 14.96 13.08 41.90
C PRO B 232 15.96 12.47 40.90
N LEU B 233 15.51 11.46 40.10
CA LEU B 233 16.34 10.84 39.06
C LEU B 233 16.33 11.67 37.77
N SER B 234 15.37 12.62 37.63
CA SER B 234 15.31 13.55 36.48
C SER B 234 16.55 14.44 36.51
N ARG B 235 17.11 14.74 35.33
CA ARG B 235 18.28 15.61 35.20
C ARG B 235 17.82 17.06 35.36
N ASN B 236 18.72 17.98 35.74
CA ASN B 236 18.36 19.41 35.95
C ASN B 236 18.06 20.16 34.67
N SER B 237 18.52 19.60 33.53
CA SER B 237 18.38 20.09 32.16
C SER B 237 16.91 20.02 31.67
N THR B 238 16.03 19.34 32.46
CA THR B 238 14.59 19.18 32.22
C THR B 238 13.74 19.63 33.42
N HIS B 239 12.57 20.22 33.15
CA HIS B 239 11.67 20.64 34.23
C HIS B 239 10.47 19.65 34.32
N GLU B 240 10.61 18.45 33.74
CA GLU B 240 9.56 17.44 33.73
C GLU B 240 9.09 17.08 35.13
N MET B 241 7.77 17.00 35.28
CA MET B 241 7.14 16.58 36.53
C MET B 241 6.16 15.53 36.14
N TYR B 242 5.85 14.60 37.03
CA TYR B 242 4.90 13.56 36.66
C TYR B 242 3.56 13.73 37.33
N TRP B 243 2.49 13.53 36.58
CA TRP B 243 1.16 13.56 37.11
C TRP B 243 0.86 12.12 37.59
N VAL B 244 0.91 11.94 38.91
CA VAL B 244 0.66 10.67 39.59
C VAL B 244 -0.72 10.71 40.29
N SER B 245 -1.44 9.57 40.28
CA SER B 245 -2.80 9.44 40.81
C SER B 245 -2.94 9.55 42.31
N ASN B 246 -2.00 8.94 43.09
CA ASN B 246 -2.09 8.95 44.56
C ASN B 246 -1.30 10.06 45.21
N ALA B 247 -1.26 11.22 44.59
CA ALA B 247 -0.62 12.39 45.15
C ALA B 247 -1.70 13.45 45.28
N SER B 248 -1.43 14.49 46.05
CA SER B 248 -2.34 15.62 46.25
C SER B 248 -1.46 16.85 46.36
N GLY B 249 -2.03 18.00 46.01
CA GLY B 249 -1.34 19.28 46.07
C GLY B 249 -1.57 20.20 44.90
N ASN B 250 -1.58 21.50 45.19
CA ASN B 250 -1.70 22.63 44.28
C ASN B 250 -0.65 22.55 43.16
N ILE B 251 -1.09 22.72 41.90
CA ILE B 251 -0.25 22.65 40.71
C ILE B 251 0.77 23.79 40.71
N VAL B 252 0.33 25.08 40.80
CA VAL B 252 1.20 26.29 40.77
C VAL B 252 2.28 26.23 41.85
N SER B 253 1.86 25.90 43.07
CA SER B 253 2.77 25.76 44.19
C SER B 253 3.84 24.68 43.95
N SER B 254 3.42 23.49 43.45
N SER B 254 3.44 23.48 43.46
CA SER B 254 4.30 22.35 43.13
CA SER B 254 4.38 22.39 43.19
C SER B 254 5.35 22.72 42.09
C SER B 254 5.37 22.71 42.07
N VAL B 255 4.91 23.38 41.01
CA VAL B 255 5.72 23.80 39.86
C VAL B 255 6.70 24.89 40.27
N ASN B 256 6.23 25.95 40.96
CA ASN B 256 7.13 27.05 41.40
C ASN B 256 8.24 26.62 42.35
N MET B 257 7.94 25.60 43.17
CA MET B 257 8.93 25.04 44.07
C MET B 257 10.06 24.33 43.29
N ILE B 258 9.72 23.66 42.17
CA ILE B 258 10.69 22.96 41.29
C ILE B 258 11.47 23.97 40.44
N SER B 259 10.82 25.08 40.02
CA SER B 259 11.46 26.18 39.27
C SER B 259 12.59 26.82 40.10
N ARG B 260 12.28 27.08 41.38
CA ARG B 260 13.16 27.64 42.41
C ARG B 260 14.35 26.72 42.65
N MET B 261 14.05 25.44 42.87
CA MET B 261 15.04 24.39 43.11
C MET B 261 16.02 24.28 41.95
N LEU B 262 15.52 24.25 40.71
CA LEU B 262 16.37 24.17 39.50
C LEU B 262 17.21 25.45 39.29
N ILE B 263 16.61 26.65 39.60
CA ILE B 263 17.35 27.92 39.52
C ILE B 263 18.48 27.90 40.57
N ASN B 264 18.18 27.47 41.83
CA ASN B 264 19.18 27.38 42.91
C ASN B 264 20.31 26.40 42.59
N ARG B 265 20.04 25.34 41.80
CA ARG B 265 21.06 24.34 41.43
C ARG B 265 22.11 24.90 40.45
N PHE B 266 21.82 26.07 39.80
CA PHE B 266 22.76 26.73 38.90
C PHE B 266 23.98 27.19 39.71
N THR B 267 23.76 27.77 40.92
CA THR B 267 24.82 28.33 41.76
C THR B 267 25.45 27.35 42.75
N MET B 268 24.79 26.24 43.12
CA MET B 268 25.46 25.21 43.93
C MET B 268 26.27 24.36 42.90
N ARG B 269 27.17 25.04 42.15
CA ARG B 269 28.00 24.49 41.08
C ARG B 269 28.91 23.37 41.56
N HIS B 270 29.20 22.45 40.63
CA HIS B 270 30.13 21.31 40.76
C HIS B 270 29.80 20.41 41.98
N LYS B 271 28.57 19.85 41.98
CA LYS B 271 28.06 18.88 42.96
C LYS B 271 27.84 17.58 42.18
N LYS B 272 28.60 16.53 42.52
CA LYS B 272 28.51 15.24 41.83
C LYS B 272 27.15 14.54 42.07
N ALA B 273 26.79 13.59 41.19
CA ALA B 273 25.55 12.85 41.32
C ALA B 273 25.64 11.81 42.43
N THR B 274 24.64 11.79 43.31
CA THR B 274 24.47 10.80 44.38
C THR B 274 24.08 9.51 43.63
N TYR B 275 25.01 8.55 43.52
CA TYR B 275 24.79 7.30 42.80
C TYR B 275 23.92 6.31 43.57
N GLU B 276 22.83 5.93 42.90
CA GLU B 276 21.77 4.99 43.29
C GLU B 276 22.09 3.62 42.67
N PRO B 277 21.68 2.49 43.27
CA PRO B 277 21.91 1.21 42.59
C PRO B 277 20.82 0.97 41.53
N ASP B 278 21.20 0.35 40.39
CA ASP B 278 20.24 0.03 39.33
C ASP B 278 19.32 -1.08 39.84
N VAL B 279 18.12 -1.16 39.27
CA VAL B 279 17.08 -2.09 39.66
C VAL B 279 17.32 -3.52 39.11
N ASP B 280 17.11 -4.53 39.97
CA ASP B 280 17.22 -5.94 39.60
C ASP B 280 15.78 -6.39 39.33
N LEU B 281 15.47 -6.61 38.04
CA LEU B 281 14.12 -6.98 37.59
C LEU B 281 13.86 -8.50 37.62
N GLY B 282 14.79 -9.26 38.19
CA GLY B 282 14.71 -10.71 38.37
C GLY B 282 14.63 -11.48 37.07
N SER B 283 13.94 -12.62 37.12
CA SER B 283 13.73 -13.51 35.98
C SER B 283 12.51 -14.40 36.22
N GLY B 284 12.06 -15.05 35.16
CA GLY B 284 10.97 -16.00 35.25
C GLY B 284 9.59 -15.52 34.88
N THR B 285 8.73 -16.50 34.71
CA THR B 285 7.35 -16.31 34.34
C THR B 285 6.51 -15.98 35.59
N ARG B 286 5.27 -15.60 35.36
CA ARG B 286 4.29 -15.28 36.39
C ARG B 286 2.96 -15.88 36.07
N ASN B 287 2.29 -16.37 37.12
CA ASN B 287 0.95 -16.91 37.03
C ASN B 287 -0.01 -15.83 37.46
N ILE B 288 -1.13 -15.65 36.72
CA ILE B 288 -2.08 -14.59 36.99
C ILE B 288 -3.53 -15.11 37.31
N GLY B 289 -3.72 -16.42 37.29
CA GLY B 289 -5.01 -17.01 37.66
C GLY B 289 -5.89 -17.52 36.54
N ILE B 290 -5.57 -17.22 35.27
CA ILE B 290 -6.36 -17.72 34.15
C ILE B 290 -5.97 -19.18 33.91
N GLU B 291 -6.92 -20.03 34.18
CA GLU B 291 -6.82 -21.48 34.01
C GLU B 291 -8.14 -21.77 33.31
N SER B 292 -8.06 -22.12 32.04
CA SER B 292 -9.24 -22.38 31.22
C SER B 292 -9.33 -23.84 30.82
N GLU B 293 -8.31 -24.64 31.13
CA GLU B 293 -8.27 -26.03 30.71
C GLU B 293 -8.73 -27.00 31.78
N THR B 294 -9.74 -27.80 31.47
CA THR B 294 -10.23 -28.80 32.40
C THR B 294 -9.77 -30.20 31.93
N PRO B 295 -8.68 -30.74 32.53
CA PRO B 295 -8.16 -32.03 32.07
C PRO B 295 -9.05 -33.20 32.41
N ASN B 296 -8.88 -34.31 31.67
CA ASN B 296 -9.58 -35.55 32.00
C ASN B 296 -8.51 -36.37 32.73
N LEU B 297 -8.47 -36.20 34.05
CA LEU B 297 -7.50 -36.82 34.96
C LEU B 297 -7.61 -38.34 35.04
N ASP B 298 -8.73 -38.92 34.58
CA ASP B 298 -8.92 -40.38 34.49
C ASP B 298 -8.10 -40.95 33.31
N ILE B 299 -7.88 -40.12 32.27
CA ILE B 299 -7.19 -40.50 31.04
C ILE B 299 -5.69 -40.18 31.11
N ILE B 300 -5.34 -39.01 31.65
CA ILE B 300 -3.95 -38.53 31.70
C ILE B 300 -3.22 -38.77 33.03
N GLY B 301 -3.96 -39.19 34.09
CA GLY B 301 -3.44 -39.43 35.43
C GLY B 301 -2.26 -40.37 35.59
N LYS B 302 -2.26 -41.54 34.89
CA LYS B 302 -1.20 -42.57 34.98
C LYS B 302 0.10 -42.04 34.39
N ARG B 303 0.00 -41.28 33.29
CA ARG B 303 1.12 -40.66 32.61
C ARG B 303 1.84 -39.63 33.48
N ILE B 304 1.07 -38.77 34.22
CA ILE B 304 1.58 -37.74 35.12
C ILE B 304 2.27 -38.38 36.32
N GLU B 305 1.61 -39.36 36.97
CA GLU B 305 2.17 -40.08 38.12
C GLU B 305 3.47 -40.81 37.79
N LYS B 306 3.59 -41.35 36.58
CA LYS B 306 4.82 -42.04 36.18
C LYS B 306 5.96 -41.02 36.10
N ILE B 307 5.71 -39.87 35.45
CA ILE B 307 6.71 -38.78 35.36
C ILE B 307 7.06 -38.28 36.76
N LYS B 308 6.03 -37.98 37.59
CA LYS B 308 6.12 -37.51 38.98
C LYS B 308 6.98 -38.47 39.85
N GLN B 309 6.74 -39.81 39.75
CA GLN B 309 7.52 -40.75 40.54
C GLN B 309 8.95 -40.88 40.06
N GLU B 310 9.20 -40.77 38.75
CA GLU B 310 10.56 -40.84 38.18
C GLU B 310 11.39 -39.59 38.52
N HIS B 311 10.74 -38.48 38.90
CA HIS B 311 11.43 -37.21 39.20
C HIS B 311 11.09 -36.68 40.58
N GLU B 312 10.83 -37.60 41.52
CA GLU B 312 10.50 -37.40 42.93
C GLU B 312 11.48 -36.45 43.67
N THR B 313 12.76 -36.52 43.31
CA THR B 313 13.86 -35.72 43.89
C THR B 313 13.69 -34.20 43.64
N SER B 314 13.18 -33.76 42.43
CA SER B 314 12.96 -32.34 42.14
C SER B 314 11.50 -31.94 41.81
N TRP B 315 10.53 -32.90 41.66
CA TRP B 315 9.14 -32.52 41.37
C TRP B 315 8.62 -31.54 42.42
N HIS B 316 7.95 -30.48 41.96
CA HIS B 316 7.42 -29.40 42.76
C HIS B 316 6.37 -28.71 41.92
N TYR B 317 5.60 -27.84 42.56
CA TYR B 317 4.58 -27.08 41.88
C TYR B 317 5.06 -25.66 41.75
N ASP B 318 5.36 -25.27 40.52
CA ASP B 318 5.79 -23.89 40.22
C ASP B 318 4.55 -23.03 40.12
N GLN B 319 4.33 -22.22 41.15
CA GLN B 319 3.18 -21.34 41.27
C GLN B 319 3.25 -20.17 40.29
N ASP B 320 4.39 -19.96 39.63
CA ASP B 320 4.54 -18.90 38.67
C ASP B 320 4.62 -19.42 37.24
N HIS B 321 4.12 -20.66 36.99
CA HIS B 321 4.06 -21.27 35.66
C HIS B 321 3.21 -20.34 34.74
N PRO B 322 3.51 -20.24 33.42
CA PRO B 322 2.77 -19.26 32.57
C PRO B 322 1.51 -19.74 31.84
N TYR B 323 1.16 -21.03 31.97
CA TYR B 323 0.10 -21.67 31.21
C TYR B 323 -1.31 -21.20 31.58
N LYS B 324 -2.05 -20.79 30.54
CA LYS B 324 -3.39 -20.25 30.60
C LYS B 324 -4.38 -21.27 30.08
N THR B 325 -4.14 -21.82 28.90
CA THR B 325 -5.07 -22.69 28.20
C THR B 325 -4.61 -24.17 28.19
N TRP B 326 -3.49 -24.43 28.82
CA TRP B 326 -2.94 -25.75 28.99
C TRP B 326 -2.95 -26.00 30.50
N ALA B 327 -3.42 -27.19 30.92
CA ALA B 327 -3.44 -27.58 32.34
C ALA B 327 -2.00 -27.90 32.74
N TYR B 328 -1.58 -27.40 33.90
CA TYR B 328 -0.25 -27.59 34.46
C TYR B 328 -0.27 -28.64 35.58
N HIS B 329 0.70 -29.56 35.54
CA HIS B 329 0.74 -30.66 36.50
C HIS B 329 1.96 -30.69 37.42
N GLY B 330 2.92 -29.81 37.23
CA GLY B 330 4.14 -29.77 38.04
C GLY B 330 5.38 -29.65 37.19
N SER B 331 6.55 -29.42 37.84
CA SER B 331 7.84 -29.20 37.21
C SER B 331 8.91 -29.97 37.93
N TYR B 332 10.01 -30.28 37.21
CA TYR B 332 11.20 -30.94 37.75
C TYR B 332 12.42 -30.35 37.04
N GLU B 333 13.58 -30.39 37.68
CA GLU B 333 14.85 -29.87 37.14
C GLU B 333 15.28 -30.66 35.92
N THR B 334 15.77 -29.92 34.92
CA THR B 334 16.21 -30.48 33.66
C THR B 334 17.41 -29.69 33.19
N LYS B 335 18.23 -30.34 32.34
CA LYS B 335 19.41 -29.72 31.75
C LYS B 335 18.98 -29.05 30.45
N GLN B 336 19.26 -27.74 30.31
CA GLN B 336 18.92 -26.92 29.13
C GLN B 336 19.26 -27.59 27.80
N THR B 337 18.36 -27.42 26.83
CA THR B 337 18.50 -27.93 25.47
C THR B 337 18.24 -26.77 24.46
N GLY B 338 18.77 -26.92 23.25
CA GLY B 338 18.57 -25.93 22.20
C GLY B 338 19.63 -24.86 22.14
N SER B 339 19.64 -24.13 21.03
CA SER B 339 20.62 -23.09 20.75
C SER B 339 19.99 -21.84 20.17
N ALA B 340 20.63 -20.71 20.45
CA ALA B 340 20.26 -19.40 19.95
C ALA B 340 21.25 -18.97 18.85
N SER B 341 22.39 -19.71 18.71
CA SER B 341 23.46 -19.43 17.76
C SER B 341 23.09 -19.73 16.30
N SER B 342 23.89 -19.18 15.36
CA SER B 342 23.71 -19.29 13.91
C SER B 342 25.05 -18.96 13.24
N MET B 343 25.52 -19.85 12.36
CA MET B 343 26.79 -19.65 11.65
C MET B 343 26.57 -19.37 10.16
N VAL B 344 27.43 -18.52 9.58
CA VAL B 344 27.41 -18.15 8.16
C VAL B 344 28.20 -19.20 7.37
N ASN B 345 27.64 -19.70 6.23
CA ASN B 345 28.37 -20.64 5.37
C ASN B 345 29.35 -19.77 4.57
N GLY B 346 30.62 -19.83 4.94
CA GLY B 346 31.69 -19.05 4.32
C GLY B 346 31.92 -19.32 2.86
N VAL B 347 31.82 -20.60 2.46
CA VAL B 347 31.98 -21.08 1.07
C VAL B 347 30.95 -20.36 0.16
N VAL B 348 29.68 -20.30 0.59
CA VAL B 348 28.58 -19.66 -0.13
C VAL B 348 28.69 -18.13 -0.06
N ARG B 349 29.06 -17.56 1.11
CA ARG B 349 29.20 -16.10 1.28
C ARG B 349 30.29 -15.55 0.35
N LEU B 350 31.43 -16.26 0.24
CA LEU B 350 32.56 -15.84 -0.60
C LEU B 350 32.26 -15.87 -2.08
N LEU B 351 31.37 -16.78 -2.49
CA LEU B 351 30.96 -16.97 -3.89
C LEU B 351 29.64 -16.25 -4.29
N THR B 352 29.03 -15.45 -3.38
CA THR B 352 27.80 -14.66 -3.62
C THR B 352 27.96 -13.28 -2.95
N LYS B 353 29.06 -12.57 -3.26
CA LYS B 353 29.47 -11.27 -2.72
C LYS B 353 28.48 -10.12 -3.04
N PRO B 354 27.85 -9.95 -4.25
CA PRO B 354 26.87 -8.84 -4.43
C PRO B 354 25.68 -8.83 -3.46
N TRP B 355 25.43 -9.98 -2.80
CA TRP B 355 24.34 -10.20 -1.85
C TRP B 355 24.72 -9.87 -0.40
N ASP B 356 25.97 -9.41 -0.16
CA ASP B 356 26.46 -9.01 1.18
C ASP B 356 25.81 -7.69 1.63
N VAL B 357 25.26 -6.92 0.68
CA VAL B 357 24.62 -5.62 0.92
C VAL B 357 23.07 -5.69 0.90
N ILE B 358 22.49 -6.89 0.71
CA ILE B 358 21.05 -7.12 0.66
C ILE B 358 20.54 -7.64 2.02
N PRO B 359 19.77 -6.81 2.80
CA PRO B 359 19.32 -7.25 4.14
C PRO B 359 18.47 -8.51 4.17
N MET B 360 17.61 -8.72 3.17
CA MET B 360 16.73 -9.88 3.06
C MET B 360 17.53 -11.21 2.91
N VAL B 361 18.83 -11.10 2.59
CA VAL B 361 19.79 -12.23 2.53
C VAL B 361 20.55 -12.31 3.88
N THR B 362 21.24 -11.21 4.29
CA THR B 362 22.10 -11.12 5.48
C THR B 362 21.36 -11.25 6.84
N GLN B 363 20.11 -10.74 6.94
CA GLN B 363 19.34 -10.82 8.20
C GLN B 363 18.71 -12.21 8.42
N MET B 364 18.98 -13.16 7.52
CA MET B 364 18.52 -14.53 7.64
C MET B 364 19.32 -15.17 8.78
N ALA B 365 18.64 -15.80 9.74
CA ALA B 365 19.31 -16.45 10.86
C ALA B 365 18.59 -17.70 11.29
N MET B 366 19.19 -18.45 12.21
CA MET B 366 18.61 -19.65 12.77
C MET B 366 17.71 -19.29 13.95
N THR B 367 16.62 -20.06 14.13
CA THR B 367 15.64 -19.83 15.22
C THR B 367 16.24 -20.19 16.60
N ASP B 368 15.75 -19.49 17.65
CA ASP B 368 16.16 -19.68 19.02
C ASP B 368 15.39 -20.85 19.61
N THR B 369 16.05 -22.01 19.79
CA THR B 369 15.48 -23.27 20.30
C THR B 369 15.74 -23.51 21.79
N THR B 370 16.27 -22.48 22.50
CA THR B 370 16.55 -22.51 23.94
C THR B 370 15.21 -22.43 24.68
N PRO B 371 15.14 -22.80 26.01
CA PRO B 371 13.85 -22.71 26.73
C PRO B 371 13.15 -21.36 26.65
N PHE B 372 13.88 -20.23 26.67
CA PHE B 372 13.26 -18.91 26.53
C PHE B 372 12.70 -18.71 25.14
N GLY B 373 13.45 -19.13 24.09
CA GLY B 373 13.05 -19.04 22.69
C GLY B 373 11.77 -19.81 22.39
N GLN B 374 11.65 -21.01 22.97
CA GLN B 374 10.49 -21.90 22.91
C GLN B 374 9.28 -21.28 23.67
N GLN B 375 9.50 -20.73 24.87
CA GLN B 375 8.48 -20.14 25.73
C GLN B 375 7.84 -18.88 25.14
N ARG B 376 8.62 -18.09 24.42
CA ARG B 376 8.15 -16.90 23.69
C ARG B 376 7.18 -17.31 22.60
N VAL B 377 7.46 -18.41 21.86
CA VAL B 377 6.60 -18.89 20.80
C VAL B 377 5.34 -19.54 21.34
N PHE B 378 5.49 -20.31 22.45
CA PHE B 378 4.37 -20.93 23.16
C PHE B 378 3.35 -19.86 23.58
N LYS B 379 3.80 -18.81 24.26
CA LYS B 379 2.96 -17.72 24.74
C LYS B 379 2.07 -17.14 23.61
N GLU B 380 2.72 -16.83 22.49
CA GLU B 380 2.16 -16.18 21.33
C GLU B 380 1.28 -17.07 20.47
N LYS B 381 1.73 -18.31 20.19
CA LYS B 381 1.04 -19.22 19.28
C LYS B 381 0.32 -20.42 19.90
N VAL B 382 0.94 -21.08 20.88
CA VAL B 382 0.42 -22.36 21.40
C VAL B 382 -0.54 -22.19 22.58
N ASP B 383 -0.35 -21.14 23.42
CA ASP B 383 -1.23 -20.91 24.56
C ASP B 383 -2.44 -20.06 24.16
N THR B 384 -3.26 -20.64 23.28
CA THR B 384 -4.47 -20.01 22.70
C THR B 384 -5.62 -21.01 22.71
N ARG B 385 -6.84 -20.51 22.77
CA ARG B 385 -8.05 -21.35 22.76
C ARG B 385 -8.83 -21.00 21.49
N THR B 386 -9.45 -22.01 20.85
CA THR B 386 -10.31 -21.86 19.68
C THR B 386 -11.74 -22.02 20.16
N GLN B 387 -12.60 -21.02 19.83
CA GLN B 387 -14.04 -21.01 20.14
C GLN B 387 -14.76 -22.24 19.59
N GLU B 388 -15.73 -22.76 20.32
CA GLU B 388 -16.49 -23.94 19.94
C GLU B 388 -17.30 -23.68 18.66
N PRO B 389 -17.20 -24.53 17.61
CA PRO B 389 -18.01 -24.29 16.39
C PRO B 389 -19.51 -24.42 16.66
N LYS B 390 -20.34 -23.68 15.90
CA LYS B 390 -21.80 -23.68 16.01
C LYS B 390 -22.39 -25.03 15.62
N GLU B 391 -23.70 -25.23 15.89
CA GLU B 391 -24.36 -26.53 15.66
C GLU B 391 -24.40 -26.96 14.20
N GLY B 392 -24.64 -26.00 13.29
CA GLY B 392 -24.68 -26.27 11.85
C GLY B 392 -23.31 -26.64 11.32
N THR B 393 -22.26 -25.88 11.76
CA THR B 393 -20.85 -26.12 11.42
C THR B 393 -20.44 -27.55 11.79
N LYS B 394 -20.83 -27.98 13.01
CA LYS B 394 -20.58 -29.33 13.55
C LYS B 394 -21.20 -30.41 12.66
N LYS B 395 -22.46 -30.18 12.20
CA LYS B 395 -23.20 -31.06 11.29
C LYS B 395 -22.51 -31.11 9.94
N LEU B 396 -22.15 -29.93 9.38
CA LEU B 396 -21.43 -29.82 8.11
C LEU B 396 -20.15 -30.66 8.12
N MET B 397 -19.31 -30.50 9.18
CA MET B 397 -18.04 -31.19 9.37
C MET B 397 -18.21 -32.69 9.51
N LYS B 398 -19.16 -33.15 10.35
CA LYS B 398 -19.43 -34.59 10.56
C LYS B 398 -19.87 -35.30 9.27
N ILE B 399 -20.83 -34.71 8.52
CA ILE B 399 -21.32 -35.22 7.22
C ILE B 399 -20.17 -35.29 6.18
N THR B 400 -19.37 -34.19 6.05
CA THR B 400 -18.26 -34.14 5.08
C THR B 400 -17.17 -35.19 5.41
N ALA B 401 -16.74 -35.30 6.67
CA ALA B 401 -15.74 -36.28 7.11
C ALA B 401 -16.22 -37.73 6.91
N GLU B 402 -17.49 -38.02 7.22
CA GLU B 402 -18.12 -39.34 7.00
C GLU B 402 -17.97 -39.72 5.53
N TRP B 403 -18.36 -38.79 4.64
CA TRP B 403 -18.30 -38.94 3.19
C TRP B 403 -16.86 -39.13 2.70
N LEU B 404 -15.96 -38.23 3.15
CA LEU B 404 -14.54 -38.21 2.79
C LEU B 404 -13.78 -39.47 3.26
N TRP B 405 -14.06 -40.03 4.46
CA TRP B 405 -13.41 -41.29 4.87
C TRP B 405 -13.84 -42.45 3.97
N LYS B 406 -15.15 -42.50 3.59
CA LYS B 406 -15.74 -43.48 2.66
C LYS B 406 -15.15 -43.37 1.26
N GLU B 407 -14.83 -42.14 0.81
CA GLU B 407 -14.22 -41.90 -0.50
C GLU B 407 -12.82 -42.48 -0.58
N LEU B 408 -11.97 -42.10 0.40
CA LEU B 408 -10.57 -42.52 0.52
C LEU B 408 -10.46 -44.03 0.75
N GLY B 409 -11.52 -44.60 1.30
CA GLY B 409 -11.62 -46.02 1.62
C GLY B 409 -12.18 -46.91 0.52
N LYS B 410 -12.58 -46.33 -0.63
CA LYS B 410 -13.13 -47.06 -1.77
C LYS B 410 -12.12 -48.06 -2.38
N LYS B 411 -10.93 -47.58 -2.81
CA LYS B 411 -9.89 -48.42 -3.43
C LYS B 411 -8.81 -48.86 -2.40
N LYS B 412 -8.99 -48.47 -1.12
CA LYS B 412 -8.06 -48.74 -0.02
C LYS B 412 -8.72 -49.34 1.21
N THR B 413 -8.02 -50.24 1.90
CA THR B 413 -8.50 -50.91 3.10
C THR B 413 -7.58 -50.68 4.30
N PRO B 414 -8.11 -50.16 5.46
CA PRO B 414 -7.26 -49.95 6.63
C PRO B 414 -6.66 -51.24 7.18
N ARG B 415 -5.34 -51.24 7.43
CA ARG B 415 -4.65 -52.40 7.98
C ARG B 415 -3.66 -52.03 9.07
N MET B 416 -3.18 -53.04 9.81
CA MET B 416 -2.16 -52.88 10.82
C MET B 416 -0.78 -53.00 10.19
N CYS B 417 0.13 -52.09 10.56
CA CYS B 417 1.49 -52.17 10.09
C CYS B 417 2.26 -53.00 11.12
N THR B 418 3.38 -53.57 10.70
CA THR B 418 4.05 -54.54 11.56
C THR B 418 5.37 -54.02 12.21
N ARG B 419 5.84 -54.79 13.23
CA ARG B 419 7.10 -54.61 13.97
C ARG B 419 8.24 -54.73 12.98
N GLU B 420 8.15 -55.71 12.05
CA GLU B 420 9.14 -55.94 10.98
C GLU B 420 9.15 -54.79 10.01
N GLU B 421 7.96 -54.21 9.69
CA GLU B 421 7.82 -53.04 8.80
C GLU B 421 8.53 -51.84 9.47
N PHE B 422 8.25 -51.61 10.78
CA PHE B 422 8.82 -50.55 11.62
C PHE B 422 10.32 -50.70 11.72
N THR B 423 10.80 -51.95 11.99
CA THR B 423 12.22 -52.33 12.12
C THR B 423 12.96 -52.04 10.83
N ARG B 424 12.37 -52.45 9.68
CA ARG B 424 12.86 -52.24 8.33
C ARG B 424 13.07 -50.75 8.10
N LYS B 425 12.07 -49.91 8.46
CA LYS B 425 12.12 -48.45 8.37
C LYS B 425 13.25 -47.90 9.20
N VAL B 426 13.33 -48.36 10.48
CA VAL B 426 14.33 -47.93 11.46
C VAL B 426 15.78 -48.16 10.95
N ARG B 427 16.08 -49.40 10.47
CA ARG B 427 17.39 -49.82 9.95
C ARG B 427 17.79 -49.03 8.70
N SER B 428 16.86 -48.92 7.72
CA SER B 428 17.06 -48.18 6.45
C SER B 428 17.17 -46.65 6.60
N ASN B 429 17.24 -46.15 7.87
CA ASN B 429 17.33 -44.73 8.24
C ASN B 429 16.21 -43.91 7.56
N ALA B 430 14.99 -44.51 7.50
CA ALA B 430 13.80 -43.95 6.86
C ALA B 430 13.11 -42.84 7.65
N ALA B 431 12.08 -42.25 7.02
CA ALA B 431 11.29 -41.17 7.59
C ALA B 431 10.25 -41.66 8.60
N LEU B 432 10.63 -41.59 9.90
CA LEU B 432 9.74 -41.93 11.02
C LEU B 432 9.28 -40.61 11.65
N GLY B 433 10.25 -39.82 12.11
CA GLY B 433 10.01 -38.52 12.71
C GLY B 433 10.87 -38.25 13.92
N ALA B 434 10.30 -37.53 14.87
CA ALA B 434 10.94 -37.14 16.11
C ALA B 434 10.71 -38.19 17.20
N ILE B 435 11.77 -38.96 17.54
CA ILE B 435 11.72 -40.00 18.56
C ILE B 435 12.84 -39.87 19.61
N PHE B 436 12.73 -40.61 20.75
CA PHE B 436 13.75 -40.67 21.80
C PHE B 436 13.95 -42.10 22.29
N THR B 437 15.23 -42.42 22.47
CA THR B 437 15.85 -43.73 22.73
C THR B 437 15.99 -44.08 24.23
N ASP B 438 14.93 -43.84 25.05
CA ASP B 438 14.89 -44.15 26.51
C ASP B 438 16.17 -43.69 27.23
N GLU B 439 16.56 -42.40 26.99
CA GLU B 439 17.77 -41.75 27.52
C GLU B 439 19.00 -42.59 27.15
N ASN B 440 19.57 -43.34 28.10
CA ASN B 440 20.68 -44.24 27.81
C ASN B 440 20.45 -45.61 28.44
N LYS B 441 19.73 -46.42 27.66
CA LYS B 441 19.36 -47.81 27.84
C LYS B 441 19.65 -48.37 26.44
N TRP B 442 19.44 -47.49 25.43
CA TRP B 442 19.67 -47.66 24.00
C TRP B 442 20.27 -46.37 23.46
N LYS B 443 21.36 -46.50 22.68
CA LYS B 443 22.08 -45.38 22.09
CA LYS B 443 22.11 -45.39 22.08
C LYS B 443 21.42 -44.85 20.82
N SER B 444 20.70 -45.72 20.09
CA SER B 444 20.00 -45.37 18.86
C SER B 444 18.66 -46.14 18.75
N ALA B 445 17.82 -45.74 17.78
CA ALA B 445 16.54 -46.41 17.51
C ALA B 445 16.82 -47.81 16.94
N ARG B 446 17.89 -47.93 16.11
CA ARG B 446 18.39 -49.17 15.49
C ARG B 446 18.81 -50.18 16.58
N GLU B 447 19.55 -49.70 17.61
CA GLU B 447 20.00 -50.49 18.75
C GLU B 447 18.79 -51.02 19.53
N ALA B 448 17.81 -50.14 19.81
CA ALA B 448 16.57 -50.41 20.54
C ALA B 448 15.67 -51.46 19.87
N VAL B 449 15.47 -51.33 18.55
CA VAL B 449 14.63 -52.18 17.74
C VAL B 449 15.15 -53.64 17.65
N GLU B 450 16.49 -53.83 17.74
CA GLU B 450 17.19 -55.13 17.70
C GLU B 450 17.13 -55.89 19.05
N ASP B 451 16.74 -55.19 20.13
CA ASP B 451 16.63 -55.66 21.51
C ASP B 451 15.20 -56.11 21.83
N SER B 452 15.05 -57.30 22.42
CA SER B 452 13.74 -57.86 22.84
C SER B 452 13.15 -57.12 24.07
N GLY B 453 14.02 -56.42 24.81
CA GLY B 453 13.68 -55.63 25.99
C GLY B 453 12.83 -54.43 25.62
N PHE B 454 13.14 -53.77 24.48
CA PHE B 454 12.37 -52.65 23.95
C PHE B 454 10.96 -53.09 23.58
N TRP B 455 10.81 -54.26 22.94
CA TRP B 455 9.51 -54.76 22.50
C TRP B 455 8.64 -55.22 23.67
N GLU B 456 9.25 -55.57 24.82
CA GLU B 456 8.56 -55.95 26.06
C GLU B 456 7.91 -54.69 26.66
N LEU B 457 8.58 -53.54 26.52
CA LEU B 457 8.09 -52.23 26.97
C LEU B 457 6.88 -51.82 26.11
N VAL B 458 7.01 -52.05 24.78
CA VAL B 458 5.97 -51.81 23.75
C VAL B 458 4.72 -52.61 24.09
N ASP B 459 4.87 -53.94 24.39
CA ASP B 459 3.80 -54.88 24.77
C ASP B 459 3.04 -54.46 26.03
N LYS B 460 3.76 -53.95 27.04
CA LYS B 460 3.15 -53.48 28.28
C LYS B 460 2.23 -52.29 27.97
N GLU B 461 2.71 -51.35 27.15
CA GLU B 461 1.90 -50.20 26.74
C GLU B 461 0.75 -50.62 25.80
N ARG B 462 1.04 -51.56 24.88
CA ARG B 462 0.07 -52.13 23.95
C ARG B 462 -1.12 -52.76 24.68
N ASN B 463 -0.83 -53.56 25.72
CA ASN B 463 -1.83 -54.22 26.55
C ASN B 463 -2.66 -53.24 27.37
N LEU B 464 -2.06 -52.11 27.78
CA LEU B 464 -2.75 -51.04 28.50
C LEU B 464 -3.70 -50.34 27.52
N HIS B 465 -3.21 -50.07 26.28
CA HIS B 465 -4.00 -49.46 25.20
C HIS B 465 -5.23 -50.34 24.87
N LEU B 466 -5.06 -51.69 24.86
CA LEU B 466 -6.16 -52.65 24.63
C LEU B 466 -7.26 -52.65 25.70
N GLU B 467 -6.98 -52.07 26.89
CA GLU B 467 -7.93 -51.91 27.99
C GLU B 467 -8.25 -50.42 28.33
N GLY B 468 -8.06 -49.53 27.35
CA GLY B 468 -8.35 -48.09 27.44
C GLY B 468 -7.48 -47.32 28.41
N LYS B 469 -6.22 -47.75 28.55
CA LYS B 469 -5.25 -47.13 29.45
C LYS B 469 -4.01 -46.69 28.71
N CYS B 470 -3.41 -45.61 29.21
CA CYS B 470 -2.17 -45.06 28.66
C CYS B 470 -1.24 -44.65 29.79
N GLU B 471 0.02 -45.08 29.71
CA GLU B 471 1.02 -44.82 30.75
C GLU B 471 2.34 -44.15 30.24
N THR B 472 2.70 -44.34 28.95
CA THR B 472 3.99 -43.84 28.42
C THR B 472 3.94 -42.82 27.28
N CYS B 473 2.77 -42.61 26.69
CA CYS B 473 2.63 -41.79 25.48
C CYS B 473 2.46 -40.28 25.79
N VAL B 474 3.63 -39.67 26.10
CA VAL B 474 3.89 -38.28 26.49
C VAL B 474 4.80 -37.65 25.42
N TYR B 475 4.45 -36.45 24.92
CA TYR B 475 5.28 -35.77 23.92
C TYR B 475 6.32 -34.91 24.58
N ASN B 476 7.51 -34.83 23.97
CA ASN B 476 8.58 -33.94 24.41
C ASN B 476 8.68 -32.82 23.42
N MET B 477 8.18 -31.63 23.79
CA MET B 477 8.26 -30.46 22.94
C MET B 477 9.68 -29.95 22.93
N MET B 478 10.21 -29.76 21.73
CA MET B 478 11.55 -29.21 21.51
C MET B 478 11.48 -28.18 20.41
N GLY B 479 12.33 -27.17 20.46
CA GLY B 479 12.33 -26.14 19.42
C GLY B 479 12.80 -26.70 18.08
N LYS B 480 12.17 -26.27 16.97
CA LYS B 480 12.59 -26.65 15.61
C LYS B 480 13.59 -25.62 15.10
N ARG B 481 14.74 -26.13 14.64
CA ARG B 481 15.74 -25.24 14.09
C ARG B 481 15.48 -25.02 12.59
N GLU B 482 15.04 -23.80 12.29
CA GLU B 482 14.66 -23.31 10.97
C GLU B 482 15.43 -22.04 10.67
N LYS B 483 15.54 -21.69 9.35
CA LYS B 483 16.17 -20.46 8.86
C LYS B 483 15.07 -19.43 8.60
N LYS B 484 15.07 -18.35 9.35
CA LYS B 484 14.04 -17.31 9.22
C LYS B 484 14.69 -15.94 9.19
N LEU B 485 13.97 -14.92 8.66
CA LEU B 485 14.44 -13.55 8.54
C LEU B 485 14.68 -12.79 9.86
N GLY B 486 14.69 -13.49 11.00
CA GLY B 486 14.95 -12.93 12.33
C GLY B 486 14.20 -11.67 12.70
N GLY B 489 17.73 -7.70 13.32
CA GLY B 489 17.73 -7.33 14.72
C GLY B 489 17.02 -8.34 15.61
N LYS B 490 17.82 -9.21 16.29
CA LYS B 490 17.41 -10.31 17.19
C LYS B 490 16.72 -11.48 16.45
N ALA B 491 17.26 -12.71 16.60
CA ALA B 491 16.73 -13.94 15.98
C ALA B 491 15.34 -14.30 16.54
N LYS B 492 14.49 -14.94 15.71
CA LYS B 492 13.13 -15.32 16.06
C LYS B 492 13.13 -16.50 17.03
N GLY B 493 12.00 -16.69 17.71
CA GLY B 493 11.81 -17.84 18.60
C GLY B 493 11.58 -19.08 17.75
N SER B 494 11.49 -20.24 18.39
CA SER B 494 11.30 -21.47 17.62
C SER B 494 9.92 -22.13 17.79
N ARG B 495 9.44 -22.74 16.68
CA ARG B 495 8.22 -23.54 16.59
C ARG B 495 8.54 -24.88 17.29
N ALA B 496 7.51 -25.62 17.73
CA ALA B 496 7.73 -26.89 18.44
C ALA B 496 7.65 -28.11 17.55
N ILE B 497 8.58 -29.03 17.79
CA ILE B 497 8.59 -30.36 17.21
C ILE B 497 8.23 -31.28 18.39
N TRP B 498 7.13 -32.03 18.25
CA TRP B 498 6.62 -32.90 19.30
C TRP B 498 7.22 -34.28 19.19
N TYR B 499 8.29 -34.54 19.96
CA TYR B 499 9.00 -35.83 20.00
C TYR B 499 8.18 -36.85 20.78
N MET B 500 8.11 -38.07 20.26
CA MET B 500 7.40 -39.16 20.93
C MET B 500 8.44 -40.20 21.27
N TRP B 501 8.18 -41.01 22.30
CA TRP B 501 9.06 -42.12 22.63
C TRP B 501 8.94 -43.14 21.45
N LEU B 502 10.05 -43.83 21.08
CA LEU B 502 10.10 -44.83 20.00
C LEU B 502 8.99 -45.88 20.10
N GLY B 503 8.63 -46.23 21.32
CA GLY B 503 7.57 -47.18 21.60
C GLY B 503 6.19 -46.61 21.35
N ALA B 504 6.00 -45.32 21.68
CA ALA B 504 4.75 -44.58 21.47
C ALA B 504 4.55 -44.37 19.97
N ARG B 505 5.67 -44.14 19.24
CA ARG B 505 5.70 -43.97 17.78
C ARG B 505 5.38 -45.29 17.08
N PHE B 506 5.83 -46.43 17.63
CA PHE B 506 5.52 -47.74 17.05
C PHE B 506 4.02 -48.00 17.20
N LEU B 507 3.47 -47.80 18.41
CA LEU B 507 2.03 -48.03 18.63
C LEU B 507 1.15 -47.21 17.71
N GLU B 508 1.60 -45.98 17.35
CA GLU B 508 0.94 -45.05 16.44
C GLU B 508 1.03 -45.57 15.00
N PHE B 509 2.22 -46.01 14.58
CA PHE B 509 2.48 -46.59 13.28
C PHE B 509 1.66 -47.87 13.07
N GLU B 510 1.66 -48.79 14.04
CA GLU B 510 0.89 -50.03 13.96
C GLU B 510 -0.59 -49.74 13.66
N ALA B 511 -1.19 -48.77 14.36
CA ALA B 511 -2.60 -48.38 14.24
C ALA B 511 -2.94 -47.45 13.06
N LEU B 512 -2.11 -46.42 12.78
CA LEU B 512 -2.42 -45.41 11.77
C LEU B 512 -1.37 -45.24 10.65
N GLY B 513 -0.38 -46.11 10.62
CA GLY B 513 0.68 -46.11 9.62
C GLY B 513 0.22 -46.34 8.19
N PHE B 514 -0.90 -47.09 8.01
CA PHE B 514 -1.51 -47.43 6.71
C PHE B 514 -1.87 -46.18 5.87
N LEU B 515 -2.21 -45.04 6.54
CA LEU B 515 -2.53 -43.78 5.86
C LEU B 515 -1.34 -43.30 5.00
N ASN B 516 -0.10 -43.44 5.51
CA ASN B 516 1.10 -43.05 4.79
C ASN B 516 1.69 -44.21 4.01
N GLU B 517 1.73 -45.40 4.64
CA GLU B 517 2.24 -46.64 4.02
C GLU B 517 1.48 -47.00 2.73
N ASP B 518 0.11 -46.94 2.78
CA ASP B 518 -0.77 -47.25 1.65
C ASP B 518 -1.18 -46.03 0.81
N HIS B 519 -0.60 -44.84 1.08
CA HIS B 519 -0.80 -43.58 0.34
C HIS B 519 -2.28 -43.15 0.18
N TRP B 520 -3.02 -43.07 1.30
CA TRP B 520 -4.43 -42.63 1.30
C TRP B 520 -4.58 -41.17 0.78
N PHE B 521 -3.54 -40.34 0.95
CA PHE B 521 -3.56 -38.94 0.55
C PHE B 521 -2.76 -38.67 -0.73
N SER B 522 -2.50 -39.72 -1.52
CA SER B 522 -1.88 -39.60 -2.85
C SER B 522 -2.90 -38.92 -3.78
N ARG B 523 -2.43 -38.27 -4.87
CA ARG B 523 -3.36 -37.61 -5.79
C ARG B 523 -4.33 -38.58 -6.43
N GLU B 524 -3.87 -39.82 -6.75
CA GLU B 524 -4.71 -40.86 -7.33
C GLU B 524 -5.87 -41.24 -6.43
N ASN B 525 -5.58 -41.42 -5.14
CA ASN B 525 -6.61 -41.86 -4.22
C ASN B 525 -7.46 -40.78 -3.66
N SER B 526 -6.87 -39.62 -3.31
CA SER B 526 -7.61 -38.54 -2.63
C SER B 526 -8.19 -37.45 -3.53
N LEU B 527 -7.59 -37.24 -4.73
CA LEU B 527 -7.95 -36.25 -5.74
C LEU B 527 -7.44 -34.86 -5.38
N SER B 528 -7.52 -34.42 -4.09
CA SER B 528 -6.97 -33.12 -3.69
C SER B 528 -5.54 -33.24 -3.25
N GLY B 529 -5.19 -34.42 -2.73
CA GLY B 529 -3.87 -34.69 -2.16
C GLY B 529 -2.72 -34.63 -3.13
N VAL B 530 -1.50 -34.45 -2.59
CA VAL B 530 -0.24 -34.37 -3.35
C VAL B 530 0.87 -35.21 -2.65
N GLU B 531 0.47 -36.18 -1.80
CA GLU B 531 1.39 -37.04 -1.06
C GLU B 531 2.23 -37.89 -2.00
N GLY B 532 3.55 -37.82 -1.82
CA GLY B 532 4.51 -38.55 -2.64
C GLY B 532 4.95 -37.82 -3.91
N GLU B 533 4.53 -36.56 -4.06
CA GLU B 533 4.90 -35.74 -5.20
C GLU B 533 6.11 -34.90 -4.88
N GLY B 534 7.10 -34.91 -5.76
CA GLY B 534 8.28 -34.06 -5.61
C GLY B 534 7.89 -32.61 -5.81
N LEU B 535 8.67 -31.68 -5.23
CA LEU B 535 8.53 -30.21 -5.28
C LEU B 535 8.37 -29.74 -6.71
N HIS B 536 9.21 -30.30 -7.58
CA HIS B 536 9.30 -29.96 -9.00
C HIS B 536 8.09 -30.31 -9.83
N LYS B 537 7.30 -31.32 -9.42
CA LYS B 537 6.11 -31.72 -10.17
C LYS B 537 4.81 -31.22 -9.49
N LEU B 538 4.93 -30.24 -8.57
CA LEU B 538 3.76 -29.64 -7.91
C LEU B 538 3.17 -28.52 -8.80
N GLY B 539 3.98 -27.96 -9.69
CA GLY B 539 3.55 -26.90 -10.60
C GLY B 539 2.74 -27.41 -11.76
N TYR B 540 3.00 -28.68 -12.15
CA TYR B 540 2.28 -29.41 -13.18
C TYR B 540 0.87 -29.73 -12.68
N ILE B 541 0.72 -30.00 -11.38
CA ILE B 541 -0.55 -30.27 -10.71
C ILE B 541 -1.36 -28.96 -10.61
N LEU B 542 -0.71 -27.83 -10.25
CA LEU B 542 -1.35 -26.51 -10.19
C LEU B 542 -1.80 -26.08 -11.59
N ARG B 543 -1.08 -26.52 -12.64
CA ARG B 543 -1.43 -26.24 -14.02
C ARG B 543 -2.67 -27.04 -14.45
N ASP B 544 -2.78 -28.33 -14.06
CA ASP B 544 -3.92 -29.19 -14.35
C ASP B 544 -5.18 -28.72 -13.62
N VAL B 545 -5.01 -28.09 -12.45
CA VAL B 545 -6.07 -27.51 -11.63
C VAL B 545 -6.58 -26.25 -12.39
N SER B 546 -5.66 -25.40 -12.93
CA SER B 546 -6.01 -24.21 -13.70
C SER B 546 -6.77 -24.53 -15.02
N LYS B 547 -6.56 -25.75 -15.60
CA LYS B 547 -7.21 -26.21 -16.81
C LYS B 547 -8.71 -26.44 -16.59
N LYS B 548 -9.13 -26.57 -15.32
CA LYS B 548 -10.55 -26.69 -14.95
C LYS B 548 -11.24 -25.35 -15.17
N GLU B 549 -12.54 -25.38 -15.44
CA GLU B 549 -13.32 -24.16 -15.60
C GLU B 549 -13.72 -23.69 -14.22
N GLY B 550 -13.61 -22.39 -13.97
CA GLY B 550 -13.99 -21.84 -12.68
C GLY B 550 -13.54 -20.42 -12.44
N GLY B 551 -13.53 -20.03 -11.16
CA GLY B 551 -13.13 -18.70 -10.72
C GLY B 551 -11.63 -18.58 -10.60
N ALA B 552 -11.18 -17.57 -9.86
CA ALA B 552 -9.74 -17.36 -9.59
C ALA B 552 -9.20 -18.57 -8.78
N MET B 553 -7.88 -18.65 -8.63
CA MET B 553 -7.27 -19.69 -7.83
C MET B 553 -6.92 -19.10 -6.46
N TYR B 554 -7.46 -19.69 -5.39
CA TYR B 554 -7.29 -19.22 -4.02
C TYR B 554 -6.23 -20.04 -3.28
N ALA B 555 -5.33 -19.37 -2.59
CA ALA B 555 -4.28 -20.02 -1.82
C ALA B 555 -4.17 -19.33 -0.46
N ASP B 556 -5.23 -19.47 0.37
CA ASP B 556 -5.29 -18.84 1.70
C ASP B 556 -4.59 -19.69 2.76
N ASP B 557 -3.69 -19.05 3.52
CA ASP B 557 -2.94 -19.67 4.60
C ASP B 557 -3.69 -19.47 5.89
N THR B 558 -3.74 -20.53 6.69
CA THR B 558 -4.39 -20.49 7.99
C THR B 558 -3.34 -20.01 8.97
N ALA B 559 -3.74 -19.11 9.88
CA ALA B 559 -2.88 -18.60 10.94
C ALA B 559 -2.77 -19.74 11.98
N GLY B 560 -1.59 -20.39 12.03
CA GLY B 560 -1.25 -21.50 12.93
C GLY B 560 -2.22 -22.66 12.94
N TRP B 561 -2.45 -23.30 11.77
CA TRP B 561 -3.34 -24.44 11.57
C TRP B 561 -3.38 -25.48 12.72
N ASP B 562 -2.20 -25.97 13.16
CA ASP B 562 -2.11 -27.03 14.18
C ASP B 562 -2.76 -26.67 15.52
N THR B 563 -2.71 -25.39 15.91
CA THR B 563 -3.34 -24.87 17.13
C THR B 563 -4.84 -24.63 16.97
N ARG B 564 -5.33 -24.60 15.71
CA ARG B 564 -6.71 -24.31 15.31
C ARG B 564 -7.55 -25.58 15.11
N ILE B 565 -6.91 -26.75 15.30
CA ILE B 565 -7.53 -28.06 15.27
C ILE B 565 -8.38 -28.24 16.56
N THR B 566 -9.72 -28.24 16.42
CA THR B 566 -10.65 -28.38 17.54
C THR B 566 -10.87 -29.85 17.89
N LEU B 567 -11.64 -30.09 18.98
CA LEU B 567 -11.99 -31.44 19.40
C LEU B 567 -12.98 -32.05 18.38
N GLU B 568 -13.74 -31.18 17.67
CA GLU B 568 -14.64 -31.56 16.60
C GLU B 568 -13.85 -32.20 15.48
N ASP B 569 -12.76 -31.53 15.03
CA ASP B 569 -11.84 -32.05 14.02
C ASP B 569 -11.28 -33.38 14.42
N LEU B 570 -10.76 -33.48 15.68
CA LEU B 570 -10.15 -34.70 16.25
C LEU B 570 -11.13 -35.88 16.29
N LYS B 571 -12.39 -35.63 16.66
CA LYS B 571 -13.46 -36.64 16.69
C LYS B 571 -13.89 -37.04 15.27
N ASN B 572 -13.81 -36.10 14.27
CA ASN B 572 -14.16 -36.40 12.87
C ASN B 572 -13.07 -37.17 12.17
N GLU B 573 -11.80 -36.93 12.55
CA GLU B 573 -10.62 -37.64 12.00
C GLU B 573 -10.61 -39.08 12.52
N GLU B 574 -11.03 -39.27 13.77
CA GLU B 574 -11.10 -40.55 14.47
C GLU B 574 -12.04 -41.50 13.72
N MET B 575 -13.02 -40.96 12.96
CA MET B 575 -14.03 -41.71 12.19
C MET B 575 -13.46 -42.73 11.19
N VAL B 576 -12.15 -42.70 10.91
CA VAL B 576 -11.50 -43.72 10.06
C VAL B 576 -11.60 -45.09 10.76
N THR B 577 -11.85 -45.09 12.10
CA THR B 577 -12.01 -46.28 12.94
C THR B 577 -13.29 -47.06 12.59
N ASN B 578 -14.28 -46.38 11.97
CA ASN B 578 -15.54 -46.96 11.50
C ASN B 578 -15.33 -47.91 10.32
N HIS B 579 -14.12 -47.88 9.73
CA HIS B 579 -13.65 -48.67 8.59
C HIS B 579 -12.60 -49.72 9.01
N MET B 580 -12.44 -49.92 10.32
CA MET B 580 -11.53 -50.89 10.94
C MET B 580 -12.36 -51.84 11.77
N GLU B 581 -11.78 -53.00 12.09
CA GLU B 581 -12.47 -53.99 12.93
C GLU B 581 -11.54 -54.66 13.95
N GLY B 582 -12.15 -55.19 15.01
CA GLY B 582 -11.53 -55.93 16.10
C GLY B 582 -10.41 -55.25 16.85
N GLU B 583 -9.24 -55.93 16.89
CA GLU B 583 -7.99 -55.50 17.54
C GLU B 583 -7.49 -54.14 16.97
N HIS B 584 -7.57 -53.97 15.63
CA HIS B 584 -7.12 -52.76 14.94
C HIS B 584 -7.97 -51.53 15.36
N LYS B 585 -9.29 -51.70 15.45
CA LYS B 585 -10.18 -50.62 15.87
C LYS B 585 -9.90 -50.20 17.33
N LYS B 586 -9.67 -51.15 18.25
CA LYS B 586 -9.37 -50.89 19.67
C LYS B 586 -8.03 -50.15 19.82
N LEU B 587 -7.00 -50.57 19.05
CA LEU B 587 -5.67 -49.97 19.02
C LEU B 587 -5.65 -48.53 18.47
N ALA B 588 -6.43 -48.25 17.39
CA ALA B 588 -6.53 -46.92 16.77
C ALA B 588 -7.35 -46.00 17.61
N GLU B 589 -8.43 -46.50 18.22
CA GLU B 589 -9.26 -45.73 19.16
C GLU B 589 -8.41 -45.25 20.37
N ALA B 590 -7.45 -46.09 20.83
CA ALA B 590 -6.51 -45.77 21.93
C ALA B 590 -5.61 -44.60 21.52
N ILE B 591 -5.05 -44.63 20.30
CA ILE B 591 -4.20 -43.55 19.78
C ILE B 591 -4.99 -42.23 19.71
N PHE B 592 -6.20 -42.27 19.16
CA PHE B 592 -7.07 -41.12 19.00
C PHE B 592 -7.55 -40.55 20.29
N LYS B 593 -8.28 -41.36 21.08
CA LYS B 593 -8.89 -40.95 22.35
C LYS B 593 -7.90 -40.61 23.44
N LEU B 594 -6.88 -41.48 23.64
CA LEU B 594 -5.94 -41.34 24.75
C LEU B 594 -4.74 -40.50 24.46
N THR B 595 -4.14 -40.59 23.28
CA THR B 595 -2.90 -39.88 23.00
C THR B 595 -3.10 -38.57 22.20
N TYR B 596 -4.12 -38.48 21.32
CA TYR B 596 -4.38 -37.28 20.51
C TYR B 596 -5.38 -36.31 21.11
N GLN B 597 -6.43 -36.84 21.75
CA GLN B 597 -7.53 -36.05 22.33
C GLN B 597 -7.34 -35.75 23.81
N ASN B 598 -6.25 -36.27 24.39
CA ASN B 598 -5.85 -36.12 25.78
C ASN B 598 -4.33 -36.15 25.84
N LYS B 599 -3.69 -35.13 25.29
CA LYS B 599 -2.22 -35.05 25.23
C LYS B 599 -1.54 -34.67 26.54
N VAL B 600 -0.37 -35.27 26.79
CA VAL B 600 0.50 -34.97 27.95
C VAL B 600 1.82 -34.52 27.31
N VAL B 601 2.29 -33.33 27.69
CA VAL B 601 3.50 -32.73 27.08
C VAL B 601 4.54 -32.30 28.14
N ARG B 602 5.84 -32.54 27.84
CA ARG B 602 6.98 -32.08 28.65
C ARG B 602 7.63 -30.90 27.89
N VAL B 603 7.62 -29.70 28.48
CA VAL B 603 8.26 -28.55 27.83
C VAL B 603 9.23 -27.81 28.80
N GLN B 604 10.41 -27.43 28.30
CA GLN B 604 11.43 -26.72 29.08
C GLN B 604 11.03 -25.27 29.34
N ARG B 605 11.48 -24.74 30.45
CA ARG B 605 11.19 -23.37 30.84
C ARG B 605 12.32 -22.79 31.71
N PRO B 606 12.82 -21.56 31.42
CA PRO B 606 13.83 -20.96 32.29
C PRO B 606 13.22 -20.44 33.59
N THR B 607 13.89 -20.65 34.72
CA THR B 607 13.39 -20.15 36.02
C THR B 607 14.52 -19.49 36.80
N PRO B 608 14.25 -18.68 37.86
CA PRO B 608 15.36 -18.13 38.68
C PRO B 608 16.36 -19.18 39.25
N ARG B 609 15.89 -20.44 39.43
CA ARG B 609 16.66 -21.57 39.97
C ARG B 609 17.35 -22.43 38.87
N GLY B 610 17.12 -22.12 37.59
CA GLY B 610 17.65 -22.88 36.45
C GLY B 610 16.53 -23.45 35.57
N THR B 611 16.89 -24.25 34.55
CA THR B 611 15.91 -24.83 33.63
C THR B 611 15.06 -25.91 34.30
N VAL B 612 13.75 -25.89 34.02
CA VAL B 612 12.78 -26.90 34.50
C VAL B 612 12.01 -27.49 33.34
N MET B 613 11.55 -28.73 33.52
CA MET B 613 10.66 -29.40 32.59
C MET B 613 9.29 -29.33 33.23
N ASP B 614 8.33 -28.72 32.52
CA ASP B 614 6.94 -28.61 32.93
C ASP B 614 6.09 -29.74 32.38
N ILE B 615 5.15 -30.27 33.18
CA ILE B 615 4.22 -31.31 32.72
C ILE B 615 2.93 -30.63 32.48
N ILE B 616 2.48 -30.62 31.20
CA ILE B 616 1.28 -29.90 30.79
C ILE B 616 0.38 -30.78 29.96
N SER B 617 -0.89 -30.41 29.89
CA SER B 617 -1.88 -31.17 29.13
C SER B 617 -2.85 -30.29 28.36
N ARG B 618 -3.31 -30.79 27.21
CA ARG B 618 -4.27 -30.14 26.33
C ARG B 618 -5.00 -31.23 25.62
N ARG B 619 -6.30 -31.08 25.55
CA ARG B 619 -7.22 -32.01 24.91
C ARG B 619 -7.31 -31.76 23.40
N ASP B 620 -7.68 -30.55 22.99
CA ASP B 620 -7.77 -30.24 21.55
C ASP B 620 -6.40 -29.81 21.02
N GLN B 621 -6.29 -29.32 19.77
CA GLN B 621 -5.03 -28.93 19.11
C GLN B 621 -4.41 -30.17 18.51
N ARG B 622 -3.58 -30.00 17.47
CA ARG B 622 -2.88 -31.08 16.79
C ARG B 622 -1.59 -31.38 17.56
N GLY B 623 -1.47 -32.62 17.94
CA GLY B 623 -0.34 -33.19 18.65
C GLY B 623 -0.33 -34.67 18.40
N SER B 624 0.32 -35.04 17.30
CA SER B 624 0.50 -36.40 16.80
C SER B 624 1.93 -36.48 16.29
N GLY B 625 2.30 -37.62 15.71
CA GLY B 625 3.61 -37.74 15.09
C GLY B 625 3.60 -37.03 13.73
N GLN B 626 4.75 -36.49 13.31
CA GLN B 626 4.93 -35.70 12.07
C GLN B 626 4.27 -36.27 10.81
N VAL B 627 4.35 -37.60 10.61
CA VAL B 627 3.79 -38.30 9.44
C VAL B 627 2.25 -38.37 9.50
N VAL B 628 1.70 -38.75 10.68
CA VAL B 628 0.25 -38.83 10.91
C VAL B 628 -0.35 -37.41 10.88
N THR B 629 0.38 -36.40 11.41
CA THR B 629 0.03 -34.96 11.41
C THR B 629 -0.23 -34.50 9.96
N TYR B 630 0.66 -34.84 9.02
CA TYR B 630 0.53 -34.51 7.59
C TYR B 630 -0.78 -35.03 6.98
N GLY B 631 -1.07 -36.32 7.16
CA GLY B 631 -2.27 -36.97 6.67
C GLY B 631 -3.57 -36.43 7.25
N LEU B 632 -3.63 -36.27 8.56
CA LEU B 632 -4.83 -35.74 9.23
C LEU B 632 -5.05 -34.25 8.92
N ASN B 633 -3.97 -33.48 8.70
CA ASN B 633 -4.06 -32.06 8.30
C ASN B 633 -4.59 -31.97 6.88
N THR B 634 -4.18 -32.92 6.02
CA THR B 634 -4.61 -33.01 4.64
C THR B 634 -6.10 -33.30 4.56
N PHE B 635 -6.55 -34.34 5.30
CA PHE B 635 -7.92 -34.78 5.42
C PHE B 635 -8.82 -33.62 5.88
N THR B 636 -8.52 -32.99 7.04
CA THR B 636 -9.31 -31.89 7.63
C THR B 636 -9.32 -30.67 6.76
N ASN B 637 -8.20 -30.43 6.03
CA ASN B 637 -8.12 -29.30 5.09
C ASN B 637 -9.02 -29.55 3.88
N MET B 638 -9.01 -30.79 3.36
CA MET B 638 -9.84 -31.24 2.24
C MET B 638 -11.30 -31.05 2.61
N GLU B 639 -11.69 -31.44 3.83
CA GLU B 639 -13.03 -31.27 4.38
C GLU B 639 -13.43 -29.78 4.56
N ALA B 640 -12.55 -28.94 5.14
CA ALA B 640 -12.82 -27.51 5.35
C ALA B 640 -13.03 -26.73 4.03
N GLN B 641 -12.30 -27.11 2.97
CA GLN B 641 -12.36 -26.44 1.70
C GLN B 641 -13.61 -26.80 0.90
N LEU B 642 -14.07 -28.09 0.98
CA LEU B 642 -15.32 -28.54 0.41
C LEU B 642 -16.47 -27.76 1.06
N ILE B 643 -16.42 -27.56 2.37
CA ILE B 643 -17.44 -26.80 3.11
C ILE B 643 -17.43 -25.34 2.64
N ARG B 644 -16.23 -24.76 2.39
CA ARG B 644 -16.09 -23.39 1.89
C ARG B 644 -16.66 -23.30 0.46
N GLN B 645 -16.50 -24.38 -0.32
CA GLN B 645 -17.04 -24.56 -1.67
C GLN B 645 -18.56 -24.68 -1.66
N MET B 646 -19.15 -25.40 -0.68
CA MET B 646 -20.60 -25.54 -0.55
C MET B 646 -21.20 -24.20 -0.18
N GLU B 647 -20.52 -23.42 0.69
CA GLU B 647 -20.98 -22.11 1.16
C GLU B 647 -21.11 -21.13 0.00
N GLY B 648 -20.05 -20.99 -0.80
CA GLY B 648 -20.01 -20.14 -1.98
C GLY B 648 -21.11 -20.48 -2.98
N GLU B 649 -21.38 -21.77 -3.17
CA GLU B 649 -22.42 -22.31 -4.05
C GLU B 649 -23.84 -22.27 -3.40
N GLY B 650 -23.92 -21.83 -2.14
CA GLY B 650 -25.16 -21.71 -1.39
C GLY B 650 -25.86 -23.01 -1.04
N VAL B 651 -25.10 -24.12 -0.84
CA VAL B 651 -25.65 -25.44 -0.53
C VAL B 651 -26.34 -25.45 0.87
N PHE B 652 -25.98 -24.48 1.71
CA PHE B 652 -26.51 -24.23 3.06
C PHE B 652 -26.47 -22.69 3.26
N LYS B 653 -27.44 -22.14 3.98
CA LYS B 653 -27.55 -20.69 4.17
C LYS B 653 -26.99 -20.20 5.50
N SER B 654 -27.04 -21.03 6.56
CA SER B 654 -26.60 -20.67 7.90
C SER B 654 -25.73 -21.72 8.56
N ILE B 655 -24.83 -21.27 9.47
CA ILE B 655 -23.93 -22.10 10.27
C ILE B 655 -24.48 -22.37 11.68
N GLN B 656 -25.48 -21.54 12.13
CA GLN B 656 -26.13 -21.64 13.44
C GLN B 656 -26.75 -23.02 13.59
N GLN B 657 -27.48 -23.42 12.56
CA GLN B 657 -28.16 -24.70 12.48
C GLN B 657 -28.28 -25.12 11.03
N LEU B 658 -28.24 -26.43 10.81
CA LEU B 658 -28.41 -27.05 9.51
C LEU B 658 -29.78 -27.71 9.50
N THR B 659 -30.68 -27.24 8.61
CA THR B 659 -32.05 -27.77 8.49
C THR B 659 -32.03 -29.18 7.89
N ALA B 660 -33.13 -29.93 8.04
CA ALA B 660 -33.28 -31.29 7.50
C ALA B 660 -33.11 -31.27 5.98
N THR B 661 -33.62 -30.22 5.31
CA THR B 661 -33.52 -30.04 3.85
C THR B 661 -32.07 -29.74 3.41
N GLU B 662 -31.33 -28.92 4.22
CA GLU B 662 -29.92 -28.57 3.98
C GLU B 662 -28.99 -29.79 4.16
N GLU B 663 -29.34 -30.72 5.08
CA GLU B 663 -28.60 -31.96 5.29
C GLU B 663 -28.68 -32.83 4.04
N ILE B 664 -29.91 -32.96 3.49
CA ILE B 664 -30.16 -33.72 2.27
C ILE B 664 -29.40 -33.07 1.11
N ALA B 665 -29.38 -31.70 1.05
CA ALA B 665 -28.68 -30.90 0.02
C ALA B 665 -27.18 -31.12 0.04
N VAL B 666 -26.55 -31.03 1.25
CA VAL B 666 -25.12 -31.25 1.50
C VAL B 666 -24.73 -32.69 1.11
N LYS B 667 -25.51 -33.69 1.52
CA LYS B 667 -25.23 -35.10 1.21
C LYS B 667 -25.33 -35.39 -0.30
N ASN B 668 -26.35 -34.81 -0.97
CA ASN B 668 -26.57 -34.96 -2.41
C ASN B 668 -25.43 -34.26 -3.17
N TRP B 669 -25.04 -33.02 -2.73
CA TRP B 669 -23.92 -32.25 -3.34
C TRP B 669 -22.67 -33.10 -3.29
N LEU B 670 -22.29 -33.64 -2.12
CA LEU B 670 -21.12 -34.50 -1.96
C LEU B 670 -21.19 -35.74 -2.85
N VAL B 671 -22.33 -36.44 -2.84
CA VAL B 671 -22.53 -37.67 -3.64
C VAL B 671 -22.49 -37.40 -5.16
N ARG B 672 -23.01 -36.23 -5.58
CA ARG B 672 -23.10 -35.81 -6.98
C ARG B 672 -21.84 -35.14 -7.55
N VAL B 673 -21.31 -34.10 -6.85
CA VAL B 673 -20.17 -33.32 -7.35
C VAL B 673 -18.90 -33.36 -6.45
N GLY B 674 -18.94 -34.08 -5.32
CA GLY B 674 -17.83 -34.17 -4.37
C GLY B 674 -16.46 -34.45 -4.94
N ARG B 675 -16.37 -35.50 -5.75
CA ARG B 675 -15.15 -35.92 -6.41
C ARG B 675 -14.61 -34.87 -7.40
N GLU B 676 -15.47 -34.17 -8.15
CA GLU B 676 -14.90 -33.19 -9.07
C GLU B 676 -14.54 -31.89 -8.28
N ARG B 677 -15.17 -31.64 -7.12
CA ARG B 677 -14.83 -30.52 -6.25
C ARG B 677 -13.48 -30.76 -5.53
N LEU B 678 -13.13 -32.06 -5.29
CA LEU B 678 -11.84 -32.44 -4.72
C LEU B 678 -10.73 -32.23 -5.75
N SER B 679 -11.05 -32.45 -7.03
CA SER B 679 -10.14 -32.33 -8.18
C SER B 679 -9.78 -30.86 -8.52
N ARG B 680 -10.48 -29.89 -7.87
CA ARG B 680 -10.31 -28.43 -8.00
C ARG B 680 -9.28 -27.93 -6.98
N MET B 681 -8.77 -28.83 -6.15
CA MET B 681 -7.82 -28.52 -5.09
C MET B 681 -6.54 -29.26 -5.15
N ALA B 682 -5.48 -28.61 -4.65
CA ALA B 682 -4.13 -29.13 -4.39
C ALA B 682 -3.94 -28.86 -2.89
N ILE B 683 -3.88 -29.92 -2.08
CA ILE B 683 -3.82 -29.84 -0.63
C ILE B 683 -2.67 -30.63 -0.04
N SER B 684 -1.71 -29.92 0.55
CA SER B 684 -0.58 -30.52 1.26
C SER B 684 -0.63 -30.06 2.74
N GLY B 685 -1.17 -30.90 3.61
CA GLY B 685 -1.36 -30.55 5.02
C GLY B 685 -2.28 -29.34 5.16
N ASP B 686 -1.82 -28.32 5.89
CA ASP B 686 -2.48 -27.03 6.10
C ASP B 686 -2.42 -26.13 4.84
N ASP B 687 -1.56 -26.49 3.86
CA ASP B 687 -1.39 -25.73 2.63
C ASP B 687 -2.37 -26.13 1.51
N CYS B 688 -3.17 -25.15 1.03
CA CYS B 688 -4.14 -25.43 -0.03
C CYS B 688 -4.12 -24.43 -1.17
N VAL B 689 -4.57 -24.91 -2.34
CA VAL B 689 -4.85 -24.18 -3.57
C VAL B 689 -6.28 -24.63 -4.00
N VAL B 690 -7.20 -23.70 -4.17
CA VAL B 690 -8.57 -24.03 -4.60
C VAL B 690 -8.95 -23.18 -5.84
N LYS B 691 -9.47 -23.82 -6.89
CA LYS B 691 -10.09 -23.17 -8.05
C LYS B 691 -11.57 -23.49 -7.91
N PRO B 692 -12.35 -22.64 -7.22
CA PRO B 692 -13.78 -22.94 -7.04
C PRO B 692 -14.60 -22.83 -8.35
N LEU B 693 -15.91 -23.14 -8.29
CA LEU B 693 -16.81 -23.06 -9.45
C LEU B 693 -16.92 -21.59 -9.95
N ASP B 694 -16.90 -20.63 -9.02
CA ASP B 694 -16.96 -19.20 -9.30
C ASP B 694 -16.36 -18.41 -8.12
N ASP B 695 -16.34 -17.06 -8.18
CA ASP B 695 -15.71 -16.23 -7.16
C ASP B 695 -16.61 -15.84 -5.98
N ARG B 696 -17.78 -16.53 -5.81
CA ARG B 696 -18.67 -16.35 -4.63
C ARG B 696 -17.92 -16.86 -3.37
N PHE B 697 -16.93 -17.78 -3.59
CA PHE B 697 -16.00 -18.41 -2.65
C PHE B 697 -15.16 -17.39 -1.88
N ALA B 698 -14.71 -16.29 -2.53
CA ALA B 698 -13.89 -15.24 -1.92
C ALA B 698 -14.50 -14.68 -0.65
N SER B 699 -15.84 -14.59 -0.61
CA SER B 699 -16.60 -14.04 0.50
C SER B 699 -17.45 -15.12 1.25
N ALA B 700 -17.19 -16.42 0.95
CA ALA B 700 -17.80 -17.57 1.63
C ALA B 700 -16.90 -17.85 2.85
N LEU B 701 -17.11 -17.12 3.95
CA LEU B 701 -16.22 -17.15 5.12
C LEU B 701 -16.79 -17.57 6.49
N THR B 702 -18.11 -17.61 6.67
CA THR B 702 -18.69 -17.91 7.98
C THR B 702 -18.30 -19.30 8.51
N ALA B 703 -18.36 -20.36 7.67
CA ALA B 703 -17.99 -21.70 8.08
C ALA B 703 -16.47 -21.81 8.32
N LEU B 704 -15.63 -21.19 7.47
CA LEU B 704 -14.17 -21.22 7.60
C LEU B 704 -13.73 -20.66 8.93
N ASN B 705 -14.22 -19.48 9.28
CA ASN B 705 -13.92 -18.79 10.54
C ASN B 705 -14.47 -19.54 11.74
N ASP B 706 -15.68 -20.13 11.61
CA ASP B 706 -16.32 -20.88 12.69
C ASP B 706 -15.66 -22.22 12.97
N MET B 707 -15.05 -22.86 11.95
CA MET B 707 -14.31 -24.12 12.10
C MET B 707 -13.01 -23.86 12.87
N GLY B 708 -12.65 -22.59 12.97
CA GLY B 708 -11.45 -22.13 13.67
C GLY B 708 -10.28 -21.87 12.73
N LYS B 709 -10.46 -22.22 11.43
CA LYS B 709 -9.47 -22.11 10.37
C LYS B 709 -9.40 -20.71 9.79
N VAL B 710 -9.11 -19.73 10.65
CA VAL B 710 -9.00 -18.31 10.37
C VAL B 710 -7.76 -18.02 9.51
N ARG B 711 -7.95 -17.34 8.35
CA ARG B 711 -6.92 -16.96 7.39
C ARG B 711 -5.94 -15.94 7.98
N LYS B 712 -4.67 -16.07 7.57
CA LYS B 712 -3.52 -15.28 7.97
C LYS B 712 -3.44 -13.94 7.21
N ASP B 713 -3.01 -12.87 7.91
CA ASP B 713 -2.75 -11.53 7.38
C ASP B 713 -3.92 -10.92 6.57
N ILE B 714 -5.14 -11.02 7.10
CA ILE B 714 -6.36 -10.46 6.53
C ILE B 714 -7.42 -10.34 7.62
N GLN B 715 -8.24 -9.27 7.57
CA GLN B 715 -9.36 -9.07 8.49
C GLN B 715 -10.37 -10.22 8.26
N GLN B 716 -10.89 -10.79 9.36
CA GLN B 716 -11.82 -11.93 9.40
C GLN B 716 -12.91 -11.93 8.34
N TRP B 717 -13.51 -10.75 8.06
CA TRP B 717 -14.62 -10.69 7.11
C TRP B 717 -14.28 -10.04 5.76
N GLU B 718 -13.01 -9.69 5.55
CA GLU B 718 -12.56 -9.15 4.26
C GLU B 718 -12.52 -10.29 3.21
N PRO B 719 -13.06 -10.10 1.98
CA PRO B 719 -13.03 -11.21 1.02
C PRO B 719 -11.63 -11.55 0.54
N SER B 720 -11.40 -12.86 0.31
CA SER B 720 -10.14 -13.41 -0.19
C SER B 720 -9.79 -12.84 -1.54
N ARG B 721 -8.50 -12.82 -1.82
CA ARG B 721 -7.93 -12.35 -3.07
C ARG B 721 -7.36 -13.57 -3.76
N GLY B 722 -7.90 -13.88 -4.94
CA GLY B 722 -7.50 -15.01 -5.75
C GLY B 722 -6.55 -14.56 -6.83
N TRP B 723 -6.01 -15.52 -7.59
N TRP B 723 -6.02 -15.52 -7.59
CA TRP B 723 -5.09 -15.26 -8.69
CA TRP B 723 -5.09 -15.27 -8.68
C TRP B 723 -5.71 -15.69 -10.00
C TRP B 723 -5.71 -15.69 -10.00
N ASN B 724 -5.48 -14.89 -11.05
CA ASN B 724 -5.99 -15.19 -12.39
C ASN B 724 -4.87 -15.75 -13.28
N ASP B 725 -3.66 -15.85 -12.69
CA ASP B 725 -2.48 -16.42 -13.32
C ASP B 725 -1.96 -17.52 -12.37
N TRP B 726 -2.06 -18.79 -12.81
CA TRP B 726 -1.64 -19.93 -12.02
C TRP B 726 -0.14 -19.89 -11.67
N THR B 727 0.68 -19.22 -12.51
CA THR B 727 2.13 -19.10 -12.33
C THR B 727 2.50 -18.21 -11.14
N GLN B 728 1.51 -17.48 -10.60
CA GLN B 728 1.67 -16.58 -9.46
C GLN B 728 1.12 -17.19 -8.15
N VAL B 729 0.42 -18.34 -8.24
CA VAL B 729 -0.20 -19.02 -7.10
C VAL B 729 0.87 -19.60 -6.14
N PRO B 730 0.91 -19.12 -4.87
CA PRO B 730 1.85 -19.71 -3.89
C PRO B 730 1.37 -21.07 -3.36
N PHE B 731 2.26 -22.06 -3.35
CA PHE B 731 2.00 -23.40 -2.84
C PHE B 731 3.32 -24.03 -2.40
N CYS B 732 3.34 -24.59 -1.15
CA CYS B 732 4.52 -25.22 -0.54
C CYS B 732 5.78 -24.37 -0.69
N SER B 733 5.68 -23.06 -0.32
CA SER B 733 6.72 -22.01 -0.32
C SER B 733 7.23 -21.56 -1.71
N HIS B 734 6.57 -22.02 -2.79
CA HIS B 734 6.94 -21.74 -4.17
C HIS B 734 5.76 -21.28 -5.02
N HIS B 735 6.10 -20.72 -6.18
CA HIS B 735 5.20 -20.45 -7.30
C HIS B 735 5.89 -21.16 -8.47
N PHE B 736 5.16 -21.41 -9.55
CA PHE B 736 5.73 -22.20 -10.63
C PHE B 736 5.55 -21.57 -11.97
N HIS B 737 6.65 -21.46 -12.73
CA HIS B 737 6.66 -20.90 -14.09
C HIS B 737 6.64 -21.96 -15.16
N GLU B 738 6.07 -21.60 -16.33
CA GLU B 738 6.11 -22.42 -17.54
C GLU B 738 7.35 -21.90 -18.24
N LEU B 739 8.16 -22.80 -18.70
CA LEU B 739 9.40 -22.48 -19.37
C LEU B 739 9.53 -23.34 -20.63
N ILE B 740 9.41 -22.70 -21.80
CA ILE B 740 9.56 -23.38 -23.08
C ILE B 740 11.04 -23.55 -23.36
N MET B 741 11.42 -24.79 -23.67
CA MET B 741 12.77 -25.22 -24.00
C MET B 741 13.13 -24.81 -25.45
N LYS B 742 14.40 -25.09 -25.84
CA LYS B 742 14.93 -24.80 -27.19
C LYS B 742 14.34 -25.76 -28.24
N ASP B 743 13.85 -26.94 -27.83
CA ASP B 743 13.21 -27.91 -28.74
C ASP B 743 11.67 -27.84 -28.73
N GLY B 744 11.13 -26.76 -28.13
CA GLY B 744 9.70 -26.51 -28.06
C GLY B 744 8.99 -27.15 -26.88
N ARG B 745 9.67 -28.07 -26.15
CA ARG B 745 9.12 -28.78 -24.99
C ARG B 745 8.91 -27.82 -23.82
N VAL B 746 7.87 -28.05 -23.03
CA VAL B 746 7.53 -27.12 -21.96
C VAL B 746 7.78 -27.72 -20.56
N LEU B 747 8.47 -26.93 -19.71
CA LEU B 747 8.83 -27.26 -18.33
C LEU B 747 8.02 -26.44 -17.35
N VAL B 748 7.53 -27.07 -16.28
CA VAL B 748 6.91 -26.29 -15.22
C VAL B 748 7.88 -26.38 -14.05
N VAL B 749 8.50 -25.25 -13.73
CA VAL B 749 9.60 -25.15 -12.79
C VAL B 749 9.28 -24.45 -11.47
N PRO B 750 9.83 -24.98 -10.34
CA PRO B 750 9.60 -24.32 -9.03
C PRO B 750 10.42 -23.06 -8.90
N CYS B 751 9.83 -22.02 -8.31
CA CYS B 751 10.50 -20.75 -8.16
C CYS B 751 10.10 -20.07 -6.84
N ARG B 752 10.97 -19.18 -6.37
CA ARG B 752 10.87 -18.44 -5.12
C ARG B 752 11.58 -17.13 -5.30
N ASN B 753 11.47 -16.23 -4.33
CA ASN B 753 12.25 -14.99 -4.35
C ASN B 753 13.68 -15.41 -4.05
N GLN B 754 14.63 -15.10 -4.95
CA GLN B 754 16.04 -15.46 -4.87
C GLN B 754 16.72 -15.14 -3.53
N ASP B 755 16.33 -14.04 -2.84
CA ASP B 755 16.91 -13.65 -1.55
C ASP B 755 16.66 -14.68 -0.44
N GLU B 756 15.55 -15.44 -0.58
CA GLU B 756 15.16 -16.50 0.34
C GLU B 756 16.05 -17.69 0.15
N LEU B 757 16.42 -17.98 -1.11
CA LEU B 757 17.25 -19.10 -1.54
C LEU B 757 18.72 -18.88 -1.22
N ILE B 758 19.22 -17.65 -1.42
CA ILE B 758 20.60 -17.28 -1.15
C ILE B 758 20.80 -17.14 0.36
N GLY B 759 19.88 -16.45 1.03
CA GLY B 759 19.89 -16.28 2.48
C GLY B 759 19.95 -17.59 3.25
N ARG B 760 19.18 -18.58 2.81
CA ARG B 760 19.13 -19.91 3.42
C ARG B 760 20.40 -20.74 3.13
N ALA B 761 21.03 -20.56 1.94
CA ALA B 761 22.27 -21.25 1.52
C ALA B 761 23.50 -20.76 2.28
N ARG B 762 23.50 -19.47 2.66
CA ARG B 762 24.56 -18.77 3.38
C ARG B 762 24.51 -18.96 4.89
N ILE B 763 23.69 -19.88 5.39
CA ILE B 763 23.53 -20.17 6.82
C ILE B 763 23.77 -21.65 7.04
N SER B 764 24.63 -21.97 8.03
CA SER B 764 25.01 -23.32 8.46
C SER B 764 24.12 -23.73 9.62
N GLN B 765 23.74 -25.01 9.61
CA GLN B 765 22.89 -25.59 10.64
C GLN B 765 23.72 -25.89 11.88
N GLY B 766 23.93 -24.86 12.70
CA GLY B 766 24.70 -24.95 13.94
C GLY B 766 26.21 -24.75 13.82
N ALA B 767 26.85 -24.60 15.01
CA ALA B 767 28.28 -24.36 15.23
C ALA B 767 29.15 -25.64 15.39
N GLY B 768 30.48 -25.42 15.39
CA GLY B 768 31.50 -26.45 15.51
C GLY B 768 31.85 -27.08 14.18
N TRP B 769 31.26 -26.51 13.12
CA TRP B 769 31.38 -26.97 11.75
C TRP B 769 32.77 -26.74 11.18
N SER B 770 33.33 -27.84 10.67
CA SER B 770 34.60 -27.92 9.96
C SER B 770 34.40 -27.34 8.56
N LEU B 771 35.49 -26.87 7.89
CA LEU B 771 35.38 -26.32 6.55
C LEU B 771 34.87 -27.37 5.56
N ARG B 772 35.23 -28.66 5.77
CA ARG B 772 34.79 -29.80 4.94
C ARG B 772 33.27 -29.90 4.88
N GLU B 773 32.62 -29.91 6.06
CA GLU B 773 31.16 -30.01 6.19
C GLU B 773 30.44 -28.78 5.68
N THR B 774 31.04 -27.58 5.86
CA THR B 774 30.51 -26.28 5.42
C THR B 774 30.51 -26.19 3.89
N ALA B 775 31.61 -26.65 3.27
CA ALA B 775 31.78 -26.71 1.82
C ALA B 775 30.87 -27.77 1.20
N CYS B 776 30.76 -28.98 1.81
CA CYS B 776 29.87 -30.03 1.31
C CYS B 776 28.39 -29.66 1.42
N LEU B 777 28.01 -28.86 2.44
CA LEU B 777 26.64 -28.38 2.64
C LEU B 777 26.27 -27.31 1.59
N GLY B 778 27.23 -26.43 1.28
CA GLY B 778 27.14 -25.41 0.24
C GLY B 778 27.02 -26.06 -1.13
N LYS B 779 27.59 -27.28 -1.29
CA LYS B 779 27.55 -28.11 -2.49
C LYS B 779 26.15 -28.72 -2.67
N SER B 780 25.47 -29.08 -1.55
CA SER B 780 24.09 -29.63 -1.54
C SER B 780 23.15 -28.52 -2.04
N TYR B 781 23.37 -27.27 -1.58
CA TYR B 781 22.61 -26.10 -2.01
C TYR B 781 22.80 -25.85 -3.52
N ALA B 782 24.08 -25.86 -4.01
CA ALA B 782 24.50 -25.67 -5.40
C ALA B 782 23.84 -26.68 -6.33
N GLN B 783 23.84 -27.96 -5.92
CA GLN B 783 23.25 -29.05 -6.69
C GLN B 783 21.72 -29.02 -6.64
N MET B 784 21.14 -28.44 -5.56
CA MET B 784 19.70 -28.26 -5.45
C MET B 784 19.30 -27.15 -6.43
N TRP B 785 20.14 -26.10 -6.55
CA TRP B 785 19.95 -25.00 -7.49
C TRP B 785 20.09 -25.46 -8.94
N SER B 786 21.00 -26.39 -9.22
CA SER B 786 21.20 -26.95 -10.55
C SER B 786 19.98 -27.79 -11.02
N LEU B 787 19.38 -28.54 -10.13
CA LEU B 787 18.25 -29.39 -10.44
C LEU B 787 16.89 -28.68 -10.45
N MET B 788 16.67 -27.70 -9.57
CA MET B 788 15.38 -27.02 -9.45
C MET B 788 15.32 -25.55 -9.80
N TYR B 789 16.42 -24.80 -9.61
CA TYR B 789 16.43 -23.36 -9.87
C TYR B 789 17.43 -22.95 -10.95
N PHE B 790 17.71 -23.90 -11.88
CA PHE B 790 18.59 -23.73 -13.06
C PHE B 790 18.17 -22.53 -13.94
N HIS B 791 16.87 -22.24 -13.98
CA HIS B 791 16.23 -21.15 -14.71
C HIS B 791 16.52 -19.78 -14.14
N ARG B 792 17.25 -19.74 -13.02
CA ARG B 792 17.63 -18.52 -12.31
C ARG B 792 19.10 -18.28 -12.58
N ARG B 793 19.37 -17.31 -13.47
CA ARG B 793 20.68 -16.89 -13.96
C ARG B 793 21.76 -16.87 -12.89
N ASP B 794 21.52 -16.10 -11.79
CA ASP B 794 22.43 -15.94 -10.64
C ASP B 794 22.68 -17.23 -9.91
N LEU B 795 21.66 -18.11 -9.85
CA LEU B 795 21.70 -19.37 -9.13
C LEU B 795 22.45 -20.44 -9.92
N ARG B 796 22.26 -20.51 -11.26
CA ARG B 796 23.01 -21.45 -12.11
C ARG B 796 24.50 -21.08 -12.11
N LEU B 797 24.81 -19.76 -12.11
CA LEU B 797 26.18 -19.23 -12.06
C LEU B 797 26.82 -19.57 -10.71
N ALA B 798 26.17 -19.16 -9.57
CA ALA B 798 26.65 -19.42 -8.21
C ALA B 798 26.78 -20.91 -7.90
N ALA B 799 25.88 -21.75 -8.41
CA ALA B 799 25.91 -23.20 -8.20
C ALA B 799 27.12 -23.86 -8.85
N ASN B 800 27.47 -23.44 -10.10
CA ASN B 800 28.62 -23.90 -10.89
C ASN B 800 29.92 -23.40 -10.24
N ALA B 801 29.87 -22.23 -9.58
CA ALA B 801 31.01 -21.65 -8.87
C ALA B 801 31.30 -22.44 -7.60
N ILE B 802 30.27 -22.88 -6.86
CA ILE B 802 30.40 -23.69 -5.64
C ILE B 802 30.97 -25.07 -6.00
N CYS B 803 30.41 -25.73 -7.04
CA CYS B 803 30.85 -27.05 -7.53
C CYS B 803 32.27 -27.03 -8.12
N SER B 804 32.74 -25.85 -8.55
CA SER B 804 34.10 -25.65 -9.05
C SER B 804 35.08 -25.44 -7.87
N ALA B 805 34.65 -24.69 -6.83
CA ALA B 805 35.45 -24.35 -5.64
C ALA B 805 35.51 -25.45 -4.56
N VAL B 806 34.62 -26.46 -4.65
CA VAL B 806 34.52 -27.61 -3.74
C VAL B 806 35.12 -28.85 -4.44
N PRO B 807 36.07 -29.62 -3.82
CA PRO B 807 36.62 -30.81 -4.51
C PRO B 807 35.53 -31.67 -5.12
N SER B 808 35.67 -32.03 -6.40
CA SER B 808 34.69 -32.80 -7.19
C SER B 808 34.22 -34.13 -6.59
N HIS B 809 35.09 -34.82 -5.81
CA HIS B 809 34.76 -36.13 -5.23
C HIS B 809 34.02 -36.03 -3.88
N TRP B 810 33.92 -34.80 -3.31
CA TRP B 810 33.23 -34.53 -2.05
C TRP B 810 31.72 -34.75 -2.17
N VAL B 811 31.18 -35.56 -1.25
CA VAL B 811 29.77 -35.94 -1.22
C VAL B 811 28.92 -34.82 -0.56
N PRO B 812 27.81 -34.35 -1.24
CA PRO B 812 26.92 -33.35 -0.62
C PRO B 812 26.42 -33.85 0.73
N THR B 813 26.48 -32.94 1.73
CA THR B 813 26.18 -33.24 3.12
C THR B 813 25.06 -32.34 3.68
N SER B 814 24.29 -32.89 4.68
CA SER B 814 23.17 -32.28 5.43
C SER B 814 21.99 -31.80 4.56
N ARG B 815 20.85 -31.48 5.22
CA ARG B 815 19.62 -31.00 4.58
C ARG B 815 19.77 -29.61 3.99
N THR B 816 19.07 -29.34 2.88
CA THR B 816 19.00 -28.04 2.22
C THR B 816 17.63 -27.42 2.51
N THR B 817 16.68 -28.29 2.90
CA THR B 817 15.27 -28.00 3.25
C THR B 817 14.65 -29.14 4.09
N TRP B 818 13.67 -28.79 4.94
CA TRP B 818 12.96 -29.78 5.76
C TRP B 818 11.67 -30.25 5.09
N SER B 819 11.37 -29.66 3.90
CA SER B 819 10.20 -29.92 3.05
C SER B 819 9.92 -31.41 2.87
N ILE B 820 8.65 -31.81 3.11
CA ILE B 820 8.22 -33.19 2.92
C ILE B 820 8.13 -33.53 1.40
N HIS B 821 8.10 -32.48 0.54
CA HIS B 821 8.07 -32.62 -0.93
C HIS B 821 9.47 -32.60 -1.57
N ALA B 822 10.54 -32.42 -0.75
CA ALA B 822 11.92 -32.44 -1.24
C ALA B 822 12.34 -33.89 -1.54
N THR B 823 12.73 -34.16 -2.82
CA THR B 823 13.18 -35.49 -3.31
C THR B 823 14.63 -35.78 -2.96
N HIS B 824 15.43 -34.69 -2.78
CA HIS B 824 16.86 -34.70 -2.45
C HIS B 824 17.70 -35.45 -3.49
N GLU B 825 17.28 -35.37 -4.78
CA GLU B 825 17.99 -36.02 -5.88
C GLU B 825 19.37 -35.36 -6.16
N TRP B 826 19.62 -34.20 -5.51
CA TRP B 826 20.86 -33.45 -5.58
C TRP B 826 21.90 -33.92 -4.54
N MET B 827 21.55 -34.95 -3.73
CA MET B 827 22.44 -35.52 -2.70
C MET B 827 23.13 -36.71 -3.35
N THR B 828 24.07 -36.41 -4.25
CA THR B 828 24.79 -37.37 -5.08
C THR B 828 26.08 -36.74 -5.61
N THR B 829 27.00 -37.58 -6.10
CA THR B 829 28.25 -37.16 -6.75
C THR B 829 28.12 -37.43 -8.27
N GLU B 830 26.98 -38.04 -8.66
CA GLU B 830 26.58 -38.34 -10.04
C GLU B 830 26.45 -37.01 -10.81
N ASP B 831 26.78 -37.01 -12.13
CA ASP B 831 26.72 -35.83 -13.01
C ASP B 831 25.34 -35.19 -12.88
N MET B 832 25.30 -33.88 -12.58
CA MET B 832 24.04 -33.19 -12.37
C MET B 832 23.19 -33.06 -13.64
N LEU B 833 23.81 -33.16 -14.84
CA LEU B 833 23.06 -33.12 -16.10
C LEU B 833 22.34 -34.47 -16.29
N THR B 834 22.95 -35.58 -15.81
CA THR B 834 22.39 -36.94 -15.88
C THR B 834 21.16 -37.00 -14.96
N VAL B 835 21.26 -36.38 -13.76
CA VAL B 835 20.19 -36.30 -12.77
C VAL B 835 19.04 -35.43 -13.32
N TRP B 836 19.39 -34.23 -13.87
CA TRP B 836 18.46 -33.27 -14.48
C TRP B 836 17.60 -33.97 -15.53
N ASN B 837 18.23 -34.74 -16.44
CA ASN B 837 17.55 -35.50 -17.49
C ASN B 837 16.58 -36.53 -16.95
N ARG B 838 16.96 -37.22 -15.86
CA ARG B 838 16.15 -38.24 -15.23
C ARG B 838 14.91 -37.64 -14.55
N VAL B 839 15.07 -36.54 -13.82
CA VAL B 839 14.00 -35.83 -13.11
C VAL B 839 13.03 -35.15 -14.08
N TRP B 840 13.58 -34.32 -14.99
CA TRP B 840 12.84 -33.47 -15.91
C TRP B 840 12.40 -34.09 -17.25
N ILE B 841 13.10 -35.12 -17.75
CA ILE B 841 12.74 -35.74 -19.04
C ILE B 841 12.20 -37.16 -18.80
N GLN B 842 13.12 -38.12 -18.55
CA GLN B 842 12.91 -39.56 -18.35
C GLN B 842 11.73 -39.90 -17.44
N GLU B 843 11.80 -39.45 -16.16
CA GLU B 843 10.79 -39.74 -15.14
C GLU B 843 9.64 -38.71 -15.05
N ASN B 844 9.71 -37.58 -15.82
CA ASN B 844 8.65 -36.57 -15.80
C ASN B 844 7.39 -37.09 -16.51
N PRO B 845 6.25 -37.25 -15.79
CA PRO B 845 5.02 -37.74 -16.46
C PRO B 845 4.40 -36.75 -17.45
N TRP B 846 4.70 -35.44 -17.33
CA TRP B 846 4.18 -34.43 -18.26
C TRP B 846 5.07 -34.17 -19.46
N MET B 847 6.13 -34.99 -19.59
CA MET B 847 7.11 -34.95 -20.68
C MET B 847 6.85 -36.14 -21.58
N GLU B 848 6.13 -35.93 -22.71
CA GLU B 848 5.81 -36.99 -23.66
C GLU B 848 7.05 -37.42 -24.45
N ASP B 849 7.84 -36.43 -24.95
CA ASP B 849 9.09 -36.63 -25.72
C ASP B 849 10.28 -36.86 -24.78
N LYS B 850 10.79 -38.11 -24.74
CA LYS B 850 11.88 -38.51 -23.86
C LYS B 850 13.30 -38.27 -24.43
N THR B 851 13.46 -37.27 -25.32
CA THR B 851 14.76 -36.89 -25.91
C THR B 851 15.65 -36.24 -24.84
N PRO B 852 16.78 -36.87 -24.46
CA PRO B 852 17.67 -36.24 -23.47
C PRO B 852 18.36 -34.98 -23.99
N VAL B 853 18.73 -34.07 -23.07
CA VAL B 853 19.46 -32.86 -23.44
C VAL B 853 20.95 -33.22 -23.36
N GLU B 854 21.72 -32.81 -24.37
CA GLU B 854 23.14 -33.14 -24.43
C GLU B 854 24.03 -32.19 -23.63
N SER B 855 23.52 -31.00 -23.22
CA SER B 855 24.30 -30.03 -22.43
C SER B 855 23.44 -29.06 -21.61
N TRP B 856 24.09 -28.34 -20.65
CA TRP B 856 23.46 -27.34 -19.79
C TRP B 856 23.05 -26.11 -20.60
N GLU B 857 23.75 -25.86 -21.73
CA GLU B 857 23.52 -24.76 -22.68
C GLU B 857 22.13 -24.91 -23.34
N GLU B 858 21.70 -26.17 -23.57
CA GLU B 858 20.39 -26.52 -24.12
C GLU B 858 19.25 -26.15 -23.14
N ILE B 859 19.53 -26.20 -21.80
CA ILE B 859 18.56 -25.91 -20.74
C ILE B 859 18.34 -24.39 -20.59
N PRO B 860 17.06 -23.92 -20.57
CA PRO B 860 16.81 -22.47 -20.54
C PRO B 860 16.69 -21.81 -19.18
N TYR B 861 16.70 -20.49 -19.20
CA TYR B 861 16.49 -19.62 -18.06
C TYR B 861 15.11 -19.04 -18.25
N LEU B 862 14.57 -18.41 -17.20
CA LEU B 862 13.30 -17.68 -17.27
C LEU B 862 13.63 -16.44 -18.11
N GLY B 863 12.61 -15.71 -18.54
CA GLY B 863 12.86 -14.47 -19.26
C GLY B 863 13.56 -13.51 -18.33
N LYS B 864 14.46 -12.67 -18.87
CA LYS B 864 15.27 -11.73 -18.08
C LYS B 864 14.43 -10.89 -17.11
N ARG B 865 13.24 -10.42 -17.52
CA ARG B 865 12.35 -9.61 -16.66
C ARG B 865 11.57 -10.47 -15.66
N GLU B 866 11.30 -11.75 -16.00
CA GLU B 866 10.66 -12.73 -15.13
C GLU B 866 11.62 -13.01 -13.97
N ASP B 867 12.92 -13.25 -14.31
CA ASP B 867 14.05 -13.49 -13.40
C ASP B 867 14.29 -12.26 -12.52
N GLN B 868 14.25 -11.06 -13.11
CA GLN B 868 14.46 -9.79 -12.40
C GLN B 868 13.34 -9.56 -11.38
N TRP B 869 12.11 -9.99 -11.71
CA TRP B 869 10.93 -9.85 -10.85
C TRP B 869 11.05 -10.73 -9.62
N CYS B 870 11.56 -11.97 -9.80
CA CYS B 870 11.73 -12.92 -8.71
C CYS B 870 13.08 -12.78 -7.95
N GLY B 871 13.67 -11.58 -7.96
CA GLY B 871 14.87 -11.28 -7.17
C GLY B 871 16.25 -11.28 -7.81
N SER B 872 16.36 -11.50 -9.14
CA SER B 872 17.66 -11.55 -9.81
C SER B 872 18.37 -10.24 -9.84
N LEU B 873 19.70 -10.30 -9.76
CA LEU B 873 20.54 -9.12 -9.83
C LEU B 873 21.04 -8.89 -11.26
N ILE B 874 20.64 -9.75 -12.23
CA ILE B 874 20.97 -9.58 -13.66
C ILE B 874 20.56 -8.17 -14.13
N GLY B 875 21.48 -7.47 -14.79
CA GLY B 875 21.20 -6.10 -15.24
C GLY B 875 21.84 -5.05 -14.37
N LEU B 876 22.46 -5.48 -13.26
CA LEU B 876 23.18 -4.61 -12.34
C LEU B 876 24.67 -4.76 -12.66
N THR B 877 25.42 -3.64 -12.65
CA THR B 877 26.85 -3.63 -12.91
C THR B 877 27.63 -4.46 -11.85
N SER B 878 27.20 -4.40 -10.58
CA SER B 878 27.80 -5.13 -9.45
C SER B 878 27.78 -6.65 -9.69
N ARG B 879 26.65 -7.15 -10.25
CA ARG B 879 26.41 -8.55 -10.61
C ARG B 879 27.27 -8.93 -11.83
N ALA B 880 27.45 -7.98 -12.77
CA ALA B 880 28.26 -8.14 -13.99
C ALA B 880 29.73 -8.27 -13.60
N THR B 881 30.22 -7.40 -12.68
CA THR B 881 31.57 -7.43 -12.10
C THR B 881 31.80 -8.80 -11.41
N TRP B 882 30.79 -9.29 -10.63
CA TRP B 882 30.80 -10.57 -9.92
C TRP B 882 30.95 -11.74 -10.90
N ALA B 883 30.15 -11.76 -11.97
CA ALA B 883 30.14 -12.81 -12.98
C ALA B 883 31.46 -12.86 -13.76
N LYS B 884 32.00 -11.68 -14.13
CA LYS B 884 33.22 -11.48 -14.89
C LYS B 884 34.45 -11.97 -14.12
N ASN B 885 34.46 -11.73 -12.80
CA ASN B 885 35.56 -12.05 -11.90
C ASN B 885 35.32 -13.25 -11.00
N ILE B 886 34.37 -14.15 -11.35
CA ILE B 886 34.01 -15.32 -10.53
C ILE B 886 35.20 -16.29 -10.29
N GLN B 887 36.17 -16.39 -11.25
CA GLN B 887 37.33 -17.27 -11.09
C GLN B 887 38.23 -16.84 -9.94
N THR B 888 38.27 -15.53 -9.61
CA THR B 888 39.02 -14.99 -8.49
C THR B 888 38.42 -15.50 -7.18
N ALA B 889 37.08 -15.46 -7.07
CA ALA B 889 36.35 -15.93 -5.89
C ALA B 889 36.41 -17.46 -5.76
N ILE B 890 36.38 -18.21 -6.88
CA ILE B 890 36.49 -19.69 -6.93
C ILE B 890 37.88 -20.11 -6.40
N ASN B 891 38.94 -19.39 -6.84
CA ASN B 891 40.34 -19.61 -6.42
C ASN B 891 40.55 -19.30 -4.93
N GLN B 892 39.89 -18.23 -4.41
CA GLN B 892 39.93 -17.81 -3.00
C GLN B 892 39.43 -18.94 -2.08
N VAL B 893 38.28 -19.57 -2.43
CA VAL B 893 37.70 -20.71 -1.71
C VAL B 893 38.61 -21.95 -1.87
N ARG B 894 39.11 -22.21 -3.10
CA ARG B 894 40.04 -23.33 -3.42
C ARG B 894 41.32 -23.28 -2.52
N SER B 895 41.83 -22.05 -2.28
CA SER B 895 42.99 -21.78 -1.42
C SER B 895 42.67 -22.12 0.04
N LEU B 896 41.51 -21.64 0.58
CA LEU B 896 41.09 -21.91 1.95
C LEU B 896 40.86 -23.37 2.25
N ILE B 897 40.26 -24.11 1.28
CA ILE B 897 40.01 -25.55 1.39
C ILE B 897 41.35 -26.28 1.30
N GLY B 898 42.25 -25.74 0.47
CA GLY B 898 43.59 -26.27 0.23
C GLY B 898 43.72 -26.96 -1.11
N ASN B 899 44.95 -27.34 -1.46
CA ASN B 899 45.27 -28.04 -2.70
C ASN B 899 44.63 -29.45 -2.76
N GLU B 900 43.57 -29.54 -3.56
CA GLU B 900 42.78 -30.74 -3.79
C GLU B 900 42.40 -30.83 -5.28
N GLU B 901 41.76 -31.95 -5.71
CA GLU B 901 41.29 -32.18 -7.09
C GLU B 901 39.99 -31.35 -7.32
N TYR B 902 40.08 -30.32 -8.21
CA TYR B 902 38.99 -29.42 -8.58
C TYR B 902 38.69 -29.47 -10.08
N THR B 903 37.39 -29.46 -10.44
CA THR B 903 36.91 -29.39 -11.83
C THR B 903 36.41 -27.95 -12.09
N ASP B 904 36.42 -27.50 -13.36
CA ASP B 904 35.86 -26.21 -13.69
C ASP B 904 34.54 -26.48 -14.41
N TYR B 905 33.43 -25.95 -13.85
CA TYR B 905 32.10 -26.10 -14.43
C TYR B 905 31.64 -24.83 -15.15
N MET B 906 32.47 -23.76 -15.06
CA MET B 906 32.23 -22.48 -15.71
C MET B 906 32.33 -22.57 -17.26
N SAM C . -22.34 -2.90 -22.27
CA SAM C . -20.93 -2.83 -22.69
C SAM C . -20.67 -1.97 -23.96
O SAM C . -21.67 -1.78 -24.69
OXT SAM C . -19.50 -1.54 -24.17
CB SAM C . -20.38 -4.22 -22.98
CG SAM C . -20.17 -4.87 -21.59
SD SAM C . -19.05 -6.25 -21.60
CE SAM C . -20.00 -7.57 -22.25
C5' SAM C . -19.01 -6.65 -19.83
C4' SAM C . -17.94 -5.87 -19.04
O4' SAM C . -18.08 -6.16 -17.64
C3' SAM C . -16.50 -6.21 -19.43
O3' SAM C . -15.85 -5.14 -20.12
C2' SAM C . -15.84 -6.63 -18.11
O2' SAM C . -14.54 -6.08 -17.95
C1' SAM C . -16.79 -6.05 -17.07
N9 SAM C . -16.80 -6.71 -15.76
C8 SAM C . -16.66 -8.06 -15.50
N7 SAM C . -16.78 -8.37 -14.24
C5 SAM C . -16.99 -7.14 -13.61
C6 SAM C . -17.20 -6.78 -12.26
N6 SAM C . -17.22 -7.66 -11.25
N1 SAM C . -17.40 -5.48 -11.98
C2 SAM C . -17.41 -4.60 -12.98
N3 SAM C . -17.22 -4.82 -14.29
C4 SAM C . -17.00 -6.12 -14.54
C1 GOL D . -7.60 30.75 -12.95
O1 GOL D . -7.21 29.41 -13.23
C2 GOL D . -6.42 31.69 -13.06
O2 GOL D . -6.00 31.78 -14.43
C3 GOL D . -6.77 33.07 -12.54
O3 GOL D . -8.17 33.29 -12.52
ZN ZN E . 16.12 14.12 -5.12
ZN ZN F . -14.46 46.72 -16.91
C1 EDO G . -44.55 -6.94 -16.47
O1 EDO G . -44.17 -7.68 -17.62
C2 EDO G . -44.78 -5.48 -16.91
O2 EDO G . -45.56 -5.46 -18.10
N SAM H . 9.45 4.89 29.91
CA SAM H . 10.37 4.43 28.86
C SAM H . 11.49 3.42 29.32
O SAM H . 12.18 2.80 28.47
OXT SAM H . 11.59 3.28 30.56
CB SAM H . 11.07 5.64 28.26
CG SAM H . 10.03 6.41 27.40
SD SAM H . 10.86 7.60 26.39
CE SAM H . 11.09 9.03 27.38
C5' SAM H . 9.46 8.07 25.33
C4' SAM H . 9.23 7.14 24.12
O4' SAM H . 8.02 7.50 23.45
C3' SAM H . 10.34 7.08 23.06
O3' SAM H . 10.88 5.77 22.93
C2' SAM H . 9.65 7.59 21.78
O2' SAM H . 10.10 6.92 20.62
C1' SAM H . 8.19 7.24 22.07
N9 SAM H . 7.19 8.00 21.31
C8 SAM H . 7.18 9.34 21.04
N7 SAM H . 6.13 9.74 20.39
C5 SAM H . 5.38 8.59 20.22
C6 SAM H . 4.13 8.34 19.62
N6 SAM H . 3.38 9.30 19.06
N1 SAM H . 3.64 7.08 19.65
C2 SAM H . 4.37 6.13 20.25
N3 SAM H . 5.57 6.24 20.85
C4 SAM H . 6.02 7.50 20.79
C1 GOL I . 2.10 -29.82 16.37
O1 GOL I . 2.28 -28.53 15.79
C2 GOL I . 2.67 -30.88 15.43
O2 GOL I . 4.00 -30.52 15.06
C3 GOL I . 2.70 -32.21 16.15
O3 GOL I . 1.39 -32.78 16.17
MG MG J . -1.01 -21.68 1.11
MG MG K . -0.14 -19.37 0.48
ZN ZN L . 0.05 -44.88 25.63
ZN ZN M . 9.59 -16.87 -10.00
C1 EDO N . 5.79 27.30 45.96
O1 EDO N . 5.49 26.31 46.95
C2 EDO N . 4.81 28.52 46.02
O2 EDO N . 5.01 29.50 45.00
#